data_8XAA
#
_entry.id   8XAA
#
_cell.length_a   79.489
_cell.length_b   92.926
_cell.length_c   119.354
_cell.angle_alpha   104.10
_cell.angle_beta   106.24
_cell.angle_gamma   94.18
#
_symmetry.space_group_name_H-M   'P 1'
#
loop_
_entity.id
_entity.type
_entity.pdbx_description
1 polymer 'Nucleosome Assembly Protein'
2 polymer 'Histone H2A'
3 polymer 'Histone H2B 1.1'
#
loop_
_entity_poly.entity_id
_entity_poly.type
_entity_poly.pdbx_seq_one_letter_code
_entity_poly.pdbx_strand_id
1 'polypeptide(L)'
;MGSSHHHHHHSSGENLYFQHMGLLSTNFDMIQALPLNVKQRVCALKNLQMKTIQIESDFYKRVHELEIEFEGKFKSTFDQ
RKAIVAGEVEPTKEQIDTPILEGLEGDQLAELYKAAEADPSAKGIKDFWLTALRTHDLVAEAIEEHDVPILSYLTDVTTA
ASKDPAGFKIEFHFATNPYFKNQVLTKTYLLGFDPDAEAPLQFDGPHVIRAVGDTIEWEDGKNVTKKAVKKKQKKGANAG
KFLTKTVKADSFFNFFEPPKSKDERNEDEDDEQAEEFLELDYEMGQAIRDTIIPRAVLFYTGELQSDD
;
A,B,E,F,C,D,G,H
2 'polypeptide(L)'
;AKTRSSRAGLQFPVGRVHRLLRKGNYAERVGAGAPVYLAAVLEYLTAEILELAGNAARDNKKTRIIPRHLQLAVRNDEEL
NKLLGRVTIAQG
;
I,K
3 'polypeptide(L)'
;KKRRKSRKESYAIYVYKVLKQVHPDTGISSKAMSIMNSFVNDVFERIAGEASRLAHYNKRSTITSREIQTAVRLLLPGEL
AKHAVSEGTKAVTKYTSAK
;
J,L
#
# COMPACT_ATOMS: atom_id res chain seq x y z
N LEU A 24 10.05 -17.33 18.40
CA LEU A 24 11.46 -16.98 18.32
C LEU A 24 11.90 -16.21 19.56
N SER A 25 11.12 -16.34 20.64
CA SER A 25 11.35 -15.60 21.87
C SER A 25 12.31 -16.33 22.80
N THR A 26 13.59 -16.39 22.41
CA THR A 26 14.63 -16.91 23.29
C THR A 26 14.51 -16.19 24.63
N ASN A 27 14.97 -16.79 25.73
CA ASN A 27 14.89 -16.17 27.05
C ASN A 27 13.43 -15.80 27.35
N PHE A 28 12.51 -16.70 27.03
CA PHE A 28 11.10 -16.44 27.29
C PHE A 28 10.77 -16.61 28.75
N ASP A 29 11.32 -17.66 29.38
CA ASP A 29 11.06 -17.90 30.79
C ASP A 29 11.49 -16.72 31.64
N MET A 30 12.59 -16.07 31.27
CA MET A 30 13.00 -14.86 31.96
C MET A 30 11.94 -13.77 31.83
N ILE A 31 11.44 -13.54 30.61
CA ILE A 31 10.45 -12.50 30.41
C ILE A 31 9.18 -12.80 31.21
N GLN A 32 8.85 -14.08 31.33
CA GLN A 32 7.73 -14.49 32.17
C GLN A 32 8.01 -14.18 33.64
N ALA A 33 9.23 -14.43 34.09
CA ALA A 33 9.56 -14.22 35.50
C ALA A 33 9.72 -12.75 35.87
N LEU A 34 9.87 -11.87 34.89
CA LEU A 34 10.01 -10.45 35.21
C LEU A 34 8.74 -9.92 35.87
N PRO A 35 8.86 -9.18 36.97
CA PRO A 35 7.69 -8.52 37.54
C PRO A 35 7.11 -7.53 36.54
N LEU A 36 5.77 -7.51 36.44
CA LEU A 36 5.04 -6.54 35.64
C LEU A 36 5.69 -5.15 35.69
N ASN A 37 6.27 -4.81 36.84
CA ASN A 37 7.01 -3.56 36.98
C ASN A 37 8.15 -3.47 35.96
N VAL A 38 8.99 -4.51 35.90
CA VAL A 38 10.07 -4.53 34.92
C VAL A 38 9.54 -4.82 33.52
N LYS A 39 8.40 -5.52 33.42
CA LYS A 39 7.83 -5.83 32.11
C LYS A 39 7.41 -4.57 31.38
N GLN A 40 6.84 -3.60 32.11
CA GLN A 40 6.46 -2.35 31.45
C GLN A 40 7.68 -1.57 30.99
N ARG A 41 8.78 -1.64 31.73
CA ARG A 41 10.02 -1.01 31.25
C ARG A 41 10.53 -1.69 29.98
N VAL A 42 10.48 -3.02 29.92
CA VAL A 42 10.91 -3.72 28.71
C VAL A 42 10.04 -3.34 27.52
N CYS A 43 8.72 -3.26 27.72
CA CYS A 43 7.83 -2.85 26.63
C CYS A 43 8.11 -1.41 26.20
N ALA A 44 8.40 -0.52 27.14
CA ALA A 44 8.82 0.83 26.79
C ALA A 44 10.06 0.80 25.92
N LEU A 45 11.02 -0.08 26.25
CA LEU A 45 12.20 -0.24 25.41
C LEU A 45 11.83 -0.73 24.03
N LYS A 46 10.80 -1.58 23.91
CA LYS A 46 10.35 -2.02 22.59
C LYS A 46 9.82 -0.83 21.78
N ASN A 47 9.07 0.06 22.43
CA ASN A 47 8.59 1.27 21.75
C ASN A 47 9.77 2.12 21.26
N LEU A 48 10.77 2.30 22.13
CA LEU A 48 11.97 3.03 21.74
C LEU A 48 12.69 2.33 20.59
N GLN A 49 12.63 0.99 20.56
CA GLN A 49 13.18 0.24 19.45
C GLN A 49 12.46 0.58 18.15
N MET A 50 11.13 0.74 18.23
CA MET A 50 10.37 1.17 17.06
C MET A 50 10.86 2.52 16.55
N LYS A 51 11.10 3.46 17.47
CA LYS A 51 11.62 4.77 17.05
C LYS A 51 12.99 4.65 16.39
N THR A 52 13.88 3.83 16.96
CA THR A 52 15.17 3.59 16.35
C THR A 52 15.02 2.99 14.95
N ILE A 53 14.04 2.10 14.79
CA ILE A 53 13.77 1.49 13.48
C ILE A 53 13.36 2.55 12.48
N GLN A 54 12.54 3.52 12.89
CA GLN A 54 12.14 4.59 11.97
C GLN A 54 13.35 5.39 11.51
N ILE A 55 14.24 5.72 12.44
CA ILE A 55 15.46 6.44 12.05
C ILE A 55 16.30 5.58 11.10
N GLU A 56 16.34 4.28 11.34
CA GLU A 56 17.05 3.37 10.43
C GLU A 56 16.43 3.42 9.03
N SER A 57 15.11 3.50 8.96
CA SER A 57 14.43 3.60 7.67
C SER A 57 14.89 4.84 6.91
N ASP A 58 14.98 5.98 7.60
CA ASP A 58 15.50 7.18 6.94
C ASP A 58 16.94 6.98 6.47
N PHE A 59 17.76 6.32 7.30
CA PHE A 59 19.13 6.02 6.91
C PHE A 59 19.17 5.21 5.61
N TYR A 60 18.34 4.17 5.53
CA TYR A 60 18.34 3.31 4.35
C TYR A 60 17.85 4.07 3.11
N LYS A 61 16.90 4.99 3.27
CA LYS A 61 16.50 5.84 2.15
C LYS A 61 17.70 6.64 1.62
N ARG A 62 18.47 7.22 2.55
CA ARG A 62 19.65 7.97 2.11
C ARG A 62 20.67 7.07 1.43
N VAL A 63 20.84 5.84 1.94
CA VAL A 63 21.79 4.90 1.32
C VAL A 63 21.34 4.57 -0.09
N HIS A 64 20.04 4.41 -0.30
CA HIS A 64 19.52 4.15 -1.64
C HIS A 64 19.84 5.30 -2.58
N GLU A 65 19.64 6.54 -2.12
CA GLU A 65 20.00 7.69 -2.95
C GLU A 65 21.50 7.70 -3.27
N LEU A 66 22.32 7.27 -2.31
CA LEU A 66 23.77 7.18 -2.56
C LEU A 66 24.09 6.16 -3.65
N GLU A 67 23.42 5.01 -3.63
CA GLU A 67 23.61 4.03 -4.70
C GLU A 67 23.20 4.60 -6.06
N ILE A 68 22.05 5.29 -6.11
CA ILE A 68 21.62 5.90 -7.35
C ILE A 68 22.68 6.89 -7.85
N GLU A 69 23.29 7.62 -6.92
CA GLU A 69 24.35 8.56 -7.28
C GLU A 69 25.56 7.83 -7.89
N PHE A 70 25.94 6.69 -7.29
CA PHE A 70 27.12 5.96 -7.76
C PHE A 70 26.89 5.14 -9.02
N GLU A 71 25.63 5.00 -9.45
CA GLU A 71 25.35 4.30 -10.70
C GLU A 71 26.20 4.82 -11.86
N GLY A 72 26.28 6.15 -12.00
CA GLY A 72 27.06 6.73 -13.08
C GLY A 72 28.53 6.43 -12.95
N LYS A 73 29.05 6.41 -11.73
CA LYS A 73 30.46 6.09 -11.52
C LYS A 73 30.77 4.66 -11.96
N PHE A 74 29.86 3.74 -11.68
CA PHE A 74 30.05 2.35 -12.12
C PHE A 74 29.82 2.15 -13.61
N LYS A 75 29.08 3.05 -14.25
CA LYS A 75 28.67 2.87 -15.65
C LYS A 75 29.86 2.65 -16.59
N SER A 76 30.92 3.45 -16.44
CA SER A 76 32.03 3.37 -17.40
C SER A 76 32.67 1.99 -17.38
N THR A 77 33.00 1.50 -16.19
CA THR A 77 33.63 0.18 -16.09
C THR A 77 32.69 -0.92 -16.56
N PHE A 78 31.40 -0.82 -16.22
CA PHE A 78 30.47 -1.86 -16.67
C PHE A 78 30.31 -1.86 -18.18
N ASP A 79 30.29 -0.68 -18.79
CA ASP A 79 30.18 -0.59 -20.25
C ASP A 79 31.43 -1.13 -20.93
N GLN A 80 32.61 -0.85 -20.37
CA GLN A 80 33.83 -1.41 -20.92
C GLN A 80 33.82 -2.93 -20.84
N ARG A 81 33.33 -3.47 -19.71
CA ARG A 81 33.18 -4.91 -19.59
C ARG A 81 32.25 -5.46 -20.66
N LYS A 82 31.09 -4.81 -20.85
CA LYS A 82 30.15 -5.27 -21.86
C LYS A 82 30.79 -5.27 -23.25
N ALA A 83 31.55 -4.23 -23.57
CA ALA A 83 32.21 -4.15 -24.87
C ALA A 83 33.21 -5.28 -25.04
N ILE A 84 34.00 -5.56 -23.99
CA ILE A 84 35.00 -6.63 -24.09
C ILE A 84 34.33 -7.99 -24.26
N VAL A 85 33.25 -8.24 -23.49
CA VAL A 85 32.57 -9.52 -23.55
C VAL A 85 32.00 -9.75 -24.95
N ALA A 86 31.49 -8.70 -25.58
CA ALA A 86 30.91 -8.83 -26.91
C ALA A 86 31.95 -8.78 -28.02
N GLY A 87 33.23 -8.70 -27.69
CA GLY A 87 34.27 -8.65 -28.69
C GLY A 87 34.32 -7.36 -29.48
N GLU A 88 33.67 -6.31 -28.99
CA GLU A 88 33.67 -5.04 -29.71
C GLU A 88 35.02 -4.36 -29.61
N VAL A 89 35.72 -4.51 -28.48
CA VAL A 89 37.05 -3.94 -28.30
C VAL A 89 38.01 -5.06 -27.89
N GLU A 90 39.29 -4.85 -28.17
CA GLU A 90 40.33 -5.82 -27.86
C GLU A 90 41.13 -5.38 -26.64
N PRO A 91 41.66 -6.33 -25.86
CA PRO A 91 42.38 -5.96 -24.64
C PRO A 91 43.67 -5.19 -24.95
N THR A 92 44.02 -4.29 -24.03
CA THR A 92 45.23 -3.50 -24.13
C THR A 92 46.37 -4.18 -23.37
N LYS A 93 47.57 -3.61 -23.51
CA LYS A 93 48.74 -4.18 -22.88
C LYS A 93 48.59 -4.23 -21.36
N GLU A 94 48.07 -3.15 -20.76
CA GLU A 94 47.81 -3.16 -19.33
C GLU A 94 46.81 -4.23 -18.96
N GLN A 95 45.76 -4.39 -19.76
CA GLN A 95 44.77 -5.42 -19.51
C GLN A 95 45.36 -6.82 -19.65
N ILE A 96 46.23 -7.02 -20.63
CA ILE A 96 46.84 -8.33 -20.85
C ILE A 96 47.77 -8.70 -19.69
N ASP A 97 48.49 -7.72 -19.14
CA ASP A 97 49.41 -8.00 -18.04
C ASP A 97 48.72 -8.06 -16.70
N THR A 98 47.43 -8.35 -16.67
CA THR A 98 46.69 -8.61 -15.45
C THR A 98 46.44 -10.10 -15.33
N PRO A 99 46.82 -10.71 -14.21
CA PRO A 99 46.61 -12.17 -14.07
C PRO A 99 45.14 -12.54 -14.17
N ILE A 100 44.86 -13.53 -15.02
CA ILE A 100 43.47 -14.00 -15.18
C ILE A 100 42.98 -14.64 -13.89
N LEU A 101 43.87 -15.30 -13.15
CA LEU A 101 43.53 -15.92 -11.87
C LEU A 101 44.45 -15.36 -10.81
N GLU A 102 43.89 -14.57 -9.90
CA GLU A 102 44.69 -13.95 -8.86
C GLU A 102 45.21 -15.00 -7.89
N GLY A 103 46.49 -14.90 -7.54
CA GLY A 103 47.12 -15.82 -6.62
C GLY A 103 47.85 -16.98 -7.24
N LEU A 104 48.00 -17.01 -8.56
CA LEU A 104 48.70 -18.10 -9.22
C LEU A 104 50.21 -17.91 -9.14
N GLU A 105 50.93 -19.01 -8.95
CA GLU A 105 52.37 -19.00 -9.12
C GLU A 105 52.71 -18.72 -10.58
N GLY A 106 53.81 -18.01 -10.81
CA GLY A 106 54.18 -17.65 -12.17
C GLY A 106 54.38 -18.84 -13.06
N ASP A 107 55.01 -19.90 -12.53
CA ASP A 107 55.18 -21.14 -13.29
C ASP A 107 53.85 -21.79 -13.63
N GLN A 108 52.77 -21.43 -12.92
CA GLN A 108 51.44 -21.89 -13.26
C GLN A 108 50.71 -20.90 -14.17
N LEU A 109 50.90 -19.60 -13.96
CA LEU A 109 50.27 -18.61 -14.82
C LEU A 109 50.75 -18.74 -16.27
N ALA A 110 52.06 -18.92 -16.46
CA ALA A 110 52.58 -19.10 -17.82
C ALA A 110 52.02 -20.37 -18.45
N GLU A 111 51.96 -21.45 -17.68
CA GLU A 111 51.40 -22.70 -18.18
C GLU A 111 49.94 -22.53 -18.56
N LEU A 112 49.17 -21.81 -17.73
CA LEU A 112 47.76 -21.58 -18.03
C LEU A 112 47.59 -20.78 -19.31
N TYR A 113 48.41 -19.74 -19.49
CA TYR A 113 48.33 -18.95 -20.72
C TYR A 113 48.71 -19.78 -21.95
N LYS A 114 49.69 -20.68 -21.81
CA LYS A 114 50.13 -21.51 -22.91
C LYS A 114 49.41 -22.85 -22.97
N ALA A 115 48.32 -23.02 -22.21
CA ALA A 115 47.61 -24.29 -22.22
C ALA A 115 46.62 -24.40 -23.37
N ALA A 116 46.18 -23.28 -23.92
CA ALA A 116 45.30 -23.28 -25.07
C ALA A 116 45.79 -22.24 -26.06
N GLU A 117 45.62 -22.54 -27.35
CA GLU A 117 46.06 -21.65 -28.41
C GLU A 117 44.88 -20.78 -28.85
N ALA A 118 45.19 -19.56 -29.29
CA ALA A 118 44.15 -18.60 -29.60
C ALA A 118 43.36 -19.02 -30.83
N ASP A 119 42.03 -19.01 -30.71
CA ASP A 119 41.14 -19.33 -31.82
C ASP A 119 40.53 -18.04 -32.35
N PRO A 120 40.74 -17.69 -33.62
CA PRO A 120 40.21 -16.42 -34.12
C PRO A 120 38.70 -16.41 -34.29
N SER A 121 38.05 -17.58 -34.42
CA SER A 121 36.60 -17.60 -34.58
C SER A 121 35.89 -17.06 -33.35
N ALA A 122 36.39 -17.38 -32.17
CA ALA A 122 35.78 -16.94 -30.92
C ALA A 122 35.90 -15.43 -30.79
N LYS A 123 34.80 -14.73 -31.05
CA LYS A 123 34.74 -13.27 -30.93
C LYS A 123 34.00 -12.94 -29.65
N GLY A 124 34.74 -12.53 -28.63
CA GLY A 124 34.16 -12.25 -27.33
C GLY A 124 34.20 -13.44 -26.41
N ILE A 125 33.56 -13.27 -25.26
CA ILE A 125 33.51 -14.28 -24.22
C ILE A 125 32.12 -14.91 -24.25
N LYS A 126 32.03 -16.17 -24.71
CA LYS A 126 30.74 -16.80 -24.88
C LYS A 126 30.23 -17.37 -23.57
N ASP A 127 28.90 -17.33 -23.41
CA ASP A 127 28.21 -17.78 -22.21
C ASP A 127 28.77 -17.09 -20.96
N PHE A 128 29.24 -15.85 -21.11
CA PHE A 128 29.83 -15.14 -19.99
C PHE A 128 28.81 -14.94 -18.88
N TRP A 129 27.68 -14.33 -19.21
CA TRP A 129 26.64 -14.08 -18.21
C TRP A 129 25.98 -15.38 -17.77
N LEU A 130 25.85 -16.35 -18.68
CA LEU A 130 25.39 -17.67 -18.28
C LEU A 130 26.27 -18.25 -17.19
N THR A 131 27.59 -18.21 -17.40
CA THR A 131 28.52 -18.75 -16.42
C THR A 131 28.45 -17.99 -15.10
N ALA A 132 28.41 -16.65 -15.17
CA ALA A 132 28.36 -15.84 -13.96
C ALA A 132 27.09 -16.13 -13.15
N LEU A 133 25.94 -16.19 -13.83
CA LEU A 133 24.69 -16.48 -13.13
C LEU A 133 24.68 -17.88 -12.55
N ARG A 134 25.19 -18.87 -13.28
CA ARG A 134 25.15 -20.24 -12.79
C ARG A 134 26.21 -20.53 -11.72
N THR A 135 27.22 -19.68 -11.57
CA THR A 135 28.17 -19.90 -10.47
C THR A 135 27.61 -19.47 -9.12
N HIS A 136 26.73 -18.49 -9.09
CA HIS A 136 26.06 -18.11 -7.83
C HIS A 136 25.06 -19.19 -7.45
N ASP A 137 25.11 -19.62 -6.18
CA ASP A 137 24.35 -20.79 -5.74
C ASP A 137 22.85 -20.58 -5.91
N LEU A 138 22.34 -19.46 -5.38
CA LEU A 138 20.90 -19.19 -5.44
C LEU A 138 20.42 -19.17 -6.89
N VAL A 139 21.11 -18.42 -7.74
CA VAL A 139 20.75 -18.37 -9.15
C VAL A 139 20.98 -19.73 -9.81
N ALA A 140 22.03 -20.45 -9.39
CA ALA A 140 22.30 -21.76 -9.97
C ALA A 140 21.11 -22.71 -9.79
N GLU A 141 20.46 -22.65 -8.63
CA GLU A 141 19.29 -23.49 -8.42
C GLU A 141 18.14 -23.16 -9.38
N ALA A 142 18.14 -21.98 -9.97
CA ALA A 142 17.07 -21.59 -10.89
C ALA A 142 17.35 -21.97 -12.34
N ILE A 143 18.60 -22.07 -12.76
CA ILE A 143 18.93 -22.34 -14.16
C ILE A 143 18.77 -23.82 -14.46
N GLU A 144 17.86 -24.16 -15.36
CA GLU A 144 17.73 -25.52 -15.84
C GLU A 144 18.46 -25.66 -17.18
N GLU A 145 18.59 -26.90 -17.63
CA GLU A 145 19.37 -27.14 -18.85
C GLU A 145 18.70 -26.52 -20.05
N HIS A 146 17.37 -26.60 -20.14
CA HIS A 146 16.71 -25.99 -21.29
C HIS A 146 16.79 -24.46 -21.24
N ASP A 147 17.17 -23.89 -20.10
CA ASP A 147 17.39 -22.44 -20.03
C ASP A 147 18.78 -22.04 -20.49
N VAL A 148 19.71 -22.99 -20.58
CA VAL A 148 21.10 -22.65 -20.92
C VAL A 148 21.24 -22.06 -22.32
N PRO A 149 20.75 -22.68 -23.40
CA PRO A 149 20.94 -22.08 -24.73
C PRO A 149 20.31 -20.71 -24.87
N ILE A 150 19.20 -20.45 -24.18
CA ILE A 150 18.62 -19.11 -24.22
C ILE A 150 19.54 -18.12 -23.52
N LEU A 151 20.08 -18.51 -22.36
CA LEU A 151 20.98 -17.64 -21.62
C LEU A 151 22.32 -17.44 -22.31
N SER A 152 22.65 -18.26 -23.31
CA SER A 152 23.83 -18.00 -24.12
C SER A 152 23.71 -16.74 -24.96
N TYR A 153 22.51 -16.18 -25.10
CA TYR A 153 22.31 -14.98 -25.88
C TYR A 153 22.37 -13.72 -25.03
N LEU A 154 22.68 -13.86 -23.74
CA LEU A 154 22.70 -12.75 -22.80
C LEU A 154 23.94 -11.89 -23.07
N THR A 155 23.74 -10.76 -23.74
CA THR A 155 24.84 -9.85 -24.04
C THR A 155 25.28 -9.05 -22.80
N ASP A 156 24.32 -8.58 -22.01
CA ASP A 156 24.66 -7.81 -20.82
C ASP A 156 23.54 -7.92 -19.79
N VAL A 157 23.91 -7.73 -18.53
CA VAL A 157 22.96 -7.64 -17.42
C VAL A 157 23.26 -6.35 -16.67
N THR A 158 22.28 -5.45 -16.61
CA THR A 158 22.43 -4.14 -16.00
C THR A 158 21.36 -3.94 -14.95
N THR A 159 21.65 -3.07 -13.99
CA THR A 159 20.69 -2.74 -12.94
C THR A 159 20.71 -1.24 -12.68
N ALA A 160 19.56 -0.71 -12.26
CA ALA A 160 19.43 0.71 -11.96
C ALA A 160 18.32 0.90 -10.93
N ALA A 161 18.51 1.88 -10.05
CA ALA A 161 17.61 2.10 -8.93
C ALA A 161 16.80 3.38 -9.12
N SER A 162 15.55 3.33 -8.69
CA SER A 162 14.64 4.47 -8.76
C SER A 162 14.26 4.94 -7.36
N LYS A 163 13.97 6.24 -7.25
CA LYS A 163 13.50 6.86 -6.02
C LYS A 163 12.02 7.20 -6.06
N ASP A 164 11.55 7.74 -7.18
CA ASP A 164 10.16 8.18 -7.28
C ASP A 164 9.16 7.04 -7.17
N PRO A 165 9.27 5.93 -7.92
CA PRO A 165 8.50 4.73 -7.56
C PRO A 165 9.12 3.94 -6.41
N ALA A 166 10.30 4.33 -5.93
CA ALA A 166 10.97 3.65 -4.82
C ALA A 166 11.23 2.18 -5.12
N GLY A 167 12.24 1.89 -5.93
CA GLY A 167 12.55 0.51 -6.24
C GLY A 167 13.81 0.38 -7.06
N PHE A 168 13.94 -0.75 -7.73
CA PHE A 168 15.08 -0.94 -8.63
C PHE A 168 14.70 -1.95 -9.70
N LYS A 169 15.57 -2.07 -10.71
CA LYS A 169 15.29 -2.94 -11.84
C LYS A 169 16.57 -3.66 -12.24
N ILE A 170 16.38 -4.83 -12.83
CA ILE A 170 17.45 -5.62 -13.44
C ILE A 170 17.06 -5.86 -14.89
N GLU A 171 17.95 -5.50 -15.81
CA GLU A 171 17.71 -5.63 -17.23
C GLU A 171 18.63 -6.70 -17.80
N PHE A 172 18.03 -7.75 -18.36
CA PHE A 172 18.76 -8.80 -19.07
C PHE A 172 18.69 -8.46 -20.55
N HIS A 173 19.80 -7.99 -21.10
CA HIS A 173 19.89 -7.64 -22.51
C HIS A 173 20.18 -8.90 -23.31
N PHE A 174 19.22 -9.33 -24.12
CA PHE A 174 19.39 -10.49 -24.98
C PHE A 174 19.63 -10.03 -26.41
N ALA A 175 20.19 -10.92 -27.21
CA ALA A 175 20.39 -10.65 -28.62
C ALA A 175 19.25 -11.27 -29.41
N THR A 176 19.32 -11.13 -30.73
CA THR A 176 18.33 -11.75 -31.61
C THR A 176 18.47 -13.27 -31.54
N ASN A 177 17.50 -13.92 -30.90
CA ASN A 177 17.53 -15.33 -30.59
C ASN A 177 16.30 -16.03 -31.12
N PRO A 178 16.39 -17.34 -31.39
CA PRO A 178 15.22 -18.08 -31.87
C PRO A 178 14.29 -18.51 -30.77
N TYR A 179 14.38 -17.89 -29.60
CA TYR A 179 13.54 -18.23 -28.46
C TYR A 179 12.50 -17.16 -28.14
N PHE A 180 12.86 -15.88 -28.23
CA PHE A 180 11.86 -14.83 -28.07
C PHE A 180 12.30 -13.59 -28.84
N LYS A 181 11.34 -12.73 -29.12
CA LYS A 181 11.57 -11.48 -29.84
C LYS A 181 11.92 -10.32 -28.92
N ASN A 182 11.84 -10.52 -27.60
CA ASN A 182 12.13 -9.45 -26.66
C ASN A 182 13.58 -9.01 -26.80
N GLN A 183 13.79 -7.70 -26.96
CA GLN A 183 15.14 -7.17 -27.01
C GLN A 183 15.75 -7.10 -25.62
N VAL A 184 14.95 -6.75 -24.61
CA VAL A 184 15.41 -6.65 -23.23
C VAL A 184 14.33 -7.23 -22.32
N LEU A 185 14.74 -8.07 -21.37
CA LEU A 185 13.82 -8.58 -20.36
C LEU A 185 14.08 -7.85 -19.06
N THR A 186 13.06 -7.15 -18.56
CA THR A 186 13.20 -6.28 -17.40
C THR A 186 12.44 -6.83 -16.20
N LYS A 187 13.06 -6.78 -15.03
CA LYS A 187 12.41 -7.17 -13.79
C LYS A 187 12.54 -6.03 -12.79
N THR A 188 11.42 -5.53 -12.30
CA THR A 188 11.40 -4.39 -11.39
C THR A 188 10.88 -4.84 -10.03
N TYR A 189 11.46 -4.28 -8.98
CA TYR A 189 11.02 -4.52 -7.61
C TYR A 189 10.61 -3.18 -7.03
N LEU A 190 9.35 -3.10 -6.57
CA LEU A 190 8.85 -1.95 -5.85
C LEU A 190 8.98 -2.29 -4.37
N LEU A 191 9.84 -1.56 -3.67
CA LEU A 191 10.20 -1.89 -2.30
C LEU A 191 9.90 -0.71 -1.39
N GLY A 192 9.58 -1.01 -0.13
CA GLY A 192 9.23 0.00 0.86
C GLY A 192 10.32 0.14 1.91
N PHE A 193 10.71 1.39 2.15
CA PHE A 193 11.78 1.71 3.09
C PHE A 193 11.28 2.04 4.48
N ASP A 194 10.02 1.98 4.70
CA ASP A 194 9.47 2.27 6.02
C ASP A 194 9.14 0.96 6.73
N PRO A 195 9.23 0.93 8.06
CA PRO A 195 9.00 -0.34 8.75
C PRO A 195 7.61 -0.88 8.47
N ASP A 196 7.52 -2.21 8.39
CA ASP A 196 6.24 -2.85 8.16
C ASP A 196 5.35 -2.69 9.38
N ALA A 197 4.05 -2.47 9.14
CA ALA A 197 3.10 -2.39 10.23
C ALA A 197 2.86 -3.76 10.84
N GLU A 198 3.03 -4.81 10.04
CA GLU A 198 2.85 -6.17 10.53
C GLU A 198 3.96 -6.57 11.50
N ALA A 199 5.21 -6.28 11.15
CA ALA A 199 6.38 -6.62 11.95
C ALA A 199 7.24 -5.38 12.13
N PRO A 200 6.82 -4.45 13.00
CA PRO A 200 7.57 -3.20 13.13
C PRO A 200 8.99 -3.40 13.65
N LEU A 201 9.22 -4.38 14.52
CA LEU A 201 10.54 -4.59 15.09
C LEU A 201 11.40 -5.53 14.26
N GLN A 202 10.85 -6.12 13.20
CA GLN A 202 11.60 -7.01 12.32
C GLN A 202 12.13 -6.30 11.08
N PHE A 203 12.46 -5.03 11.20
CA PHE A 203 12.97 -4.25 10.07
C PHE A 203 14.48 -4.46 9.98
N ASP A 204 14.93 -4.94 8.83
CA ASP A 204 16.34 -5.18 8.56
C ASP A 204 16.83 -4.39 7.36
N GLY A 205 16.03 -3.44 6.88
CA GLY A 205 16.32 -2.71 5.67
C GLY A 205 15.09 -2.69 4.79
N PRO A 206 15.22 -2.15 3.58
CA PRO A 206 14.05 -2.09 2.68
C PRO A 206 13.49 -3.48 2.40
N HIS A 207 12.18 -3.62 2.52
CA HIS A 207 11.49 -4.84 2.17
C HIS A 207 10.81 -4.64 0.82
N VAL A 208 10.33 -5.73 0.24
CA VAL A 208 9.70 -5.68 -1.07
C VAL A 208 8.20 -5.49 -0.91
N ILE A 209 7.65 -4.50 -1.62
CA ILE A 209 6.20 -4.34 -1.66
C ILE A 209 5.61 -5.28 -2.69
N ARG A 210 6.14 -5.25 -3.91
CA ARG A 210 5.73 -6.21 -4.93
C ARG A 210 6.81 -6.28 -6.00
N ALA A 211 6.64 -7.24 -6.90
CA ALA A 211 7.58 -7.47 -7.99
C ALA A 211 6.83 -7.51 -9.31
N VAL A 212 7.42 -6.91 -10.35
CA VAL A 212 6.84 -6.82 -11.67
C VAL A 212 7.80 -7.44 -12.67
N GLY A 213 7.32 -8.44 -13.41
CA GLY A 213 8.15 -9.11 -14.37
C GLY A 213 8.05 -8.51 -15.76
N ASP A 214 8.04 -9.37 -16.77
CA ASP A 214 7.94 -8.96 -18.16
C ASP A 214 7.11 -9.98 -18.91
N THR A 215 6.70 -9.63 -20.12
CA THR A 215 5.96 -10.52 -20.99
C THR A 215 6.91 -10.97 -22.09
N ILE A 216 7.22 -12.27 -22.11
CA ILE A 216 8.20 -12.81 -23.05
C ILE A 216 7.47 -13.14 -24.34
N GLU A 217 7.90 -12.51 -25.44
CA GLU A 217 7.32 -12.78 -26.76
C GLU A 217 7.95 -14.07 -27.30
N TRP A 218 7.58 -15.17 -26.64
CA TRP A 218 8.09 -16.48 -27.01
C TRP A 218 7.75 -16.82 -28.45
N GLU A 219 8.67 -17.52 -29.10
CA GLU A 219 8.38 -18.02 -30.44
C GLU A 219 7.53 -19.27 -30.29
N ASP A 220 7.46 -20.12 -31.31
CA ASP A 220 6.52 -21.22 -31.31
C ASP A 220 7.21 -22.46 -30.77
N GLY A 221 6.65 -23.02 -29.70
CA GLY A 221 7.21 -24.18 -29.05
C GLY A 221 8.43 -23.92 -28.20
N LYS A 222 8.77 -22.67 -27.94
CA LYS A 222 9.96 -22.34 -27.17
C LYS A 222 9.68 -21.89 -25.74
N ASN A 223 8.41 -21.76 -25.36
CA ASN A 223 8.10 -21.33 -24.00
C ASN A 223 8.46 -22.45 -23.03
N VAL A 224 9.62 -22.32 -22.40
CA VAL A 224 10.07 -23.33 -21.45
C VAL A 224 9.45 -23.16 -20.06
N THR A 225 8.86 -22.00 -19.77
CA THR A 225 8.25 -21.77 -18.46
C THR A 225 6.89 -22.44 -18.28
N LYS A 226 6.27 -22.94 -19.35
CA LYS A 226 4.96 -23.57 -19.25
C LYS A 226 4.96 -24.89 -20.00
N LYS A 227 4.26 -25.89 -19.45
CA LYS A 227 4.12 -27.19 -20.10
C LYS A 227 2.67 -27.63 -19.99
N ALA A 228 2.39 -28.83 -20.50
CA ALA A 228 1.07 -29.44 -20.42
C ALA A 228 1.17 -30.80 -19.74
N VAL A 229 0.18 -31.09 -18.90
CA VAL A 229 0.10 -32.38 -18.21
C VAL A 229 -1.32 -32.90 -18.34
N LYS A 230 -1.44 -34.21 -18.60
CA LYS A 230 -2.76 -34.85 -18.66
C LYS A 230 -3.13 -35.27 -17.24
N LYS A 231 -3.65 -34.30 -16.49
CA LYS A 231 -4.00 -34.53 -15.10
C LYS A 231 -5.42 -35.05 -15.02
N LYS A 232 -5.90 -35.29 -13.82
CA LYS A 232 -7.24 -35.83 -13.60
C LYS A 232 -8.06 -34.82 -12.80
N GLN A 233 -9.05 -34.21 -13.46
CA GLN A 233 -10.02 -33.37 -12.78
C GLN A 233 -11.16 -34.18 -12.19
N LYS A 234 -10.95 -35.48 -11.97
CA LYS A 234 -11.90 -36.28 -11.22
C LYS A 234 -12.14 -35.70 -9.85
N LYS A 235 -11.12 -35.03 -9.28
CA LYS A 235 -11.29 -34.23 -8.09
C LYS A 235 -11.84 -32.85 -8.46
N GLY A 236 -12.93 -32.84 -9.23
CA GLY A 236 -13.50 -31.60 -9.73
C GLY A 236 -14.93 -31.37 -9.31
N ALA A 237 -15.84 -31.36 -10.28
CA ALA A 237 -17.25 -31.09 -10.01
C ALA A 237 -18.09 -31.92 -10.99
N ASN A 238 -18.65 -33.02 -10.48
CA ASN A 238 -19.48 -33.92 -11.27
C ASN A 238 -18.80 -34.34 -12.56
N ALA A 239 -17.47 -34.49 -12.52
CA ALA A 239 -16.69 -34.80 -13.71
C ALA A 239 -15.51 -35.66 -13.27
N GLY A 240 -15.69 -36.98 -13.37
CA GLY A 240 -14.62 -37.91 -13.07
C GLY A 240 -13.82 -38.26 -14.31
N LYS A 241 -13.31 -37.24 -14.99
CA LYS A 241 -12.56 -37.42 -16.23
C LYS A 241 -11.18 -36.79 -16.09
N PHE A 242 -10.30 -37.17 -17.02
CA PHE A 242 -8.94 -36.65 -17.07
C PHE A 242 -8.83 -35.61 -18.17
N LEU A 243 -8.18 -34.48 -17.86
CA LEU A 243 -8.10 -33.35 -18.76
C LEU A 243 -6.66 -32.87 -18.90
N THR A 244 -6.39 -32.23 -20.04
CA THR A 244 -5.10 -31.60 -20.27
C THR A 244 -5.08 -30.22 -19.64
N LYS A 245 -4.10 -29.97 -18.79
CA LYS A 245 -3.96 -28.71 -18.07
C LYS A 245 -2.59 -28.10 -18.37
N THR A 246 -2.56 -26.77 -18.46
CA THR A 246 -1.32 -26.03 -18.66
C THR A 246 -0.72 -25.72 -17.30
N VAL A 247 0.40 -26.36 -16.98
CA VAL A 247 1.02 -26.25 -15.67
C VAL A 247 2.33 -25.48 -15.78
N LYS A 248 2.71 -24.87 -14.66
CA LYS A 248 3.96 -24.13 -14.61
C LYS A 248 5.13 -25.08 -14.76
N ALA A 249 6.04 -24.76 -15.68
CA ALA A 249 7.25 -25.53 -15.90
C ALA A 249 8.43 -24.86 -15.22
N ASP A 250 9.40 -25.68 -14.82
CA ASP A 250 10.56 -25.18 -14.09
C ASP A 250 11.52 -24.51 -15.08
N SER A 251 11.74 -23.22 -14.90
CA SER A 251 12.65 -22.48 -15.77
C SER A 251 13.16 -21.26 -15.04
N PHE A 252 14.30 -20.75 -15.51
CA PHE A 252 14.82 -19.49 -14.98
C PHE A 252 13.93 -18.32 -15.40
N PHE A 253 13.30 -18.41 -16.56
CA PHE A 253 12.51 -17.30 -17.08
C PHE A 253 11.17 -17.12 -16.36
N ASN A 254 10.79 -18.07 -15.50
CA ASN A 254 9.71 -17.79 -14.56
C ASN A 254 10.07 -16.65 -13.63
N PHE A 255 11.36 -16.27 -13.59
CA PHE A 255 11.77 -15.07 -12.88
C PHE A 255 11.02 -13.83 -13.38
N PHE A 256 10.59 -13.84 -14.64
CA PHE A 256 9.83 -12.72 -15.17
C PHE A 256 8.33 -12.91 -15.01
N GLU A 257 7.92 -13.89 -14.22
CA GLU A 257 6.54 -14.07 -13.79
C GLU A 257 6.56 -14.15 -12.27
N PRO A 258 6.77 -13.03 -11.59
CA PRO A 258 7.03 -13.05 -10.15
C PRO A 258 5.80 -13.44 -9.36
N PRO A 259 5.97 -13.92 -8.14
CA PRO A 259 4.79 -14.26 -7.32
C PRO A 259 4.00 -13.01 -6.95
N LYS A 260 2.68 -13.13 -7.05
CA LYS A 260 1.80 -12.02 -6.74
C LYS A 260 1.96 -11.61 -5.28
N SER A 261 1.80 -10.31 -5.02
CA SER A 261 1.94 -9.81 -3.67
C SER A 261 0.66 -10.07 -2.89
N LYS A 262 0.67 -9.66 -1.61
CA LYS A 262 -0.50 -9.86 -0.76
C LYS A 262 -1.72 -9.17 -1.33
N ASP A 263 -1.55 -7.91 -1.77
CA ASP A 263 -2.68 -7.15 -2.30
C ASP A 263 -3.22 -7.77 -3.58
N GLU A 264 -2.33 -8.23 -4.46
CA GLU A 264 -2.73 -8.61 -5.81
C GLU A 264 -3.72 -9.77 -5.81
N ARG A 265 -3.29 -10.93 -5.35
CA ARG A 265 -4.09 -12.15 -5.42
C ARG A 265 -4.19 -12.80 -4.05
N ASN A 266 -5.36 -13.36 -3.75
CA ASN A 266 -5.59 -14.04 -2.49
C ASN A 266 -6.81 -14.96 -2.58
N GLU A 272 -0.55 -19.09 1.73
CA GLU A 272 0.57 -19.80 2.34
C GLU A 272 1.47 -20.39 1.26
N GLN A 273 2.78 -20.32 1.51
CA GLN A 273 3.80 -20.83 0.58
C GLN A 273 3.82 -20.03 -0.72
N ALA A 274 3.48 -18.75 -0.63
CA ALA A 274 3.61 -17.78 -1.71
C ALA A 274 4.43 -16.57 -1.29
N GLU A 275 4.32 -16.15 -0.03
CA GLU A 275 5.21 -15.13 0.50
C GLU A 275 6.66 -15.63 0.53
N GLU A 276 6.85 -16.92 0.84
CA GLU A 276 8.20 -17.49 0.82
C GLU A 276 8.79 -17.48 -0.58
N PHE A 277 8.00 -17.85 -1.58
CA PHE A 277 8.48 -17.81 -2.96
C PHE A 277 8.77 -16.38 -3.40
N LEU A 278 7.91 -15.43 -3.02
CA LEU A 278 8.15 -14.02 -3.34
C LEU A 278 9.42 -13.52 -2.67
N GLU A 279 9.66 -13.93 -1.43
CA GLU A 279 10.88 -13.52 -0.74
C GLU A 279 12.11 -14.12 -1.40
N LEU A 280 12.01 -15.37 -1.86
CA LEU A 280 13.13 -15.97 -2.59
C LEU A 280 13.35 -15.23 -3.91
N ASP A 281 12.27 -14.79 -4.57
CA ASP A 281 12.38 -13.97 -5.77
C ASP A 281 13.14 -12.69 -5.48
N TYR A 282 12.80 -12.03 -4.38
CA TYR A 282 13.49 -10.80 -3.99
C TYR A 282 14.95 -11.09 -3.68
N GLU A 283 15.23 -12.21 -3.01
CA GLU A 283 16.60 -12.56 -2.68
C GLU A 283 17.43 -12.80 -3.93
N MET A 284 16.86 -13.48 -4.92
CA MET A 284 17.59 -13.73 -6.16
C MET A 284 17.85 -12.42 -6.91
N GLY A 285 16.85 -11.54 -6.96
CA GLY A 285 17.08 -10.24 -7.59
C GLY A 285 18.15 -9.44 -6.88
N GLN A 286 18.14 -9.48 -5.54
CA GLN A 286 19.17 -8.78 -4.77
C GLN A 286 20.55 -9.39 -5.02
N ALA A 287 20.61 -10.72 -5.16
CA ALA A 287 21.88 -11.37 -5.46
C ALA A 287 22.42 -10.92 -6.82
N ILE A 288 21.54 -10.80 -7.81
CA ILE A 288 21.97 -10.33 -9.12
C ILE A 288 22.43 -8.88 -9.05
N ARG A 289 21.67 -8.03 -8.35
CA ARG A 289 21.98 -6.59 -8.35
C ARG A 289 23.23 -6.29 -7.54
N ASP A 290 23.35 -6.87 -6.34
CA ASP A 290 24.39 -6.48 -5.40
C ASP A 290 25.64 -7.34 -5.49
N THR A 291 25.53 -8.57 -5.97
CA THR A 291 26.63 -9.52 -5.94
C THR A 291 27.16 -9.90 -7.32
N ILE A 292 26.29 -10.32 -8.24
CA ILE A 292 26.78 -10.83 -9.53
C ILE A 292 27.16 -9.69 -10.46
N ILE A 293 26.26 -8.74 -10.71
CA ILE A 293 26.56 -7.64 -11.63
C ILE A 293 27.83 -6.89 -11.23
N PRO A 294 28.02 -6.48 -9.97
CA PRO A 294 29.26 -5.77 -9.62
C PRO A 294 30.53 -6.60 -9.80
N ARG A 295 30.48 -7.93 -9.64
CA ARG A 295 31.68 -8.76 -9.72
C ARG A 295 31.47 -9.95 -10.67
N ALA A 296 31.00 -9.67 -11.88
CA ALA A 296 30.54 -10.73 -12.77
C ALA A 296 31.68 -11.65 -13.19
N VAL A 297 32.81 -11.07 -13.60
CA VAL A 297 33.90 -11.92 -14.04
C VAL A 297 34.41 -12.78 -12.90
N LEU A 298 34.33 -12.29 -11.66
CA LEU A 298 34.79 -13.13 -10.55
C LEU A 298 33.94 -14.39 -10.42
N PHE A 299 32.67 -14.31 -10.84
CA PHE A 299 31.86 -15.51 -10.90
C PHE A 299 32.14 -16.32 -12.16
N TYR A 300 32.48 -15.65 -13.26
CA TYR A 300 32.85 -16.36 -14.47
C TYR A 300 34.07 -17.25 -14.24
N THR A 301 35.13 -16.68 -13.67
CA THR A 301 36.29 -17.48 -13.31
C THR A 301 35.99 -18.39 -12.13
N GLY A 302 34.91 -18.11 -11.39
CA GLY A 302 34.58 -18.92 -10.22
C GLY A 302 35.45 -18.68 -9.02
N GLU A 303 36.19 -17.57 -8.96
CA GLU A 303 37.04 -17.31 -7.81
C GLU A 303 36.28 -16.77 -6.62
N LEU A 304 35.00 -16.45 -6.79
CA LEU A 304 34.16 -15.98 -5.71
C LEU A 304 32.83 -16.71 -5.86
N GLN A 305 32.40 -17.40 -4.81
CA GLN A 305 31.11 -18.04 -4.80
C GLN A 305 30.39 -17.62 -3.53
N SER A 306 29.26 -16.94 -3.69
CA SER A 306 28.40 -16.61 -2.59
C SER A 306 27.12 -17.43 -2.70
N ASP A 307 26.41 -17.54 -1.58
CA ASP A 307 25.15 -18.27 -1.55
C ASP A 307 23.98 -17.36 -1.23
N ASP A 308 24.00 -16.71 -0.07
CA ASP A 308 22.97 -15.77 0.39
C ASP A 308 23.24 -15.40 1.84
N HIS B 20 37.52 -17.64 -1.10
CA HIS B 20 38.78 -18.37 -1.01
C HIS B 20 39.70 -18.03 -2.19
N MET B 21 39.11 -17.83 -3.36
CA MET B 21 39.78 -17.30 -4.58
C MET B 21 40.89 -18.27 -4.99
N GLY B 22 42.00 -17.73 -5.53
CA GLY B 22 43.15 -18.47 -6.02
C GLY B 22 42.77 -19.39 -7.16
N LEU B 23 43.52 -20.49 -7.27
CA LEU B 23 43.08 -21.63 -8.05
C LEU B 23 42.07 -22.37 -7.19
N LEU B 24 41.69 -23.60 -7.55
CA LEU B 24 40.53 -24.27 -6.96
C LEU B 24 39.27 -23.46 -7.20
N SER B 25 39.27 -22.71 -8.30
CA SER B 25 38.15 -21.86 -8.67
C SER B 25 37.10 -22.76 -9.29
N THR B 26 35.87 -22.68 -8.78
CA THR B 26 34.79 -23.57 -9.21
C THR B 26 34.82 -23.82 -10.71
N ASN B 27 34.91 -22.77 -11.50
CA ASN B 27 35.04 -22.90 -12.95
C ASN B 27 36.50 -22.86 -13.40
N PHE B 28 37.39 -23.65 -12.79
CA PHE B 28 38.80 -23.61 -13.19
C PHE B 28 39.07 -24.38 -14.47
N ASP B 29 38.49 -25.57 -14.61
CA ASP B 29 38.75 -26.36 -15.82
C ASP B 29 38.30 -25.61 -17.07
N MET B 30 37.18 -24.88 -16.97
CA MET B 30 36.71 -24.09 -18.11
C MET B 30 37.72 -23.02 -18.50
N ILE B 31 38.19 -22.22 -17.54
CA ILE B 31 39.15 -21.17 -17.85
C ILE B 31 40.45 -21.77 -18.36
N GLN B 32 40.80 -22.97 -17.89
CA GLN B 32 41.96 -23.66 -18.44
C GLN B 32 41.75 -23.99 -19.91
N ALA B 33 40.55 -24.45 -20.27
CA ALA B 33 40.27 -24.82 -21.65
C ALA B 33 40.06 -23.63 -22.58
N LEU B 34 39.82 -22.45 -22.02
CA LEU B 34 39.57 -21.27 -22.85
C LEU B 34 40.80 -20.98 -23.72
N PRO B 35 40.60 -20.67 -25.01
CA PRO B 35 41.72 -20.22 -25.83
C PRO B 35 42.34 -18.97 -25.24
N LEU B 36 43.57 -18.69 -25.66
CA LEU B 36 44.24 -17.52 -25.10
C LEU B 36 43.48 -16.26 -25.48
N ASN B 37 42.76 -16.28 -26.61
CA ASN B 37 42.00 -15.10 -27.03
C ASN B 37 41.06 -14.65 -25.92
N VAL B 38 40.21 -15.55 -25.45
CA VAL B 38 39.31 -15.23 -24.35
C VAL B 38 40.04 -15.21 -23.03
N LYS B 39 41.15 -15.96 -22.90
CA LYS B 39 41.92 -15.94 -21.65
C LYS B 39 42.47 -14.55 -21.39
N GLN B 40 42.91 -13.86 -22.45
CA GLN B 40 43.35 -12.47 -22.38
C GLN B 40 42.19 -11.50 -22.20
N ARG B 41 41.03 -11.79 -22.79
CA ARG B 41 39.86 -10.95 -22.54
C ARG B 41 39.45 -11.01 -21.08
N VAL B 42 39.47 -12.21 -20.50
CA VAL B 42 39.16 -12.35 -19.07
C VAL B 42 40.13 -11.53 -18.24
N CYS B 43 41.39 -11.46 -18.69
CA CYS B 43 42.35 -10.60 -18.00
C CYS B 43 41.90 -9.13 -18.02
N ALA B 44 41.41 -8.67 -19.16
CA ALA B 44 40.88 -7.31 -19.24
C ALA B 44 39.72 -7.11 -18.27
N LEU B 45 38.81 -8.09 -18.19
CA LEU B 45 37.70 -7.98 -17.24
C LEU B 45 38.20 -7.92 -15.79
N LYS B 46 39.30 -8.62 -15.49
CA LYS B 46 39.89 -8.51 -14.16
C LYS B 46 40.38 -7.10 -13.88
N ASN B 47 41.02 -6.47 -14.87
CA ASN B 47 41.49 -5.09 -14.71
C ASN B 47 40.34 -4.14 -14.42
N LEU B 48 39.26 -4.23 -15.21
CA LEU B 48 38.08 -3.41 -14.95
C LEU B 48 37.46 -3.74 -13.60
N GLN B 49 37.54 -5.01 -13.18
CA GLN B 49 37.04 -5.39 -11.87
C GLN B 49 37.81 -4.66 -10.77
N MET B 50 39.13 -4.55 -10.93
CA MET B 50 39.90 -3.77 -9.96
C MET B 50 39.42 -2.33 -9.90
N LYS B 51 39.15 -1.72 -11.05
CA LYS B 51 38.61 -0.36 -11.06
C LYS B 51 37.24 -0.29 -10.38
N THR B 52 36.37 -1.26 -10.66
CA THR B 52 35.06 -1.30 -10.00
C THR B 52 35.22 -1.44 -8.49
N ILE B 53 36.20 -2.22 -8.05
CA ILE B 53 36.45 -2.36 -6.61
C ILE B 53 36.83 -1.03 -6.00
N GLN B 54 37.66 -0.26 -6.71
CA GLN B 54 38.05 1.06 -6.21
C GLN B 54 36.84 1.97 -6.04
N ILE B 55 35.91 1.94 -7.00
CA ILE B 55 34.69 2.74 -6.88
C ILE B 55 33.89 2.30 -5.66
N GLU B 56 33.85 0.99 -5.39
CA GLU B 56 33.15 0.52 -4.19
C GLU B 56 33.79 1.07 -2.93
N SER B 57 35.11 1.17 -2.89
CA SER B 57 35.79 1.72 -1.73
C SER B 57 35.33 3.15 -1.47
N ASP B 58 35.25 3.96 -2.52
CA ASP B 58 34.73 5.32 -2.37
C ASP B 58 33.29 5.29 -1.87
N PHE B 59 32.50 4.34 -2.35
CA PHE B 59 31.13 4.19 -1.85
C PHE B 59 31.12 3.92 -0.34
N TYR B 60 31.97 2.98 0.11
CA TYR B 60 31.97 2.63 1.53
C TYR B 60 32.42 3.80 2.40
N LYS B 61 33.36 4.61 1.91
CA LYS B 61 33.73 5.83 2.62
C LYS B 61 32.54 6.75 2.80
N ARG B 62 31.73 6.90 1.74
CA ARG B 62 30.54 7.72 1.84
C ARG B 62 29.53 7.15 2.83
N VAL B 63 29.37 5.82 2.84
CA VAL B 63 28.45 5.19 3.78
C VAL B 63 28.93 5.39 5.22
N HIS B 64 30.24 5.34 5.43
CA HIS B 64 30.78 5.60 6.77
C HIS B 64 30.44 7.01 7.23
N GLU B 65 30.62 8.00 6.34
CA GLU B 65 30.24 9.37 6.67
C GLU B 65 28.76 9.48 6.97
N LEU B 66 27.93 8.73 6.23
CA LEU B 66 26.49 8.74 6.48
C LEU B 66 26.17 8.19 7.87
N GLU B 67 26.89 7.15 8.30
CA GLU B 67 26.70 6.64 9.65
C GLU B 67 27.01 7.72 10.68
N ILE B 68 28.10 8.45 10.49
CA ILE B 68 28.45 9.53 11.41
C ILE B 68 27.36 10.59 11.43
N GLU B 69 26.76 10.88 10.28
CA GLU B 69 25.70 11.88 10.23
C GLU B 69 24.50 11.46 11.07
N PHE B 70 24.11 10.19 10.98
CA PHE B 70 22.93 9.72 11.70
C PHE B 70 23.18 9.45 13.18
N GLU B 71 24.44 9.45 13.62
CA GLU B 71 24.73 9.21 15.04
C GLU B 71 23.90 10.11 15.95
N GLY B 72 23.82 11.40 15.63
CA GLY B 72 23.06 12.30 16.46
C GLY B 72 21.58 11.98 16.44
N LYS B 73 21.06 11.57 15.28
CA LYS B 73 19.64 11.24 15.17
C LYS B 73 19.28 10.04 16.05
N PHE B 74 20.14 9.03 16.10
CA PHE B 74 19.92 7.88 16.97
C PHE B 74 20.19 8.18 18.44
N LYS B 75 20.98 9.22 18.74
CA LYS B 75 21.43 9.46 20.10
C LYS B 75 20.26 9.60 21.08
N SER B 76 19.23 10.35 20.68
CA SER B 76 18.13 10.63 21.59
C SER B 76 17.44 9.33 22.05
N THR B 77 17.12 8.45 21.09
CA THR B 77 16.45 7.21 21.44
C THR B 77 17.32 6.31 22.31
N PHE B 78 18.62 6.25 22.02
CA PHE B 78 19.51 5.43 22.85
C PHE B 78 19.65 6.00 24.26
N ASP B 79 19.65 7.34 24.38
CA ASP B 79 19.74 7.94 25.70
C ASP B 79 18.49 7.63 26.52
N GLN B 80 17.32 7.65 25.90
CA GLN B 80 16.10 7.28 26.61
C GLN B 80 16.15 5.83 27.07
N ARG B 81 16.69 4.94 26.22
CA ARG B 81 16.85 3.55 26.61
C ARG B 81 17.71 3.44 27.86
N LYS B 82 18.84 4.16 27.88
CA LYS B 82 19.70 4.16 29.06
C LYS B 82 18.93 4.63 30.29
N ALA B 83 18.08 5.65 30.13
CA ALA B 83 17.29 6.15 31.24
C ALA B 83 16.30 5.10 31.73
N ILE B 84 15.64 4.39 30.81
CA ILE B 84 14.68 3.35 31.21
C ILE B 84 15.40 2.20 31.88
N VAL B 85 16.54 1.77 31.33
CA VAL B 85 17.28 0.65 31.92
C VAL B 85 17.77 1.02 33.31
N ALA B 86 18.17 2.27 33.50
CA ALA B 86 18.70 2.75 34.78
C ALA B 86 17.61 3.17 35.76
N GLY B 87 16.34 3.03 35.41
CA GLY B 87 15.28 3.43 36.33
C GLY B 87 15.19 4.91 36.57
N GLU B 88 15.83 5.71 35.73
CA GLU B 88 15.80 7.16 35.90
C GLU B 88 14.46 7.76 35.47
N VAL B 89 13.83 7.21 34.42
CA VAL B 89 12.55 7.71 33.94
C VAL B 89 11.53 6.58 33.93
N GLU B 90 10.23 6.97 34.00
CA GLU B 90 9.17 5.97 34.04
C GLU B 90 8.47 5.87 32.70
N PRO B 91 7.96 4.67 32.36
CA PRO B 91 7.31 4.49 31.07
C PRO B 91 6.01 5.28 30.96
N THR B 92 5.70 5.68 29.73
CA THR B 92 4.48 6.41 29.44
C THR B 92 3.36 5.44 29.05
N LYS B 93 2.15 5.99 28.93
CA LYS B 93 0.99 5.16 28.61
C LYS B 93 1.15 4.48 27.25
N GLU B 94 1.62 5.22 26.24
CA GLU B 94 1.87 4.63 24.94
C GLU B 94 2.91 3.52 25.01
N GLN B 95 3.96 3.75 25.81
CA GLN B 95 4.99 2.73 25.96
C GLN B 95 4.43 1.48 26.63
N ILE B 96 3.55 1.66 27.62
CA ILE B 96 2.96 0.52 28.32
C ILE B 96 2.04 -0.28 27.40
N ASP B 97 1.34 0.39 26.49
CA ASP B 97 0.44 -0.31 25.58
C ASP B 97 1.17 -0.89 24.37
N THR B 98 2.46 -1.16 24.52
CA THR B 98 3.29 -1.82 23.53
C THR B 98 3.55 -3.26 23.97
N PRO B 99 3.30 -4.24 23.10
CA PRO B 99 3.51 -5.64 23.49
C PRO B 99 4.96 -5.88 23.91
N ILE B 100 5.12 -6.55 25.06
CA ILE B 100 6.47 -6.84 25.56
C ILE B 100 7.19 -7.78 24.61
N LEU B 101 6.47 -8.73 24.02
CA LEU B 101 7.00 -9.61 23.00
C LEU B 101 6.09 -9.54 21.78
N GLU B 102 6.68 -9.42 20.60
CA GLU B 102 5.89 -9.29 19.38
C GLU B 102 5.35 -10.65 18.95
N GLY B 103 4.20 -10.61 18.29
CA GLY B 103 3.54 -11.82 17.85
C GLY B 103 2.75 -12.53 18.92
N LEU B 104 2.20 -11.80 19.88
CA LEU B 104 1.43 -12.39 20.98
C LEU B 104 -0.03 -11.98 20.87
N GLU B 105 -0.92 -12.95 21.02
CA GLU B 105 -2.35 -12.65 21.07
C GLU B 105 -2.71 -11.95 22.36
N GLY B 106 -3.85 -11.25 22.34
CA GLY B 106 -4.26 -10.48 23.50
C GLY B 106 -4.47 -11.33 24.74
N ASP B 107 -5.03 -12.53 24.57
CA ASP B 107 -5.17 -13.45 25.70
C ASP B 107 -3.80 -13.83 26.25
N GLN B 108 -2.88 -14.25 25.38
CA GLN B 108 -1.54 -14.63 25.81
C GLN B 108 -0.78 -13.44 26.40
N LEU B 109 -0.95 -12.26 25.80
CA LEU B 109 -0.31 -11.06 26.35
C LEU B 109 -0.81 -10.77 27.76
N ALA B 110 -2.13 -10.89 27.97
CA ALA B 110 -2.68 -10.69 29.30
C ALA B 110 -2.12 -11.72 30.27
N GLU B 111 -2.00 -12.98 29.82
CA GLU B 111 -1.44 -14.01 30.69
C GLU B 111 -0.01 -13.68 31.08
N LEU B 112 0.80 -13.24 30.13
CA LEU B 112 2.19 -12.91 30.44
C LEU B 112 2.27 -11.71 31.39
N TYR B 113 1.47 -10.68 31.15
CA TYR B 113 1.51 -9.51 32.03
C TYR B 113 1.03 -9.87 33.44
N LYS B 114 0.05 -10.77 33.56
CA LYS B 114 -0.48 -11.16 34.85
C LYS B 114 0.20 -12.41 35.41
N ALA B 115 1.32 -12.84 34.83
CA ALA B 115 2.01 -14.03 35.32
C ALA B 115 2.92 -13.73 36.51
N ALA B 116 3.36 -12.48 36.66
CA ALA B 116 4.21 -12.09 37.77
C ALA B 116 3.70 -10.77 38.35
N GLU B 117 3.86 -10.62 39.66
CA GLU B 117 3.42 -9.41 40.35
C GLU B 117 4.60 -8.45 40.47
N ALA B 118 4.28 -7.16 40.46
CA ALA B 118 5.32 -6.13 40.43
C ALA B 118 6.07 -6.06 41.75
N ASP B 119 7.41 -6.07 41.65
CA ASP B 119 8.27 -5.93 42.82
C ASP B 119 8.84 -4.52 42.83
N PRO B 120 8.40 -3.64 43.72
CA PRO B 120 8.90 -2.26 43.71
C PRO B 120 10.40 -2.15 43.97
N SER B 121 11.02 -3.16 44.58
CA SER B 121 12.45 -3.09 44.84
C SER B 121 13.24 -3.01 43.54
N ALA B 122 12.86 -3.81 42.53
CA ALA B 122 13.58 -3.85 41.26
C ALA B 122 13.43 -2.52 40.54
N LYS B 123 14.49 -1.72 40.55
CA LYS B 123 14.51 -0.43 39.86
C LYS B 123 15.21 -0.62 38.51
N GLY B 124 14.47 -0.39 37.43
CA GLY B 124 15.03 -0.57 36.10
C GLY B 124 15.18 -2.05 35.76
N ILE B 125 15.67 -2.28 34.55
CA ILE B 125 15.93 -3.64 34.09
C ILE B 125 17.28 -4.09 34.63
N LYS B 126 17.30 -5.23 35.28
CA LYS B 126 18.54 -5.77 35.86
C LYS B 126 19.23 -6.66 34.83
N ASP B 127 20.55 -6.56 34.77
CA ASP B 127 21.38 -7.34 33.86
C ASP B 127 20.94 -7.19 32.40
N PHE B 128 20.44 -6.00 32.05
CA PHE B 128 19.91 -5.80 30.70
C PHE B 128 21.00 -5.98 29.65
N TRP B 129 22.10 -5.23 29.78
CA TRP B 129 23.17 -5.33 28.79
C TRP B 129 23.92 -6.64 28.91
N LEU B 130 24.07 -7.17 30.12
CA LEU B 130 24.65 -8.50 30.28
C LEU B 130 23.85 -9.54 29.51
N THR B 131 22.53 -9.54 29.70
CA THR B 131 21.67 -10.49 29.00
C THR B 131 21.72 -10.28 27.49
N ALA B 132 21.68 -9.02 27.05
CA ALA B 132 21.73 -8.73 25.63
C ALA B 132 23.01 -9.25 25.00
N LEU B 133 24.15 -9.00 25.64
CA LEU B 133 25.42 -9.46 25.11
C LEU B 133 25.51 -10.99 25.12
N ARG B 134 25.02 -11.63 26.19
CA ARG B 134 25.12 -13.09 26.25
C ARG B 134 24.09 -13.80 25.36
N THR B 135 23.05 -13.10 24.91
CA THR B 135 22.12 -13.71 23.97
C THR B 135 22.70 -13.75 22.56
N HIS B 136 23.53 -12.78 22.20
CA HIS B 136 24.24 -12.84 20.93
C HIS B 136 25.31 -13.92 21.02
N ASP B 137 25.34 -14.80 20.01
CA ASP B 137 26.16 -16.00 20.09
C ASP B 137 27.65 -15.68 20.17
N LEU B 138 28.14 -14.82 19.27
CA LEU B 138 29.56 -14.51 19.23
C LEU B 138 30.03 -13.93 20.55
N VAL B 139 29.34 -12.90 21.05
CA VAL B 139 29.71 -12.29 22.33
C VAL B 139 29.51 -13.28 23.47
N ALA B 140 28.48 -14.13 23.39
CA ALA B 140 28.24 -15.12 24.43
C ALA B 140 29.43 -16.06 24.59
N GLU B 141 30.05 -16.45 23.48
CA GLU B 141 31.22 -17.32 23.59
C GLU B 141 32.40 -16.65 24.29
N ALA B 142 32.40 -15.31 24.35
CA ALA B 142 33.46 -14.58 25.04
C ALA B 142 33.19 -14.40 26.53
N ILE B 143 31.94 -14.43 26.95
CA ILE B 143 31.60 -14.21 28.35
C ILE B 143 31.84 -15.50 29.14
N GLU B 144 32.75 -15.43 30.11
CA GLU B 144 32.98 -16.54 31.02
C GLU B 144 32.21 -16.33 32.32
N GLU B 145 32.23 -17.34 33.18
CA GLU B 145 31.41 -17.30 34.38
C GLU B 145 31.83 -16.17 35.32
N HIS B 146 33.13 -15.96 35.51
CA HIS B 146 33.57 -14.93 36.43
C HIS B 146 33.35 -13.52 35.88
N ASP B 147 33.08 -13.36 34.58
CA ASP B 147 32.78 -12.04 34.04
C ASP B 147 31.32 -11.63 34.21
N VAL B 148 30.44 -12.59 34.50
CA VAL B 148 29.00 -12.28 34.57
C VAL B 148 28.67 -11.26 35.66
N PRO B 149 29.06 -11.45 36.93
CA PRO B 149 28.73 -10.43 37.93
C PRO B 149 29.31 -9.07 37.61
N ILE B 150 30.47 -9.02 36.95
CA ILE B 150 31.04 -7.74 36.55
C ILE B 150 30.15 -7.07 35.50
N LEU B 151 29.72 -7.85 34.50
CA LEU B 151 28.87 -7.33 33.45
C LEU B 151 27.46 -7.00 33.93
N SER B 152 27.08 -7.45 35.13
CA SER B 152 25.79 -7.01 35.66
C SER B 152 25.76 -5.52 35.99
N TYR B 153 26.93 -4.86 36.01
CA TYR B 153 27.02 -3.44 36.31
C TYR B 153 27.01 -2.56 35.06
N LEU B 154 26.84 -3.15 33.88
CA LEU B 154 26.90 -2.41 32.62
C LEU B 154 25.63 -1.59 32.47
N THR B 155 25.74 -0.27 32.71
CA THR B 155 24.59 0.61 32.57
C THR B 155 24.27 0.91 31.12
N ASP B 156 25.29 1.10 30.28
CA ASP B 156 25.07 1.41 28.88
C ASP B 156 26.26 0.96 28.05
N VAL B 157 26.00 0.69 26.78
CA VAL B 157 27.03 0.43 25.77
C VAL B 157 26.75 1.37 24.61
N THR B 158 27.71 2.22 24.28
CA THR B 158 27.52 3.24 23.26
C THR B 158 28.62 3.10 22.21
N THR B 159 28.31 3.57 21.01
CA THR B 159 29.27 3.54 19.92
C THR B 159 29.21 4.83 19.13
N ALA B 160 30.35 5.22 18.57
CA ALA B 160 30.43 6.42 17.74
C ALA B 160 31.58 6.25 16.76
N ALA B 161 31.38 6.74 15.53
CA ALA B 161 32.34 6.57 14.45
C ALA B 161 32.99 7.90 14.10
N SER B 162 34.28 7.85 13.80
CA SER B 162 35.07 9.01 13.42
C SER B 162 35.56 8.88 11.99
N LYS B 163 35.79 10.03 11.36
CA LYS B 163 36.38 10.10 10.02
C LYS B 163 37.85 10.51 10.07
N ASP B 164 38.22 11.39 10.99
CA ASP B 164 39.59 11.91 11.01
C ASP B 164 40.64 10.83 11.25
N PRO B 165 40.58 10.00 12.32
CA PRO B 165 41.42 8.80 12.34
C PRO B 165 40.79 7.57 11.68
N ALA B 166 39.75 7.75 10.88
CA ALA B 166 39.13 6.65 10.14
C ALA B 166 38.81 5.42 10.97
N GLY B 167 37.74 5.46 11.77
CA GLY B 167 37.39 4.30 12.57
C GLY B 167 36.13 4.50 13.37
N PHE B 168 36.00 3.72 14.44
CA PHE B 168 34.88 3.87 15.36
C PHE B 168 35.28 3.39 16.75
N LYS B 169 34.40 3.61 17.72
CA LYS B 169 34.68 3.23 19.10
C LYS B 169 33.41 2.68 19.76
N ILE B 170 33.62 1.80 20.72
CA ILE B 170 32.55 1.26 21.56
C ILE B 170 32.91 1.55 23.01
N GLU B 171 31.98 2.18 23.73
CA GLU B 171 32.20 2.56 25.12
C GLU B 171 31.25 1.77 26.03
N PHE B 172 31.84 1.00 26.95
CA PHE B 172 31.09 0.27 27.97
C PHE B 172 31.04 1.12 29.23
N HIS B 173 29.88 1.71 29.49
CA HIS B 173 29.66 2.53 30.69
C HIS B 173 29.25 1.60 31.83
N PHE B 174 30.10 1.53 32.85
CA PHE B 174 29.84 0.73 34.05
C PHE B 174 29.41 1.63 35.21
N ALA B 175 28.84 1.00 36.23
CA ALA B 175 28.47 1.70 37.45
C ALA B 175 29.57 1.50 38.49
N THR B 176 29.37 2.05 39.68
CA THR B 176 30.32 1.86 40.77
C THR B 176 30.33 0.40 41.17
N ASN B 177 31.42 -0.30 40.86
CA ASN B 177 31.50 -1.74 41.01
C ASN B 177 32.70 -2.12 41.87
N PRO B 178 32.62 -3.25 42.57
CA PRO B 178 33.75 -3.68 43.42
C PRO B 178 34.80 -4.45 42.65
N TYR B 179 34.82 -4.32 41.32
CA TYR B 179 35.78 -5.02 40.48
C TYR B 179 36.83 -4.09 39.90
N PHE B 180 36.43 -2.91 39.44
CA PHE B 180 37.38 -1.89 38.98
C PHE B 180 36.75 -0.52 39.17
N LYS B 181 37.60 0.51 39.17
CA LYS B 181 37.13 1.86 39.37
C LYS B 181 36.75 2.58 38.08
N ASN B 182 37.03 2.00 36.93
CA ASN B 182 36.73 2.66 35.66
C ASN B 182 35.24 2.88 35.50
N GLN B 183 34.85 4.13 35.22
CA GLN B 183 33.46 4.42 34.90
C GLN B 183 33.13 4.02 33.47
N VAL B 184 34.08 4.17 32.54
CA VAL B 184 33.87 3.81 31.14
C VAL B 184 35.11 3.11 30.60
N LEU B 185 34.90 1.98 29.93
CA LEU B 185 35.96 1.24 29.24
C LEU B 185 35.76 1.43 27.73
N THR B 186 36.79 1.92 27.05
CA THR B 186 36.68 2.27 25.63
C THR B 186 37.49 1.30 24.76
N LYS B 187 36.90 0.91 23.63
CA LYS B 187 37.58 0.09 22.63
C LYS B 187 37.49 0.82 21.29
N THR B 188 38.65 1.11 20.69
CA THR B 188 38.70 1.88 19.44
C THR B 188 39.24 1.01 18.31
N TYR B 189 38.65 1.17 17.13
CA TYR B 189 39.10 0.48 15.92
C TYR B 189 39.45 1.52 14.86
N LEU B 190 40.67 1.46 14.36
CA LEU B 190 41.11 2.25 13.22
C LEU B 190 41.01 1.37 11.97
N LEU B 191 40.24 1.83 10.98
CA LEU B 191 39.87 1.06 9.81
C LEU B 191 40.39 1.69 8.51
N GLY B 192 40.68 0.83 7.54
CA GLY B 192 41.12 1.25 6.22
C GLY B 192 40.08 0.91 5.17
N PHE B 193 39.73 1.91 4.36
CA PHE B 193 38.74 1.73 3.30
C PHE B 193 39.35 1.45 1.94
N ASP B 194 40.68 1.38 1.84
CA ASP B 194 41.09 1.12 0.47
C ASP B 194 41.54 -0.32 0.32
N PRO B 195 41.27 -0.95 -0.83
CA PRO B 195 41.70 -2.33 -1.03
C PRO B 195 43.21 -2.45 -1.02
N ASP B 196 43.70 -3.55 -0.48
CA ASP B 196 45.12 -3.86 -0.48
C ASP B 196 45.60 -4.21 -1.87
N ALA B 197 46.84 -3.84 -2.18
CA ALA B 197 47.44 -4.18 -3.47
C ALA B 197 47.69 -5.66 -3.61
N GLU B 198 47.86 -6.38 -2.49
CA GLU B 198 48.09 -7.82 -2.56
C GLU B 198 46.85 -8.55 -3.08
N ALA B 199 45.68 -8.20 -2.56
CA ALA B 199 44.42 -8.83 -2.96
C ALA B 199 43.42 -7.73 -3.33
N PRO B 200 43.61 -7.09 -4.49
CA PRO B 200 42.71 -5.99 -4.86
C PRO B 200 41.28 -6.44 -5.09
N LEU B 201 41.08 -7.65 -5.56
CA LEU B 201 39.76 -8.17 -5.89
C LEU B 201 39.05 -8.79 -4.69
N GLN B 202 39.71 -8.88 -3.54
CA GLN B 202 39.15 -9.45 -2.32
C GLN B 202 38.60 -8.38 -1.38
N PHE B 203 38.07 -7.30 -1.92
CA PHE B 203 37.52 -6.20 -1.13
C PHE B 203 36.08 -6.52 -0.76
N ASP B 204 35.78 -6.54 0.53
CA ASP B 204 34.44 -6.82 1.03
C ASP B 204 33.89 -5.68 1.87
N GLY B 205 34.58 -4.54 1.89
CA GLY B 205 34.22 -3.43 2.73
C GLY B 205 35.41 -2.96 3.54
N PRO B 206 35.19 -2.00 4.44
CA PRO B 206 36.28 -1.53 5.29
C PRO B 206 36.85 -2.67 6.12
N HIS B 207 38.18 -2.74 6.18
CA HIS B 207 38.87 -3.69 7.03
C HIS B 207 39.44 -2.94 8.23
N VAL B 208 39.92 -3.69 9.21
CA VAL B 208 40.49 -3.10 10.42
C VAL B 208 42.00 -2.99 10.27
N ILE B 209 42.52 -1.78 10.53
CA ILE B 209 43.97 -1.59 10.56
C ILE B 209 44.50 -1.94 11.94
N ARG B 210 43.89 -1.40 12.99
CA ARG B 210 44.35 -1.73 14.33
C ARG B 210 43.23 -1.51 15.34
N ALA B 211 43.46 -2.03 16.54
CA ALA B 211 42.53 -1.89 17.66
C ALA B 211 43.29 -1.45 18.90
N VAL B 212 42.68 -0.56 19.67
CA VAL B 212 43.25 -0.04 20.90
C VAL B 212 42.24 -0.25 22.02
N GLY B 213 42.67 -0.93 23.08
CA GLY B 213 41.78 -1.20 24.19
C GLY B 213 41.84 -0.14 25.27
N ASP B 214 41.77 -0.57 26.52
CA ASP B 214 41.83 0.32 27.66
C ASP B 214 42.59 -0.37 28.78
N THR B 215 42.97 0.41 29.80
CA THR B 215 43.64 -0.10 30.98
C THR B 215 42.63 -0.09 32.11
N ILE B 216 42.28 -1.28 32.61
CA ILE B 216 41.25 -1.42 33.63
C ILE B 216 41.92 -1.25 34.99
N GLU B 217 41.45 -0.25 35.75
CA GLU B 217 41.95 -0.01 37.10
C GLU B 217 41.29 -1.01 38.05
N TRP B 218 41.66 -2.28 37.88
CA TRP B 218 41.14 -3.37 38.68
C TRP B 218 41.41 -3.12 40.16
N GLU B 219 40.49 -3.59 41.00
CA GLU B 219 40.77 -3.56 42.43
C GLU B 219 41.72 -4.70 42.75
N ASP B 220 41.82 -5.09 44.02
CA ASP B 220 42.85 -6.02 44.44
C ASP B 220 42.29 -7.43 44.48
N GLY B 221 42.91 -8.33 43.71
CA GLY B 221 42.48 -9.72 43.62
C GLY B 221 41.25 -9.96 42.79
N LYS B 222 40.76 -8.95 42.06
CA LYS B 222 39.55 -9.08 41.25
C LYS B 222 39.82 -9.17 39.76
N ASN B 223 41.07 -9.06 39.32
CA ASN B 223 41.40 -9.09 37.89
C ASN B 223 41.15 -10.48 37.34
N VAL B 224 40.02 -10.66 36.66
CA VAL B 224 39.65 -11.96 36.12
C VAL B 224 40.42 -12.32 34.85
N THR B 225 41.09 -11.35 34.22
CA THR B 225 41.87 -11.65 33.03
C THR B 225 43.19 -12.33 33.34
N LYS B 226 43.57 -12.43 34.62
CA LYS B 226 44.82 -13.05 35.03
C LYS B 226 44.53 -14.30 35.86
N LYS B 227 45.20 -15.40 35.52
CA LYS B 227 45.05 -16.65 36.26
C LYS B 227 45.95 -16.63 37.50
N ALA B 228 45.74 -17.63 38.36
CA ALA B 228 46.55 -17.82 39.56
C ALA B 228 47.30 -19.15 39.40
N VAL B 229 48.45 -19.10 38.74
CA VAL B 229 49.29 -20.28 38.55
C VAL B 229 50.75 -19.92 38.79
N THR B 246 51.07 -15.82 38.17
CA THR B 246 50.26 -14.94 37.34
C THR B 246 50.46 -15.26 35.86
N VAL B 247 49.36 -15.64 35.19
CA VAL B 247 49.37 -15.88 33.76
C VAL B 247 48.00 -15.48 33.21
N LYS B 248 47.95 -15.22 31.91
CA LYS B 248 46.72 -14.77 31.27
C LYS B 248 45.60 -15.77 31.45
N ALA B 249 44.43 -15.29 31.85
CA ALA B 249 43.24 -16.11 31.99
C ALA B 249 42.29 -15.86 30.83
N ASP B 250 41.23 -16.66 30.78
CA ASP B 250 40.17 -16.48 29.79
C ASP B 250 39.07 -15.63 30.39
N SER B 251 38.81 -14.47 29.77
CA SER B 251 37.80 -13.54 30.25
C SER B 251 37.28 -12.72 29.09
N PHE B 252 36.07 -12.19 29.26
CA PHE B 252 35.52 -11.26 28.27
C PHE B 252 36.27 -9.94 28.26
N PHE B 253 36.83 -9.55 29.41
CA PHE B 253 37.47 -8.25 29.52
C PHE B 253 38.81 -8.19 28.80
N ASN B 254 39.34 -9.32 28.34
CA ASN B 254 40.44 -9.31 27.39
C ASN B 254 40.06 -8.58 26.11
N PHE B 255 38.77 -8.29 25.91
CA PHE B 255 38.34 -7.45 24.80
C PHE B 255 39.04 -6.10 24.84
N PHE B 256 39.45 -5.65 26.02
CA PHE B 256 40.17 -4.38 26.13
C PHE B 256 41.69 -4.57 26.09
N GLU B 257 42.16 -5.76 25.71
CA GLU B 257 43.57 -6.02 25.45
C GLU B 257 43.68 -6.59 24.04
N PRO B 258 43.51 -5.75 23.02
CA PRO B 258 43.42 -6.25 21.64
C PRO B 258 44.78 -6.69 21.13
N PRO B 259 44.80 -7.54 20.11
CA PRO B 259 46.08 -7.90 19.48
C PRO B 259 46.66 -6.72 18.71
N LYS B 260 47.95 -6.81 18.41
CA LYS B 260 48.68 -5.75 17.76
C LYS B 260 49.02 -6.12 16.33
N SER B 261 49.23 -5.09 15.51
CA SER B 261 49.68 -5.26 14.14
C SER B 261 51.18 -5.04 13.97
N LYS B 262 51.76 -4.09 14.71
CA LYS B 262 53.21 -3.94 14.81
C LYS B 262 53.63 -4.62 16.11
N ASP B 263 53.66 -5.95 16.07
CA ASP B 263 53.99 -6.75 17.24
C ASP B 263 55.50 -6.72 17.50
N GLU B 264 55.88 -7.33 18.62
CA GLU B 264 57.28 -7.51 18.96
C GLU B 264 57.79 -8.80 18.35
N ARG B 265 58.89 -8.71 17.60
CA ARG B 265 59.46 -9.88 16.95
C ARG B 265 60.32 -10.68 17.91
N ASN B 266 59.74 -11.08 19.04
CA ASN B 266 60.43 -11.92 20.01
C ASN B 266 59.60 -13.17 20.30
N ASP B 271 52.89 -16.18 14.84
CA ASP B 271 52.42 -14.83 15.09
C ASP B 271 51.28 -14.45 14.16
N GLU B 272 50.93 -15.35 13.25
CA GLU B 272 49.71 -15.20 12.47
C GLU B 272 48.47 -15.46 13.31
N GLN B 273 48.63 -16.22 14.41
CA GLN B 273 47.54 -16.34 15.37
C GLN B 273 47.13 -14.99 15.93
N ALA B 274 48.09 -14.07 16.05
CA ALA B 274 47.76 -12.70 16.45
C ALA B 274 46.86 -12.02 15.43
N GLU B 275 47.14 -12.24 14.13
CA GLU B 275 46.29 -11.66 13.10
C GLU B 275 44.89 -12.26 13.11
N GLU B 276 44.79 -13.58 13.33
CA GLU B 276 43.47 -14.20 13.45
C GLU B 276 42.73 -13.68 14.67
N PHE B 277 43.43 -13.51 15.80
CA PHE B 277 42.82 -12.96 17.00
C PHE B 277 42.33 -11.54 16.76
N LEU B 278 43.12 -10.73 16.05
CA LEU B 278 42.71 -9.37 15.73
C LEU B 278 41.47 -9.36 14.86
N GLU B 279 41.39 -10.28 13.89
CA GLU B 279 40.21 -10.32 13.03
C GLU B 279 38.97 -10.73 13.83
N LEU B 280 39.10 -11.70 14.73
CA LEU B 280 37.95 -12.07 15.57
C LEU B 280 37.57 -10.93 16.52
N ASP B 281 38.56 -10.22 17.06
CA ASP B 281 38.27 -9.06 17.89
C ASP B 281 37.49 -8.01 17.11
N TYR B 282 37.89 -7.78 15.86
CA TYR B 282 37.16 -6.86 15.01
C TYR B 282 35.73 -7.35 14.75
N GLU B 283 35.57 -8.66 14.52
CA GLU B 283 34.23 -9.19 14.27
C GLU B 283 33.32 -9.00 15.48
N MET B 284 33.86 -9.23 16.69
CA MET B 284 33.07 -9.01 17.89
C MET B 284 32.72 -7.52 18.06
N GLY B 285 33.69 -6.64 17.78
CA GLY B 285 33.40 -5.22 17.86
C GLY B 285 32.30 -4.82 16.90
N GLN B 286 32.31 -5.37 15.68
CA GLN B 286 31.24 -5.11 14.73
C GLN B 286 29.92 -5.69 15.22
N ALA B 287 29.94 -6.85 15.87
CA ALA B 287 28.70 -7.41 16.39
C ALA B 287 28.08 -6.48 17.43
N ILE B 288 28.90 -5.94 18.32
CA ILE B 288 28.40 -5.00 19.32
C ILE B 288 27.93 -3.70 18.67
N ARG B 289 28.72 -3.16 17.74
CA ARG B 289 28.42 -1.83 17.17
C ARG B 289 27.21 -1.86 16.25
N ASP B 290 27.15 -2.85 15.35
CA ASP B 290 26.20 -2.87 14.25
C ASP B 290 24.93 -3.65 14.54
N THR B 291 24.98 -4.63 15.45
CA THR B 291 23.85 -5.52 15.66
C THR B 291 23.21 -5.37 17.04
N ILE B 292 24.02 -5.42 18.10
CA ILE B 292 23.47 -5.44 19.45
C ILE B 292 23.00 -4.06 19.88
N ILE B 293 23.90 -3.05 19.79
CA ILE B 293 23.53 -1.70 20.21
C ILE B 293 22.29 -1.19 19.47
N PRO B 294 22.18 -1.32 18.15
CA PRO B 294 20.95 -0.84 17.50
C PRO B 294 19.69 -1.53 17.96
N ARG B 295 19.74 -2.82 18.31
CA ARG B 295 18.56 -3.56 18.75
C ARG B 295 18.86 -4.32 20.05
N ALA B 296 19.03 -3.56 21.13
CA ALA B 296 19.42 -4.17 22.40
C ALA B 296 18.27 -4.96 23.01
N VAL B 297 17.08 -4.35 23.05
CA VAL B 297 15.94 -4.99 23.70
C VAL B 297 15.56 -6.27 22.98
N LEU B 298 15.68 -6.29 21.65
CA LEU B 298 15.37 -7.51 20.92
C LEU B 298 16.31 -8.65 21.30
N PHE B 299 17.54 -8.31 21.71
CA PHE B 299 18.41 -9.35 22.26
C PHE B 299 18.07 -9.64 23.71
N TYR B 300 17.65 -8.62 24.47
CA TYR B 300 17.21 -8.86 25.84
C TYR B 300 15.99 -9.78 25.85
N THR B 301 14.99 -9.45 25.03
CA THR B 301 13.83 -10.31 24.88
C THR B 301 14.18 -11.62 24.20
N GLY B 302 15.36 -11.70 23.58
CA GLY B 302 15.80 -12.90 22.90
C GLY B 302 15.10 -13.16 21.58
N GLU B 303 14.43 -12.16 21.02
CA GLU B 303 13.71 -12.31 19.77
C GLU B 303 14.63 -12.21 18.56
N LEU B 304 15.93 -11.99 18.77
CA LEU B 304 16.92 -11.86 17.71
C LEU B 304 18.15 -12.69 18.05
N GLN B 305 18.77 -13.25 17.01
CA GLN B 305 20.03 -13.96 17.17
C GLN B 305 21.06 -13.35 16.21
N SER B 306 22.25 -13.94 16.11
CA SER B 306 23.35 -13.28 15.42
C SER B 306 23.04 -13.03 13.95
N ASP B 307 22.43 -14.01 13.27
CA ASP B 307 22.14 -13.87 11.85
C ASP B 307 21.05 -12.82 11.64
N ASP B 308 21.31 -11.87 10.74
CA ASP B 308 20.41 -10.74 10.49
C ASP B 308 20.06 -10.00 11.78
N LEU C 24 -46.43 -33.97 44.66
CA LEU C 24 -44.98 -34.09 44.76
C LEU C 24 -44.31 -33.06 43.86
N SER C 25 -43.34 -32.33 44.42
CA SER C 25 -42.67 -31.26 43.70
C SER C 25 -41.21 -31.22 44.14
N THR C 26 -40.29 -31.25 43.18
CA THR C 26 -38.86 -31.20 43.48
C THR C 26 -38.58 -30.10 44.51
N ASN C 27 -38.75 -28.84 44.11
CA ASN C 27 -38.59 -27.72 45.04
C ASN C 27 -39.78 -27.58 45.99
N PHE C 28 -40.19 -28.67 46.65
CA PHE C 28 -41.31 -28.56 47.57
C PHE C 28 -40.88 -27.90 48.88
N ASP C 29 -39.73 -28.31 49.41
CA ASP C 29 -39.24 -27.72 50.65
C ASP C 29 -39.08 -26.21 50.48
N MET C 30 -38.67 -25.80 49.29
CA MET C 30 -38.53 -24.37 49.00
C MET C 30 -39.84 -23.65 49.25
N ILE C 31 -40.95 -24.19 48.75
CA ILE C 31 -42.23 -23.52 48.99
C ILE C 31 -42.60 -23.58 50.47
N GLN C 32 -42.30 -24.70 51.14
CA GLN C 32 -42.64 -24.78 52.57
C GLN C 32 -41.73 -23.90 53.41
N ALA C 33 -40.43 -23.89 53.13
CA ALA C 33 -39.49 -23.07 53.88
C ALA C 33 -39.61 -21.60 53.51
N LEU C 34 -40.29 -21.32 52.41
CA LEU C 34 -40.51 -19.95 51.97
C LEU C 34 -41.26 -19.18 53.05
N PRO C 35 -40.87 -17.94 53.34
CA PRO C 35 -41.59 -17.15 54.36
C PRO C 35 -43.08 -16.98 54.08
N LEU C 36 -43.55 -17.39 52.91
CA LEU C 36 -44.96 -17.45 52.52
C LEU C 36 -45.57 -16.07 52.27
N ASN C 37 -44.88 -15.01 52.67
CA ASN C 37 -45.31 -13.67 52.26
C ASN C 37 -45.23 -13.54 50.74
N VAL C 38 -44.07 -13.89 50.17
CA VAL C 38 -43.87 -13.90 48.73
C VAL C 38 -44.55 -15.10 48.07
N LYS C 39 -44.97 -16.10 48.84
CA LYS C 39 -45.69 -17.23 48.25
C LYS C 39 -46.94 -16.77 47.54
N GLN C 40 -47.59 -15.73 48.07
CA GLN C 40 -48.75 -15.16 47.39
C GLN C 40 -48.33 -14.58 46.04
N ARG C 41 -47.12 -14.01 45.99
CA ARG C 41 -46.56 -13.57 44.71
C ARG C 41 -46.35 -14.76 43.78
N VAL C 42 -45.89 -15.89 44.31
CA VAL C 42 -45.74 -17.09 43.50
C VAL C 42 -47.10 -17.54 42.95
N CYS C 43 -48.15 -17.44 43.76
CA CYS C 43 -49.50 -17.76 43.29
C CYS C 43 -49.91 -16.82 42.15
N ALA C 44 -49.57 -15.53 42.30
CA ALA C 44 -49.81 -14.57 41.24
C ALA C 44 -49.09 -14.98 39.95
N LEU C 45 -47.85 -15.42 40.08
CA LEU C 45 -47.12 -15.93 38.92
C LEU C 45 -47.79 -17.15 38.32
N LYS C 46 -48.39 -18.00 39.16
CA LYS C 46 -49.12 -19.16 38.66
C LYS C 46 -50.31 -18.71 37.80
N ASN C 47 -51.03 -17.68 38.25
CA ASN C 47 -52.14 -17.14 37.45
C ASN C 47 -51.64 -16.58 36.12
N LEU C 48 -50.55 -15.80 36.16
CA LEU C 48 -49.99 -15.27 34.92
C LEU C 48 -49.52 -16.39 33.99
N GLN C 49 -49.03 -17.49 34.55
CA GLN C 49 -48.66 -18.64 33.73
C GLN C 49 -49.88 -19.25 33.06
N MET C 50 -51.01 -19.30 33.76
CA MET C 50 -52.24 -19.75 33.11
C MET C 50 -52.58 -18.85 31.92
N LYS C 51 -52.44 -17.54 32.10
CA LYS C 51 -52.68 -16.61 30.99
C LYS C 51 -51.72 -16.88 29.82
N THR C 52 -50.45 -17.08 30.13
CA THR C 52 -49.46 -17.40 29.10
C THR C 52 -49.80 -18.69 28.38
N ILE C 53 -50.33 -19.67 29.12
CA ILE C 53 -50.73 -20.93 28.52
C ILE C 53 -51.86 -20.71 27.52
N GLN C 54 -52.84 -19.87 27.88
CA GLN C 54 -53.90 -19.57 26.93
C GLN C 54 -53.36 -18.88 25.68
N ILE C 55 -52.43 -17.93 25.85
CA ILE C 55 -51.83 -17.26 24.70
C ILE C 55 -51.09 -18.28 23.82
N GLU C 56 -50.40 -19.23 24.44
CA GLU C 56 -49.73 -20.30 23.68
C GLU C 56 -50.73 -21.13 22.91
N SER C 57 -51.89 -21.40 23.51
CA SER C 57 -52.93 -22.14 22.81
C SER C 57 -53.37 -21.40 21.55
N ASP C 58 -53.58 -20.10 21.66
CA ASP C 58 -53.90 -19.30 20.48
C ASP C 58 -52.77 -19.36 19.45
N PHE C 59 -51.52 -19.34 19.92
CA PHE C 59 -50.39 -19.47 19.01
C PHE C 59 -50.45 -20.78 18.22
N TYR C 60 -50.69 -21.90 18.91
CA TYR C 60 -50.76 -23.18 18.21
C TYR C 60 -51.93 -23.24 17.24
N LYS C 61 -53.06 -22.62 17.60
CA LYS C 61 -54.16 -22.53 16.65
C LYS C 61 -53.74 -21.78 15.38
N ARG C 62 -52.99 -20.68 15.56
CA ARG C 62 -52.50 -19.94 14.40
C ARG C 62 -51.55 -20.80 13.56
N VAL C 63 -50.71 -21.60 14.21
CA VAL C 63 -49.81 -22.49 13.47
C VAL C 63 -50.62 -23.52 12.67
N HIS C 64 -51.71 -24.02 13.25
CA HIS C 64 -52.59 -24.94 12.53
C HIS C 64 -53.17 -24.28 11.29
N GLU C 65 -53.64 -23.04 11.43
CA GLU C 65 -54.14 -22.30 10.27
C GLU C 65 -53.05 -22.10 9.23
N LEU C 66 -51.81 -21.86 9.67
CA LEU C 66 -50.70 -21.70 8.74
C LEU C 66 -50.43 -22.99 7.96
N GLU C 67 -50.49 -24.14 8.64
CA GLU C 67 -50.34 -25.41 7.93
C GLU C 67 -51.43 -25.61 6.90
N ILE C 68 -52.68 -25.32 7.27
CA ILE C 68 -53.77 -25.44 6.33
C ILE C 68 -53.53 -24.52 5.13
N GLU C 69 -53.01 -23.32 5.38
CA GLU C 69 -52.72 -22.39 4.29
C GLU C 69 -51.63 -22.94 3.37
N PHE C 70 -50.60 -23.57 3.93
CA PHE C 70 -49.50 -24.09 3.12
C PHE C 70 -49.86 -25.39 2.40
N GLU C 71 -50.99 -26.00 2.77
CA GLU C 71 -51.46 -27.19 2.06
C GLU C 71 -51.50 -26.96 0.54
N GLY C 72 -52.09 -25.83 0.13
CA GLY C 72 -52.20 -25.55 -1.29
C GLY C 72 -50.85 -25.36 -1.96
N LYS C 73 -49.90 -24.75 -1.25
CA LYS C 73 -48.56 -24.57 -1.80
C LYS C 73 -47.89 -25.92 -2.03
N PHE C 74 -48.07 -26.86 -1.10
CA PHE C 74 -47.50 -28.19 -1.28
C PHE C 74 -48.26 -29.02 -2.32
N LYS C 75 -49.52 -28.65 -2.62
CA LYS C 75 -50.36 -29.44 -3.50
C LYS C 75 -49.72 -29.68 -4.86
N SER C 76 -49.15 -28.64 -5.47
CA SER C 76 -48.62 -28.80 -6.82
C SER C 76 -47.50 -29.84 -6.88
N THR C 77 -46.54 -29.73 -5.97
CA THR C 77 -45.42 -30.67 -5.95
C THR C 77 -45.91 -32.08 -5.60
N PHE C 78 -46.86 -32.20 -4.67
CA PHE C 78 -47.34 -33.52 -4.31
C PHE C 78 -48.10 -34.19 -5.45
N ASP C 79 -48.89 -33.41 -6.20
CA ASP C 79 -49.58 -33.96 -7.37
C ASP C 79 -48.59 -34.35 -8.46
N GLN C 80 -47.54 -33.55 -8.65
CA GLN C 80 -46.51 -33.93 -9.62
C GLN C 80 -45.84 -35.23 -9.22
N ARG C 81 -45.57 -35.40 -7.91
CA ARG C 81 -45.04 -36.66 -7.42
C ARG C 81 -45.99 -37.81 -7.74
N LYS C 82 -47.28 -37.63 -7.47
CA LYS C 82 -48.26 -38.67 -7.77
C LYS C 82 -48.24 -39.04 -9.26
N ALA C 83 -48.18 -38.04 -10.13
CA ALA C 83 -48.15 -38.30 -11.57
C ALA C 83 -46.89 -39.06 -11.97
N ILE C 84 -45.73 -38.68 -11.43
CA ILE C 84 -44.48 -39.34 -11.79
C ILE C 84 -44.48 -40.79 -11.31
N VAL C 85 -44.92 -41.01 -10.07
CA VAL C 85 -44.90 -42.38 -9.52
C VAL C 85 -45.83 -43.30 -10.30
N ALA C 86 -46.99 -42.78 -10.72
CA ALA C 86 -47.94 -43.60 -11.46
C ALA C 86 -47.64 -43.68 -12.95
N GLY C 87 -46.56 -43.08 -13.41
CA GLY C 87 -46.24 -43.12 -14.82
C GLY C 87 -47.17 -42.32 -15.69
N GLU C 88 -47.95 -41.42 -15.10
CA GLU C 88 -48.87 -40.60 -15.89
C GLU C 88 -48.11 -39.54 -16.70
N VAL C 89 -47.01 -39.02 -16.14
CA VAL C 89 -46.18 -38.03 -16.80
C VAL C 89 -44.74 -38.56 -16.83
N GLU C 90 -43.96 -38.02 -17.77
CA GLU C 90 -42.58 -38.42 -17.98
C GLU C 90 -41.63 -37.39 -17.39
N PRO C 91 -40.44 -37.81 -16.94
CA PRO C 91 -39.51 -36.86 -16.33
C PRO C 91 -39.03 -35.83 -17.33
N THR C 92 -38.73 -34.63 -16.83
CA THR C 92 -38.23 -33.55 -17.66
C THR C 92 -36.71 -33.53 -17.69
N LYS C 93 -36.15 -32.71 -18.58
CA LYS C 93 -34.70 -32.64 -18.72
C LYS C 93 -34.04 -32.17 -17.43
N GLU C 94 -34.61 -31.12 -16.82
CA GLU C 94 -34.13 -30.68 -15.51
C GLU C 94 -34.33 -31.76 -14.45
N GLN C 95 -35.48 -32.43 -14.50
CA GLN C 95 -35.78 -33.50 -13.55
C GLN C 95 -34.81 -34.66 -13.69
N ILE C 96 -34.43 -34.99 -14.93
CA ILE C 96 -33.49 -36.08 -15.17
C ILE C 96 -32.11 -35.73 -14.64
N ASP C 97 -31.72 -34.46 -14.70
CA ASP C 97 -30.38 -34.04 -14.28
C ASP C 97 -30.27 -33.77 -12.78
N THR C 98 -31.09 -34.46 -11.99
CA THR C 98 -31.01 -34.45 -10.54
C THR C 98 -30.44 -35.77 -10.04
N PRO C 99 -29.41 -35.76 -9.20
CA PRO C 99 -28.85 -37.02 -8.70
C PRO C 99 -29.90 -37.84 -7.95
N ILE C 100 -30.00 -39.12 -8.30
CA ILE C 100 -30.95 -40.01 -7.65
C ILE C 100 -30.62 -40.18 -6.17
N LEU C 101 -29.32 -40.20 -5.85
CA LEU C 101 -28.86 -40.29 -4.47
C LEU C 101 -27.92 -39.12 -4.22
N GLU C 102 -28.22 -38.35 -3.17
CA GLU C 102 -27.38 -37.22 -2.82
C GLU C 102 -26.04 -37.70 -2.25
N GLY C 103 -25.03 -36.84 -2.36
CA GLY C 103 -23.71 -37.19 -1.85
C GLY C 103 -22.94 -38.18 -2.68
N LEU C 104 -23.29 -38.35 -3.95
CA LEU C 104 -22.60 -39.28 -4.84
C LEU C 104 -21.98 -38.49 -5.99
N GLU C 105 -20.72 -38.79 -6.29
CA GLU C 105 -20.00 -38.08 -7.34
C GLU C 105 -20.47 -38.57 -8.72
N GLY C 106 -19.88 -37.97 -9.76
CA GLY C 106 -20.26 -38.33 -11.12
C GLY C 106 -19.94 -39.76 -11.48
N ASP C 107 -18.82 -40.29 -10.97
CA ASP C 107 -18.43 -41.65 -11.28
C ASP C 107 -19.47 -42.65 -10.78
N GLN C 108 -19.77 -42.59 -9.48
CA GLN C 108 -20.74 -43.52 -8.90
C GLN C 108 -22.14 -43.28 -9.44
N LEU C 109 -22.51 -42.01 -9.65
CA LEU C 109 -23.82 -41.72 -10.21
C LEU C 109 -24.00 -42.34 -11.59
N ALA C 110 -23.02 -42.14 -12.48
CA ALA C 110 -23.06 -42.73 -13.80
C ALA C 110 -23.05 -44.25 -13.73
N GLU C 111 -22.22 -44.81 -12.86
CA GLU C 111 -22.12 -46.26 -12.71
C GLU C 111 -23.45 -46.84 -12.25
N LEU C 112 -24.11 -46.18 -11.28
CA LEU C 112 -25.40 -46.65 -10.81
C LEU C 112 -26.45 -46.57 -11.92
N TYR C 113 -26.41 -45.48 -12.70
CA TYR C 113 -27.32 -45.39 -13.84
C TYR C 113 -27.03 -46.49 -14.86
N LYS C 114 -25.77 -46.89 -14.98
CA LYS C 114 -25.38 -47.95 -15.90
C LYS C 114 -25.43 -49.33 -15.25
N ALA C 115 -26.01 -49.44 -14.06
CA ALA C 115 -26.15 -50.73 -13.41
C ALA C 115 -27.39 -51.49 -13.88
N ALA C 116 -28.38 -50.77 -14.38
CA ALA C 116 -29.60 -51.40 -14.89
C ALA C 116 -29.99 -50.74 -16.21
N GLU C 117 -30.58 -51.54 -17.09
CA GLU C 117 -31.05 -51.10 -18.40
C GLU C 117 -32.53 -50.78 -18.28
N ALA C 118 -33.00 -49.83 -19.10
CA ALA C 118 -34.37 -49.38 -18.96
C ALA C 118 -35.33 -50.49 -19.36
N ASP C 119 -36.30 -50.76 -18.48
CA ASP C 119 -37.31 -51.77 -18.72
C ASP C 119 -38.62 -51.11 -19.12
N PRO C 120 -39.08 -51.26 -20.36
CA PRO C 120 -40.37 -50.68 -20.75
C PRO C 120 -41.57 -51.39 -20.13
N SER C 121 -41.38 -52.49 -19.42
CA SER C 121 -42.47 -53.20 -18.76
C SER C 121 -42.70 -52.72 -17.34
N ALA C 122 -42.33 -51.48 -17.02
CA ALA C 122 -42.52 -50.90 -15.71
C ALA C 122 -43.21 -49.55 -15.86
N LYS C 123 -44.39 -49.41 -15.25
CA LYS C 123 -45.14 -48.16 -15.29
C LYS C 123 -44.79 -47.35 -14.05
N GLY C 124 -43.75 -46.53 -14.15
CA GLY C 124 -43.38 -45.67 -13.05
C GLY C 124 -42.78 -46.43 -11.88
N ILE C 125 -42.77 -45.76 -10.73
CA ILE C 125 -42.23 -46.35 -9.51
C ILE C 125 -43.19 -47.42 -9.01
N LYS C 126 -42.65 -48.58 -8.65
CA LYS C 126 -43.44 -49.67 -8.11
C LYS C 126 -43.26 -49.72 -6.60
N ASP C 127 -44.38 -49.84 -5.88
CA ASP C 127 -44.38 -49.93 -4.42
C ASP C 127 -43.69 -48.72 -3.77
N PHE C 128 -43.81 -47.55 -4.40
CA PHE C 128 -43.15 -46.36 -3.88
C PHE C 128 -43.64 -46.04 -2.47
N TRP C 129 -44.96 -45.93 -2.30
CA TRP C 129 -45.49 -45.59 -0.99
C TRP C 129 -45.33 -46.74 0.00
N LEU C 130 -45.43 -47.98 -0.48
CA LEU C 130 -45.14 -49.13 0.37
C LEU C 130 -43.71 -49.07 0.90
N THR C 131 -42.75 -48.82 0.02
CA THR C 131 -41.35 -48.75 0.42
C THR C 131 -41.13 -47.58 1.39
N ALA C 132 -41.71 -46.42 1.08
CA ALA C 132 -41.54 -45.26 1.94
C ALA C 132 -42.10 -45.52 3.33
N LEU C 133 -43.30 -46.11 3.40
CA LEU C 133 -43.92 -46.39 4.68
C LEU C 133 -43.13 -47.43 5.47
N ARG C 134 -42.64 -48.47 4.79
CA ARG C 134 -41.91 -49.53 5.50
C ARG C 134 -40.48 -49.12 5.87
N THR C 135 -39.93 -48.07 5.25
CA THR C 135 -38.61 -47.59 5.67
C THR C 135 -38.69 -46.76 6.95
N HIS C 136 -39.81 -46.07 7.18
CA HIS C 136 -40.00 -45.35 8.43
C HIS C 136 -40.17 -46.35 9.57
N ASP C 137 -39.45 -46.14 10.66
CA ASP C 137 -39.32 -47.16 11.71
C ASP C 137 -40.68 -47.49 12.33
N LEU C 138 -41.38 -46.46 12.80
CA LEU C 138 -42.66 -46.67 13.49
C LEU C 138 -43.66 -47.33 12.56
N VAL C 139 -43.80 -46.82 11.35
CA VAL C 139 -44.72 -47.41 10.38
C VAL C 139 -44.27 -48.81 9.99
N ALA C 140 -42.95 -49.03 9.91
CA ALA C 140 -42.44 -50.36 9.59
C ALA C 140 -42.91 -51.38 10.61
N GLU C 141 -42.93 -51.01 11.90
CA GLU C 141 -43.41 -51.94 12.90
C GLU C 141 -44.89 -52.27 12.75
N ALA C 142 -45.66 -51.44 12.06
CA ALA C 142 -47.08 -51.73 11.86
C ALA C 142 -47.36 -52.60 10.64
N ILE C 143 -46.49 -52.57 9.64
CA ILE C 143 -46.72 -53.31 8.40
C ILE C 143 -46.36 -54.77 8.60
N GLU C 144 -47.32 -55.65 8.42
CA GLU C 144 -47.08 -57.09 8.45
C GLU C 144 -46.91 -57.64 7.04
N GLU C 145 -46.56 -58.92 6.96
CA GLU C 145 -46.24 -59.54 5.68
C GLU C 145 -47.46 -59.59 4.76
N HIS C 146 -48.63 -59.93 5.29
CA HIS C 146 -49.81 -60.05 4.44
C HIS C 146 -50.33 -58.69 3.96
N ASP C 147 -49.88 -57.59 4.58
CA ASP C 147 -50.27 -56.27 4.13
C ASP C 147 -49.44 -55.77 2.95
N VAL C 148 -48.30 -56.40 2.65
CA VAL C 148 -47.43 -55.92 1.58
C VAL C 148 -48.11 -55.95 0.22
N PRO C 149 -48.66 -57.08 -0.24
CA PRO C 149 -49.34 -57.06 -1.56
C PRO C 149 -50.51 -56.11 -1.61
N ILE C 150 -51.24 -55.94 -0.50
CA ILE C 150 -52.36 -55.00 -0.47
C ILE C 150 -51.84 -53.57 -0.61
N LEU C 151 -50.80 -53.23 0.15
CA LEU C 151 -50.22 -51.90 0.10
C LEU C 151 -49.48 -51.61 -1.22
N SER C 152 -49.27 -52.64 -2.05
CA SER C 152 -48.68 -52.40 -3.37
C SER C 152 -49.59 -51.59 -4.30
N TYR C 153 -50.86 -51.40 -3.95
CA TYR C 153 -51.80 -50.64 -4.79
C TYR C 153 -51.90 -49.17 -4.39
N LEU C 154 -51.07 -48.69 -3.46
CA LEU C 154 -51.17 -47.32 -2.95
C LEU C 154 -50.70 -46.32 -4.00
N THR C 155 -51.64 -45.60 -4.60
CA THR C 155 -51.28 -44.56 -5.56
C THR C 155 -50.74 -43.31 -4.88
N ASP C 156 -51.35 -42.91 -3.76
CA ASP C 156 -50.93 -41.71 -3.03
C ASP C 156 -51.31 -41.84 -1.57
N VAL C 157 -50.58 -41.09 -0.74
CA VAL C 157 -50.91 -40.87 0.65
C VAL C 157 -50.89 -39.36 0.86
N THR C 158 -52.03 -38.80 1.25
CA THR C 158 -52.19 -37.36 1.40
C THR C 158 -52.72 -37.05 2.80
N THR C 159 -52.47 -35.82 3.23
CA THR C 159 -52.97 -35.36 4.52
C THR C 159 -53.50 -33.94 4.40
N ALA C 160 -54.48 -33.62 5.24
CA ALA C 160 -55.10 -32.30 5.26
C ALA C 160 -55.68 -32.06 6.65
N ALA C 161 -55.61 -30.80 7.09
CA ALA C 161 -56.01 -30.41 8.43
C ALA C 161 -57.26 -29.54 8.43
N SER C 162 -58.10 -29.73 9.44
CA SER C 162 -59.34 -28.99 9.63
C SER C 162 -59.24 -28.10 10.88
N LYS C 163 -60.06 -27.05 10.92
CA LYS C 163 -60.05 -26.15 12.07
C LYS C 163 -61.19 -26.39 13.05
N ASP C 164 -62.45 -26.45 12.58
CA ASP C 164 -63.54 -26.67 13.53
C ASP C 164 -63.54 -28.10 14.06
N PRO C 165 -63.43 -29.15 13.22
CA PRO C 165 -63.16 -30.48 13.77
C PRO C 165 -61.87 -30.48 14.60
N ALA C 166 -61.03 -29.48 14.36
CA ALA C 166 -59.79 -29.30 15.10
C ALA C 166 -58.92 -30.56 15.05
N GLY C 167 -58.36 -30.79 13.88
CA GLY C 167 -57.55 -31.97 13.70
C GLY C 167 -56.99 -32.07 12.30
N PHE C 168 -56.69 -33.30 11.89
CA PHE C 168 -56.20 -33.54 10.55
C PHE C 168 -56.63 -34.94 10.12
N LYS C 169 -56.38 -35.24 8.86
CA LYS C 169 -56.75 -36.53 8.30
C LYS C 169 -55.65 -37.00 7.36
N ILE C 170 -55.54 -38.32 7.22
CA ILE C 170 -54.66 -38.95 6.25
C ILE C 170 -55.50 -39.85 5.38
N GLU C 171 -55.41 -39.64 4.07
CA GLU C 171 -56.17 -40.43 3.10
C GLU C 171 -55.19 -41.29 2.32
N PHE C 172 -55.36 -42.60 2.41
CA PHE C 172 -54.56 -43.55 1.63
C PHE C 172 -55.36 -43.87 0.38
N HIS C 173 -54.93 -43.30 -0.75
CA HIS C 173 -55.59 -43.52 -2.03
C HIS C 173 -55.09 -44.83 -2.60
N PHE C 174 -55.99 -45.80 -2.73
CA PHE C 174 -55.66 -47.10 -3.31
C PHE C 174 -56.17 -47.18 -4.73
N ALA C 175 -55.60 -48.13 -5.48
CA ALA C 175 -56.02 -48.37 -6.85
C ALA C 175 -57.01 -49.53 -6.87
N THR C 176 -57.40 -49.93 -8.07
CA THR C 176 -58.30 -51.07 -8.23
C THR C 176 -57.59 -52.33 -7.73
N ASN C 177 -58.03 -52.85 -6.59
CA ASN C 177 -57.34 -53.95 -5.93
C ASN C 177 -58.29 -55.11 -5.70
N PRO C 178 -57.78 -56.34 -5.69
CA PRO C 178 -58.63 -57.51 -5.43
C PRO C 178 -58.78 -57.80 -3.95
N TYR C 179 -58.49 -56.84 -3.08
CA TYR C 179 -58.58 -57.04 -1.64
C TYR C 179 -59.74 -56.29 -1.00
N PHE C 180 -60.02 -55.06 -1.43
CA PHE C 180 -61.19 -54.34 -0.96
C PHE C 180 -61.65 -53.39 -2.04
N LYS C 181 -62.91 -52.96 -1.93
CA LYS C 181 -63.50 -52.06 -2.90
C LYS C 181 -63.29 -50.59 -2.57
N ASN C 182 -62.76 -50.27 -1.39
CA ASN C 182 -62.51 -48.88 -1.03
C ASN C 182 -61.46 -48.29 -1.95
N GLN C 183 -61.80 -47.15 -2.57
CA GLN C 183 -60.82 -46.44 -3.38
C GLN C 183 -59.83 -45.68 -2.49
N VAL C 184 -60.30 -45.16 -1.37
CA VAL C 184 -59.46 -44.42 -0.42
C VAL C 184 -59.86 -44.83 0.99
N LEU C 185 -58.87 -45.13 1.82
CA LEU C 185 -59.07 -45.40 3.25
C LEU C 185 -58.60 -44.20 4.06
N THR C 186 -59.49 -43.62 4.85
CA THR C 186 -59.20 -42.38 5.56
C THR C 186 -59.10 -42.63 7.07
N LYS C 187 -58.09 -42.02 7.69
CA LYS C 187 -57.93 -42.04 9.14
C LYS C 187 -57.83 -40.60 9.62
N THR C 188 -58.73 -40.18 10.49
CA THR C 188 -58.82 -38.81 10.96
C THR C 188 -58.51 -38.74 12.45
N TYR C 189 -57.83 -37.67 12.86
CA TYR C 189 -57.54 -37.40 14.26
C TYR C 189 -58.17 -36.07 14.62
N LEU C 190 -59.02 -36.08 15.64
CA LEU C 190 -59.62 -34.89 16.22
C LEU C 190 -58.78 -34.49 17.43
N LEU C 191 -58.27 -33.25 17.40
CA LEU C 191 -57.28 -32.75 18.33
C LEU C 191 -57.83 -31.55 19.10
N GLY C 192 -57.35 -31.36 20.33
CA GLY C 192 -57.74 -30.23 21.15
C GLY C 192 -56.59 -29.25 21.33
N PHE C 193 -56.85 -28.00 20.97
CA PHE C 193 -55.88 -26.92 21.11
C PHE C 193 -56.11 -26.07 22.35
N ASP C 194 -57.12 -26.40 23.16
CA ASP C 194 -57.37 -25.52 24.29
C ASP C 194 -56.88 -26.15 25.59
N PRO C 195 -56.37 -25.31 26.49
CA PRO C 195 -55.91 -25.80 27.80
C PRO C 195 -57.05 -26.39 28.61
N ASP C 196 -56.72 -27.39 29.44
CA ASP C 196 -57.72 -27.97 30.32
C ASP C 196 -58.13 -26.95 31.38
N ALA C 197 -59.43 -26.90 31.68
CA ALA C 197 -59.88 -25.97 32.72
C ALA C 197 -59.55 -26.47 34.12
N GLU C 198 -59.58 -27.79 34.33
CA GLU C 198 -59.24 -28.33 35.64
C GLU C 198 -57.74 -28.28 35.90
N ALA C 199 -56.94 -28.66 34.91
CA ALA C 199 -55.48 -28.72 35.03
C ALA C 199 -54.85 -27.94 33.87
N PRO C 200 -54.91 -26.61 33.93
CA PRO C 200 -54.39 -25.81 32.81
C PRO C 200 -52.88 -25.87 32.63
N LEU C 201 -52.12 -26.09 33.69
CA LEU C 201 -50.67 -25.91 33.62
C LEU C 201 -49.92 -27.11 33.05
N GLN C 202 -50.60 -28.20 32.72
CA GLN C 202 -49.96 -29.33 32.05
C GLN C 202 -50.16 -29.26 30.54
N PHE C 203 -50.28 -28.06 30.00
CA PHE C 203 -50.48 -27.83 28.57
C PHE C 203 -49.13 -27.75 27.88
N ASP C 204 -48.91 -28.61 26.89
CA ASP C 204 -47.67 -28.61 26.11
C ASP C 204 -47.94 -28.39 24.62
N GLY C 205 -49.17 -28.07 24.25
CA GLY C 205 -49.53 -27.95 22.86
C GLY C 205 -50.78 -28.74 22.55
N PRO C 206 -51.14 -28.81 21.27
CA PRO C 206 -52.33 -29.58 20.88
C PRO C 206 -52.21 -31.04 21.29
N HIS C 207 -53.26 -31.55 21.93
CA HIS C 207 -53.37 -32.95 22.29
C HIS C 207 -54.37 -33.64 21.37
N VAL C 208 -54.44 -34.96 21.47
CA VAL C 208 -55.37 -35.74 20.67
C VAL C 208 -56.63 -35.99 21.48
N ILE C 209 -57.78 -35.67 20.89
CA ILE C 209 -59.07 -35.99 21.51
C ILE C 209 -59.53 -37.39 21.14
N ARG C 210 -59.57 -37.70 19.84
CA ARG C 210 -60.00 -39.02 19.41
C ARG C 210 -59.52 -39.30 18.00
N ALA C 211 -59.68 -40.54 17.57
CA ALA C 211 -59.33 -40.98 16.22
C ALA C 211 -60.50 -41.74 15.61
N VAL C 212 -60.75 -41.49 14.33
CA VAL C 212 -61.84 -42.14 13.59
C VAL C 212 -61.25 -42.77 12.34
N GLY C 213 -61.48 -44.07 12.17
CA GLY C 213 -60.98 -44.78 11.02
C GLY C 213 -61.95 -44.83 9.86
N ASP C 214 -62.01 -45.98 9.21
CA ASP C 214 -62.92 -46.20 8.09
C ASP C 214 -63.39 -47.64 8.14
N THR C 215 -64.40 -47.94 7.32
CA THR C 215 -64.92 -49.30 7.21
C THR C 215 -64.44 -49.89 5.90
N ILE C 216 -63.62 -50.94 5.98
CA ILE C 216 -63.00 -51.54 4.80
C ILE C 216 -63.95 -52.59 4.24
N GLU C 217 -64.36 -52.39 2.99
CA GLU C 217 -65.23 -53.33 2.28
C GLU C 217 -64.38 -54.46 1.69
N TRP C 218 -63.84 -55.29 2.58
CA TRP C 218 -63.01 -56.41 2.17
C TRP C 218 -63.78 -57.35 1.26
N GLU C 219 -63.05 -57.93 0.31
CA GLU C 219 -63.61 -58.95 -0.58
C GLU C 219 -63.65 -60.26 0.18
N ASP C 220 -63.71 -61.39 -0.51
CA ASP C 220 -63.97 -62.67 0.15
C ASP C 220 -62.65 -63.33 0.54
N GLY C 221 -62.50 -63.58 1.84
CA GLY C 221 -61.30 -64.20 2.38
C GLY C 221 -60.09 -63.30 2.48
N LYS C 222 -60.25 -61.99 2.28
CA LYS C 222 -59.13 -61.07 2.25
C LYS C 222 -58.98 -60.21 3.51
N ASN C 223 -59.91 -60.31 4.47
CA ASN C 223 -59.82 -59.49 5.68
C ASN C 223 -58.65 -59.97 6.53
N VAL C 224 -57.55 -59.21 6.49
CA VAL C 224 -56.37 -59.53 7.29
C VAL C 224 -56.52 -59.11 8.75
N THR C 225 -57.54 -58.31 9.06
CA THR C 225 -57.78 -57.88 10.44
C THR C 225 -58.39 -59.01 11.26
N ASP C 250 -53.11 -59.68 13.38
CA ASP C 250 -52.09 -58.65 13.27
C ASP C 250 -52.04 -58.08 11.85
N SER C 251 -52.34 -56.79 11.70
CA SER C 251 -52.29 -56.18 10.39
C SER C 251 -52.07 -54.67 10.54
N PHE C 252 -51.51 -54.08 9.48
CA PHE C 252 -51.37 -52.63 9.43
C PHE C 252 -52.72 -51.95 9.28
N PHE C 253 -53.67 -52.60 8.61
CA PHE C 253 -54.96 -51.98 8.33
C PHE C 253 -55.84 -51.89 9.56
N ASN C 254 -55.47 -52.54 10.67
CA ASN C 254 -56.10 -52.23 11.95
C ASN C 254 -55.90 -50.78 12.33
N PHE C 255 -55.00 -50.08 11.66
CA PHE C 255 -54.86 -48.63 11.82
C PHE C 255 -56.17 -47.90 11.54
N PHE C 256 -57.04 -48.49 10.71
CA PHE C 256 -58.33 -47.90 10.41
C PHE C 256 -59.43 -48.39 11.35
N GLU C 257 -59.05 -49.02 12.47
CA GLU C 257 -59.96 -49.41 13.53
C GLU C 257 -59.42 -48.79 14.82
N PRO C 258 -59.63 -47.50 15.02
CA PRO C 258 -58.96 -46.78 16.11
C PRO C 258 -59.51 -47.19 17.47
N PRO C 259 -58.71 -47.03 18.53
CA PRO C 259 -59.22 -47.30 19.88
C PRO C 259 -60.22 -46.27 20.38
N LYS C 260 -59.88 -44.99 20.23
CA LYS C 260 -60.65 -43.88 20.78
C LYS C 260 -61.02 -44.11 22.25
N GLU C 272 -54.52 -48.07 31.76
CA GLU C 272 -53.34 -47.32 31.36
C GLU C 272 -52.94 -47.65 29.92
N GLN C 273 -53.27 -48.88 29.51
CA GLN C 273 -52.82 -49.41 28.23
C GLN C 273 -53.64 -48.87 27.05
N ALA C 274 -54.91 -48.53 27.27
CA ALA C 274 -55.74 -48.00 26.19
C ALA C 274 -55.34 -46.57 25.82
N GLU C 275 -55.07 -45.73 26.82
CA GLU C 275 -54.55 -44.40 26.53
C GLU C 275 -53.21 -44.49 25.82
N GLU C 276 -52.38 -45.47 26.20
CA GLU C 276 -51.14 -45.69 25.47
C GLU C 276 -51.42 -46.08 24.03
N PHE C 277 -52.44 -46.89 23.78
CA PHE C 277 -52.81 -47.23 22.42
C PHE C 277 -53.19 -45.99 21.62
N LEU C 278 -53.99 -45.11 22.23
CA LEU C 278 -54.38 -43.89 21.54
C LEU C 278 -53.18 -42.99 21.26
N GLU C 279 -52.26 -42.90 22.22
CA GLU C 279 -51.08 -42.06 22.01
C GLU C 279 -50.18 -42.60 20.91
N LEU C 280 -49.93 -43.92 20.89
CA LEU C 280 -49.11 -44.48 19.83
C LEU C 280 -49.78 -44.37 18.47
N ASP C 281 -51.10 -44.56 18.42
CA ASP C 281 -51.84 -44.35 17.18
C ASP C 281 -51.67 -42.92 16.68
N TYR C 282 -51.77 -41.94 17.59
CA TYR C 282 -51.56 -40.56 17.23
C TYR C 282 -50.14 -40.32 16.72
N GLU C 283 -49.14 -40.93 17.37
CA GLU C 283 -47.76 -40.76 16.91
C GLU C 283 -47.56 -41.33 15.52
N MET C 284 -48.18 -42.47 15.22
CA MET C 284 -48.08 -43.01 13.87
C MET C 284 -48.72 -42.08 12.85
N GLY C 285 -49.89 -41.53 13.20
CA GLY C 285 -50.53 -40.56 12.31
C GLY C 285 -49.67 -39.33 12.08
N GLN C 286 -49.04 -38.82 13.14
CA GLN C 286 -48.14 -37.68 13.00
C GLN C 286 -46.92 -38.01 12.18
N ALA C 287 -46.38 -39.22 12.34
CA ALA C 287 -45.23 -39.63 11.54
C ALA C 287 -45.59 -39.67 10.06
N ILE C 288 -46.78 -40.18 9.73
CA ILE C 288 -47.21 -40.19 8.35
C ILE C 288 -47.42 -38.77 7.83
N ARG C 289 -48.07 -37.92 8.62
CA ARG C 289 -48.44 -36.59 8.15
C ARG C 289 -47.24 -35.66 8.00
N ASP C 290 -46.38 -35.61 9.02
CA ASP C 290 -45.34 -34.61 9.12
C ASP C 290 -43.99 -35.06 8.58
N THR C 291 -43.71 -36.36 8.55
CA THR C 291 -42.39 -36.86 8.20
C THR C 291 -42.38 -37.64 6.89
N ILE C 292 -43.31 -38.58 6.70
CA ILE C 292 -43.25 -39.45 5.52
C ILE C 292 -43.72 -38.71 4.28
N ILE C 293 -44.95 -38.17 4.31
CA ILE C 293 -45.49 -37.49 3.14
C ILE C 293 -44.61 -36.35 2.66
N PRO C 294 -44.11 -35.44 3.51
CA PRO C 294 -43.25 -34.36 2.99
C PRO C 294 -41.98 -34.85 2.32
N ARG C 295 -41.40 -35.97 2.77
CA ARG C 295 -40.13 -36.45 2.23
C ARG C 295 -40.23 -37.92 1.85
N ALA C 296 -41.25 -38.26 1.06
CA ALA C 296 -41.54 -39.67 0.79
C ALA C 296 -40.40 -40.33 0.03
N VAL C 297 -39.88 -39.65 -0.99
CA VAL C 297 -38.79 -40.25 -1.77
C VAL C 297 -37.57 -40.46 -0.89
N LEU C 298 -37.34 -39.58 0.11
CA LEU C 298 -36.19 -39.79 0.98
C LEU C 298 -36.32 -41.08 1.76
N PHE C 299 -37.56 -41.49 2.04
CA PHE C 299 -37.79 -42.79 2.64
C PHE C 299 -37.78 -43.90 1.59
N TYR C 300 -38.17 -43.61 0.35
CA TYR C 300 -38.11 -44.61 -0.71
C TYR C 300 -36.68 -45.08 -0.93
N THR C 301 -35.75 -44.14 -1.13
CA THR C 301 -34.35 -44.51 -1.26
C THR C 301 -33.78 -45.00 0.07
N GLY C 302 -34.47 -44.74 1.17
CA GLY C 302 -33.95 -45.11 2.47
C GLY C 302 -32.85 -44.22 2.98
N GLU C 303 -32.71 -43.01 2.44
CA GLU C 303 -31.67 -42.11 2.91
C GLU C 303 -32.06 -41.39 4.20
N LEU C 304 -33.31 -41.53 4.64
CA LEU C 304 -33.75 -40.90 5.88
C LEU C 304 -34.61 -41.88 6.66
N GLN C 305 -34.24 -42.13 7.92
CA GLN C 305 -35.02 -42.96 8.83
C GLN C 305 -35.18 -42.20 10.15
N SER C 306 -36.35 -41.60 10.36
CA SER C 306 -36.63 -40.84 11.56
C SER C 306 -37.94 -41.31 12.19
N ASP C 307 -38.34 -40.64 13.27
CA ASP C 307 -39.62 -40.93 13.93
C ASP C 307 -40.55 -39.73 13.84
N GLY D 22 -26.08 -41.62 2.53
CA GLY D 22 -25.53 -41.37 1.22
C GLY D 22 -25.61 -42.60 0.32
N LEU D 23 -24.45 -43.07 -0.14
CA LEU D 23 -24.41 -44.36 -0.82
C LEU D 23 -24.81 -45.49 0.12
N LEU D 24 -24.72 -45.26 1.43
CA LEU D 24 -25.15 -46.20 2.46
C LEU D 24 -26.64 -46.09 2.74
N SER D 25 -27.44 -46.02 1.69
CA SER D 25 -28.89 -45.89 1.84
C SER D 25 -29.50 -47.26 2.06
N THR D 26 -30.30 -47.39 3.13
CA THR D 26 -30.93 -48.65 3.52
C THR D 26 -31.51 -49.42 2.33
N ASN D 27 -32.01 -48.70 1.33
CA ASN D 27 -32.54 -49.34 0.13
C ASN D 27 -31.68 -49.00 -1.08
N PHE D 28 -30.35 -49.11 -0.93
CA PHE D 28 -29.47 -48.76 -2.04
C PHE D 28 -29.47 -49.82 -3.13
N ASP D 29 -29.44 -51.09 -2.75
CA ASP D 29 -29.47 -52.15 -3.75
C ASP D 29 -30.74 -52.07 -4.59
N MET D 30 -31.88 -51.73 -3.98
CA MET D 30 -33.09 -51.52 -4.75
C MET D 30 -32.93 -50.36 -5.72
N ILE D 31 -32.39 -49.23 -5.25
CA ILE D 31 -32.25 -48.05 -6.09
C ILE D 31 -31.34 -48.34 -7.28
N GLN D 32 -30.27 -49.11 -7.07
CA GLN D 32 -29.43 -49.51 -8.20
C GLN D 32 -30.17 -50.48 -9.11
N ALA D 33 -30.99 -51.36 -8.53
CA ALA D 33 -31.71 -52.34 -9.33
C ALA D 33 -32.84 -51.74 -10.15
N LEU D 34 -33.27 -50.52 -9.83
CA LEU D 34 -34.32 -49.88 -10.60
C LEU D 34 -33.83 -49.64 -12.02
N PRO D 35 -34.61 -49.98 -13.05
CA PRO D 35 -34.21 -49.64 -14.43
C PRO D 35 -34.08 -48.14 -14.61
N LEU D 36 -33.12 -47.74 -15.45
CA LEU D 36 -32.96 -46.34 -15.85
C LEU D 36 -34.30 -45.65 -16.04
N ASN D 37 -35.30 -46.39 -16.53
CA ASN D 37 -36.65 -45.84 -16.64
C ASN D 37 -37.17 -45.41 -15.27
N VAL D 38 -37.08 -46.29 -14.28
CA VAL D 38 -37.51 -45.95 -12.94
C VAL D 38 -36.50 -45.02 -12.24
N LYS D 39 -35.22 -45.13 -12.58
CA LYS D 39 -34.22 -44.28 -11.93
C LYS D 39 -34.39 -42.81 -12.28
N GLN D 40 -34.71 -42.49 -13.54
CA GLN D 40 -34.92 -41.10 -13.91
C GLN D 40 -36.17 -40.54 -13.25
N ARG D 41 -37.20 -41.37 -13.08
CA ARG D 41 -38.39 -40.95 -12.34
C ARG D 41 -38.05 -40.66 -10.89
N VAL D 42 -37.20 -41.50 -10.27
CA VAL D 42 -36.76 -41.22 -8.90
C VAL D 42 -36.01 -39.89 -8.86
N CYS D 43 -35.20 -39.60 -9.88
CA CYS D 43 -34.54 -38.30 -9.94
C CYS D 43 -35.54 -37.15 -10.00
N ALA D 44 -36.60 -37.33 -10.78
CA ALA D 44 -37.69 -36.34 -10.81
C ALA D 44 -38.29 -36.16 -9.41
N LEU D 45 -38.49 -37.27 -8.69
CA LEU D 45 -39.00 -37.17 -7.33
C LEU D 45 -38.03 -36.40 -6.43
N LYS D 46 -36.73 -36.55 -6.66
CA LYS D 46 -35.76 -35.76 -5.89
C LYS D 46 -35.90 -34.27 -6.19
N ASN D 47 -36.10 -33.92 -7.46
CA ASN D 47 -36.32 -32.50 -7.81
C ASN D 47 -37.57 -31.94 -7.13
N LEU D 48 -38.67 -32.69 -7.20
CA LEU D 48 -39.89 -32.25 -6.52
C LEU D 48 -39.68 -32.19 -5.01
N GLN D 49 -38.85 -33.09 -4.47
CA GLN D 49 -38.51 -33.04 -3.06
C GLN D 49 -37.77 -31.75 -2.71
N MET D 50 -36.87 -31.31 -3.59
CA MET D 50 -36.20 -30.03 -3.38
C MET D 50 -37.20 -28.88 -3.34
N LYS D 51 -38.16 -28.90 -4.26
CA LYS D 51 -39.20 -27.87 -4.26
C LYS D 51 -39.99 -27.89 -2.94
N THR D 52 -40.36 -29.08 -2.48
CA THR D 52 -41.07 -29.22 -1.21
C THR D 52 -40.23 -28.71 -0.05
N ILE D 53 -38.92 -28.95 -0.10
CA ILE D 53 -38.02 -28.45 0.94
C ILE D 53 -38.05 -26.93 0.99
N GLN D 54 -38.04 -26.29 -0.18
CA GLN D 54 -38.13 -24.83 -0.21
C GLN D 54 -39.45 -24.34 0.38
N ILE D 55 -40.55 -25.02 0.05
CA ILE D 55 -41.83 -24.62 0.64
C ILE D 55 -41.80 -24.74 2.15
N GLU D 56 -41.17 -25.81 2.67
CA GLU D 56 -41.01 -25.95 4.12
C GLU D 56 -40.17 -24.82 4.71
N SER D 57 -39.13 -24.40 3.99
CA SER D 57 -38.30 -23.29 4.45
C SER D 57 -39.14 -22.03 4.61
N ASP D 58 -39.98 -21.74 3.63
CA ASP D 58 -40.89 -20.60 3.74
C ASP D 58 -41.86 -20.79 4.90
N PHE D 59 -42.34 -22.02 5.13
CA PHE D 59 -43.21 -22.28 6.27
C PHE D 59 -42.53 -21.92 7.59
N TYR D 60 -41.29 -22.37 7.77
CA TYR D 60 -40.60 -22.07 9.01
C TYR D 60 -40.34 -20.57 9.15
N LYS D 61 -40.08 -19.88 8.04
CA LYS D 61 -39.98 -18.42 8.10
C LYS D 61 -41.27 -17.80 8.61
N ARG D 62 -42.41 -18.29 8.12
CA ARG D 62 -43.70 -17.77 8.57
C ARG D 62 -43.92 -18.05 10.05
N VAL D 63 -43.53 -19.24 10.53
CA VAL D 63 -43.68 -19.55 11.95
C VAL D 63 -42.82 -18.62 12.80
N HIS D 64 -41.61 -18.33 12.33
CA HIS D 64 -40.76 -17.36 13.05
C HIS D 64 -41.41 -15.99 13.11
N GLU D 65 -41.99 -15.55 12.00
CA GLU D 65 -42.73 -14.28 12.00
C GLU D 65 -43.89 -14.33 12.99
N LEU D 66 -44.55 -15.48 13.09
CA LEU D 66 -45.62 -15.65 14.07
C LEU D 66 -45.10 -15.52 15.50
N GLU D 67 -43.92 -16.09 15.77
CA GLU D 67 -43.31 -15.93 17.09
C GLU D 67 -43.03 -14.46 17.40
N ILE D 68 -42.49 -13.74 16.41
CA ILE D 68 -42.22 -12.32 16.61
C ILE D 68 -43.53 -11.57 16.89
N GLU D 69 -44.59 -11.92 16.18
CA GLU D 69 -45.89 -11.29 16.42
C GLU D 69 -46.39 -11.56 17.83
N PHE D 70 -46.27 -12.81 18.30
CA PHE D 70 -46.78 -13.16 19.61
C PHE D 70 -45.86 -12.68 20.74
N GLU D 71 -44.66 -12.22 20.42
CA GLU D 71 -43.81 -11.62 21.44
C GLU D 71 -44.56 -10.54 22.21
N GLY D 72 -45.26 -9.67 21.47
CA GLY D 72 -46.01 -8.61 22.12
C GLY D 72 -47.15 -9.12 22.97
N LYS D 73 -47.82 -10.19 22.52
CA LYS D 73 -48.91 -10.76 23.31
C LYS D 73 -48.42 -11.31 24.64
N PHE D 74 -47.27 -11.99 24.62
CA PHE D 74 -46.69 -12.48 25.87
C PHE D 74 -46.03 -11.39 26.70
N LYS D 75 -45.67 -10.26 26.06
CA LYS D 75 -44.89 -9.21 26.72
C LYS D 75 -45.59 -8.69 27.97
N SER D 76 -46.89 -8.42 27.90
CA SER D 76 -47.59 -7.82 29.03
C SER D 76 -47.55 -8.74 30.25
N THR D 77 -47.85 -10.02 30.05
CA THR D 77 -47.83 -10.98 31.15
C THR D 77 -46.42 -11.13 31.71
N PHE D 78 -45.41 -11.15 30.84
CA PHE D 78 -44.04 -11.27 31.34
C PHE D 78 -43.61 -10.03 32.11
N ASP D 79 -44.07 -8.84 31.70
CA ASP D 79 -43.77 -7.63 32.46
C ASP D 79 -44.43 -7.67 33.83
N GLN D 80 -45.67 -8.17 33.90
CA GLN D 80 -46.29 -8.33 35.22
C GLN D 80 -45.50 -9.32 36.07
N ARG D 81 -45.00 -10.40 35.44
CA ARG D 81 -44.14 -11.34 36.16
C ARG D 81 -42.91 -10.64 36.71
N LYS D 82 -42.25 -9.82 35.89
CA LYS D 82 -41.08 -9.08 36.33
C LYS D 82 -41.42 -8.18 37.52
N ALA D 83 -42.56 -7.50 37.46
CA ALA D 83 -42.95 -6.62 38.56
C ALA D 83 -43.18 -7.41 39.84
N ILE D 84 -43.86 -8.55 39.75
CA ILE D 84 -44.13 -9.35 40.94
C ILE D 84 -42.86 -9.93 41.53
N VAL D 85 -41.96 -10.45 40.69
CA VAL D 85 -40.73 -11.06 41.18
C VAL D 85 -39.86 -10.02 41.89
N ALA D 86 -39.82 -8.80 41.35
CA ALA D 86 -39.01 -7.73 41.93
C ALA D 86 -39.68 -7.01 43.08
N GLY D 87 -40.88 -7.42 43.47
CA GLY D 87 -41.57 -6.76 44.56
C GLY D 87 -42.07 -5.37 44.25
N GLU D 88 -42.15 -5.02 42.95
CA GLU D 88 -42.60 -3.68 42.58
C GLU D 88 -44.09 -3.49 42.81
N VAL D 89 -44.89 -4.54 42.58
CA VAL D 89 -46.33 -4.47 42.73
C VAL D 89 -46.81 -5.58 43.67
N GLU D 90 -48.03 -5.37 44.26
CA GLU D 90 -48.57 -6.36 45.18
C GLU D 90 -49.65 -7.20 44.51
N PRO D 91 -49.77 -8.46 44.89
CA PRO D 91 -50.74 -9.36 44.24
C PRO D 91 -52.19 -8.98 44.53
N THR D 92 -53.07 -9.35 43.59
CA THR D 92 -54.50 -9.12 43.71
C THR D 92 -55.18 -10.34 44.33
N LYS D 93 -56.48 -10.18 44.62
CA LYS D 93 -57.24 -11.24 45.28
C LYS D 93 -57.30 -12.51 44.45
N GLU D 94 -57.57 -12.38 43.15
CA GLU D 94 -57.55 -13.55 42.27
C GLU D 94 -56.17 -14.19 42.23
N GLN D 95 -55.12 -13.34 42.24
CA GLN D 95 -53.77 -13.85 42.26
C GLN D 95 -53.51 -14.67 43.52
N ILE D 96 -54.06 -14.23 44.65
CA ILE D 96 -53.96 -14.99 45.89
C ILE D 96 -54.74 -16.30 45.77
N ASP D 97 -55.86 -16.27 45.06
CA ASP D 97 -56.74 -17.42 44.93
C ASP D 97 -56.28 -18.41 43.86
N THR D 98 -54.99 -18.44 43.54
CA THR D 98 -54.43 -19.45 42.65
C THR D 98 -53.62 -20.45 43.48
N PRO D 99 -53.88 -21.74 43.35
CA PRO D 99 -53.13 -22.73 44.12
C PRO D 99 -51.64 -22.68 43.80
N ILE D 100 -50.82 -22.63 44.85
CA ILE D 100 -49.37 -22.61 44.66
C ILE D 100 -48.90 -23.92 44.05
N LEU D 101 -49.55 -25.04 44.39
CA LEU D 101 -49.23 -26.33 43.80
C LEU D 101 -50.47 -26.95 43.18
N GLN D 108 -54.54 -29.43 53.33
CA GLN D 108 -53.12 -29.27 53.02
C GLN D 108 -52.81 -27.85 52.57
N LEU D 109 -53.74 -27.24 51.82
CA LEU D 109 -53.54 -25.86 51.37
C LEU D 109 -53.38 -24.92 52.55
N ALA D 110 -54.25 -25.04 53.55
CA ALA D 110 -54.13 -24.20 54.74
C ALA D 110 -52.82 -24.48 55.48
N GLU D 111 -52.47 -25.76 55.62
CA GLU D 111 -51.23 -26.11 56.31
C GLU D 111 -50.00 -25.58 55.57
N LEU D 112 -49.97 -25.74 54.24
CA LEU D 112 -48.83 -25.27 53.48
C LEU D 112 -48.72 -23.75 53.48
N TYR D 113 -49.86 -23.06 53.31
CA TYR D 113 -49.86 -21.60 53.33
C TYR D 113 -49.54 -21.02 54.70
N LYS D 114 -49.98 -21.68 55.78
CA LYS D 114 -49.76 -21.22 57.15
C LYS D 114 -48.51 -21.81 57.80
N ALA D 115 -47.61 -22.40 57.02
CA ALA D 115 -46.45 -23.06 57.60
C ALA D 115 -45.31 -22.11 57.97
N ALA D 116 -45.26 -20.92 57.39
CA ALA D 116 -44.22 -19.94 57.68
C ALA D 116 -44.82 -18.56 57.87
N GLU D 117 -44.15 -17.75 58.70
CA GLU D 117 -44.61 -16.41 59.02
C GLU D 117 -43.99 -15.39 58.08
N ALA D 118 -44.76 -14.35 57.78
CA ALA D 118 -44.34 -13.33 56.83
C ALA D 118 -43.25 -12.44 57.43
N ASP D 119 -42.57 -11.70 56.57
CA ASP D 119 -41.54 -10.75 56.99
C ASP D 119 -42.09 -9.33 56.98
N ASP D 127 -34.18 -14.73 44.26
CA ASP D 127 -33.40 -15.78 43.62
C ASP D 127 -34.28 -16.61 42.69
N PHE D 128 -35.25 -15.94 42.07
CA PHE D 128 -36.21 -16.62 41.21
C PHE D 128 -35.53 -17.31 40.04
N TRP D 129 -34.74 -16.55 39.27
CA TRP D 129 -34.09 -17.11 38.09
C TRP D 129 -32.99 -18.09 38.47
N LEU D 130 -32.29 -17.86 39.58
CA LEU D 130 -31.28 -18.82 40.02
C LEU D 130 -31.90 -20.21 40.21
N THR D 131 -32.99 -20.29 40.97
CA THR D 131 -33.66 -21.56 41.19
C THR D 131 -34.24 -22.12 39.90
N ALA D 132 -34.89 -21.27 39.10
CA ALA D 132 -35.52 -21.74 37.86
C ALA D 132 -34.49 -22.34 36.91
N LEU D 133 -33.37 -21.65 36.70
CA LEU D 133 -32.33 -22.16 35.81
C LEU D 133 -31.68 -23.42 36.39
N ARG D 134 -31.44 -23.45 37.70
CA ARG D 134 -30.78 -24.62 38.27
C ARG D 134 -31.71 -25.83 38.33
N THR D 135 -33.03 -25.63 38.19
CA THR D 135 -33.95 -26.76 38.15
C THR D 135 -33.95 -27.46 36.79
N HIS D 136 -33.72 -26.73 35.70
CA HIS D 136 -33.59 -27.37 34.39
C HIS D 136 -32.28 -28.12 34.31
N ASP D 137 -32.35 -29.39 33.86
CA ASP D 137 -31.19 -30.28 33.94
C ASP D 137 -30.03 -29.77 33.09
N LEU D 138 -30.31 -29.48 31.82
CA LEU D 138 -29.25 -29.05 30.91
C LEU D 138 -28.59 -27.78 31.41
N VAL D 139 -29.39 -26.79 31.79
CA VAL D 139 -28.85 -25.55 32.32
C VAL D 139 -28.14 -25.80 33.65
N ALA D 140 -28.68 -26.72 34.47
CA ALA D 140 -28.06 -27.03 35.75
C ALA D 140 -26.64 -27.55 35.58
N GLU D 141 -26.41 -28.38 34.56
CA GLU D 141 -25.06 -28.89 34.36
C GLU D 141 -24.07 -27.76 34.04
N ALA D 142 -24.56 -26.62 33.58
CA ALA D 142 -23.69 -25.47 33.32
C ALA D 142 -23.52 -24.59 34.55
N ILE D 143 -24.47 -24.58 35.47
CA ILE D 143 -24.38 -23.74 36.66
C ILE D 143 -23.50 -24.43 37.67
N GLU D 144 -22.36 -23.81 37.98
CA GLU D 144 -21.47 -24.31 39.01
C GLU D 144 -21.71 -23.53 40.32
N GLU D 145 -21.02 -23.94 41.38
CA GLU D 145 -21.26 -23.35 42.69
C GLU D 145 -20.93 -21.86 42.72
N HIS D 146 -19.82 -21.46 42.10
CA HIS D 146 -19.44 -20.06 42.15
C HIS D 146 -20.35 -19.17 41.31
N ASP D 147 -21.17 -19.77 40.44
CA ASP D 147 -22.14 -18.99 39.67
C ASP D 147 -23.42 -18.71 40.45
N VAL D 148 -23.65 -19.41 41.56
CA VAL D 148 -24.88 -19.19 42.34
C VAL D 148 -24.97 -17.77 42.87
N PRO D 149 -23.97 -17.22 43.59
CA PRO D 149 -24.09 -15.84 44.04
C PRO D 149 -24.21 -14.85 42.90
N ILE D 150 -23.57 -15.12 41.76
CA ILE D 150 -23.67 -14.22 40.63
C ILE D 150 -25.09 -14.24 40.07
N LEU D 151 -25.65 -15.44 39.89
CA LEU D 151 -27.01 -15.60 39.38
C LEU D 151 -28.08 -15.16 40.37
N SER D 152 -27.71 -14.94 41.64
CA SER D 152 -28.66 -14.36 42.58
C SER D 152 -29.04 -12.92 42.24
N TYR D 153 -28.31 -12.29 41.32
CA TYR D 153 -28.57 -10.92 40.90
C TYR D 153 -29.46 -10.84 39.67
N LEU D 154 -29.98 -11.96 39.18
CA LEU D 154 -30.80 -11.98 37.97
C LEU D 154 -32.18 -11.40 38.25
N THR D 155 -32.40 -10.16 37.81
CA THR D 155 -33.71 -9.53 37.98
C THR D 155 -34.74 -10.08 36.99
N ASP D 156 -34.33 -10.28 35.74
CA ASP D 156 -35.22 -10.80 34.72
C ASP D 156 -34.42 -11.52 33.63
N VAL D 157 -35.09 -12.44 32.95
CA VAL D 157 -34.56 -13.11 31.77
C VAL D 157 -35.60 -13.02 30.67
N THR D 158 -35.24 -12.38 29.56
CA THR D 158 -36.16 -12.14 28.45
C THR D 158 -35.55 -12.65 27.16
N THR D 159 -36.43 -12.95 26.19
CA THR D 159 -36.01 -13.42 24.88
C THR D 159 -36.83 -12.71 23.80
N ALA D 160 -36.21 -12.52 22.64
CA ALA D 160 -36.85 -11.87 21.51
C ALA D 160 -36.20 -12.34 20.22
N ALA D 161 -37.00 -12.41 19.16
CA ALA D 161 -36.56 -12.91 17.87
C ALA D 161 -36.49 -11.79 16.85
N SER D 162 -35.51 -11.85 15.95
CA SER D 162 -35.30 -10.87 14.90
C SER D 162 -35.59 -11.51 13.54
N LYS D 163 -35.98 -10.67 12.57
CA LYS D 163 -36.28 -11.18 11.23
C LYS D 163 -35.18 -10.89 10.21
N ASP D 164 -34.73 -9.62 10.09
CA ASP D 164 -33.72 -9.33 9.07
C ASP D 164 -32.38 -9.97 9.45
N PRO D 165 -31.79 -9.70 10.63
CA PRO D 165 -30.76 -10.64 11.11
C PRO D 165 -31.49 -11.83 11.74
N ALA D 166 -31.91 -12.75 10.89
CA ALA D 166 -32.68 -13.93 11.30
C ALA D 166 -32.05 -14.66 12.49
N GLY D 167 -32.70 -14.57 13.65
CA GLY D 167 -32.20 -15.24 14.82
C GLY D 167 -33.06 -14.92 16.02
N PHE D 168 -32.47 -15.05 17.20
CA PHE D 168 -33.14 -14.66 18.43
C PHE D 168 -32.08 -14.28 19.46
N LYS D 169 -32.54 -13.70 20.57
CA LYS D 169 -31.63 -13.25 21.61
C LYS D 169 -32.21 -13.58 22.97
N ILE D 170 -31.31 -13.77 23.94
CA ILE D 170 -31.66 -13.99 25.34
C ILE D 170 -30.94 -12.94 26.16
N GLU D 171 -31.70 -12.20 26.98
CA GLU D 171 -31.14 -11.16 27.81
C GLU D 171 -31.26 -11.57 29.27
N PHE D 172 -30.13 -11.71 29.94
CA PHE D 172 -30.09 -11.94 31.39
C PHE D 172 -29.87 -10.57 32.00
N HIS D 173 -30.95 -10.00 32.54
CA HIS D 173 -30.88 -8.69 33.16
C HIS D 173 -30.39 -8.86 34.59
N PHE D 174 -29.22 -8.30 34.89
CA PHE D 174 -28.67 -8.35 36.23
C PHE D 174 -28.91 -7.03 36.95
N ALA D 175 -28.79 -7.07 38.27
CA ALA D 175 -28.90 -5.89 39.10
C ALA D 175 -27.51 -5.38 39.41
N THR D 176 -27.44 -4.34 40.25
CA THR D 176 -26.16 -3.81 40.69
C THR D 176 -25.45 -4.88 41.52
N ASN D 177 -24.39 -5.47 40.98
CA ASN D 177 -23.71 -6.59 41.57
C ASN D 177 -22.23 -6.29 41.73
N PRO D 178 -21.58 -6.89 42.73
CA PRO D 178 -20.15 -6.64 42.95
C PRO D 178 -19.24 -7.52 42.08
N TYR D 179 -19.79 -8.11 41.03
CA TYR D 179 -19.03 -9.00 40.15
C TYR D 179 -18.77 -8.41 38.78
N PHE D 180 -19.75 -7.72 38.19
CA PHE D 180 -19.53 -7.06 36.92
C PHE D 180 -20.42 -5.83 36.83
N LYS D 181 -20.06 -4.93 35.90
CA LYS D 181 -20.80 -3.70 35.68
C LYS D 181 -21.91 -3.86 34.65
N ASN D 182 -22.00 -5.02 34.00
CA ASN D 182 -23.05 -5.24 33.02
C ASN D 182 -24.43 -5.17 33.67
N GLN D 183 -25.30 -4.32 33.12
CA GLN D 183 -26.68 -4.33 33.56
C GLN D 183 -27.43 -5.51 32.97
N VAL D 184 -27.13 -5.86 31.72
CA VAL D 184 -27.73 -6.98 31.02
C VAL D 184 -26.65 -7.70 30.22
N LEU D 185 -26.63 -9.03 30.31
CA LEU D 185 -25.75 -9.87 29.51
C LEU D 185 -26.59 -10.54 28.44
N THR D 186 -26.26 -10.31 27.17
CA THR D 186 -27.06 -10.80 26.06
C THR D 186 -26.32 -11.90 25.30
N LYS D 187 -27.06 -12.94 24.93
CA LYS D 187 -26.56 -14.01 24.09
C LYS D 187 -27.46 -14.14 22.88
N THR D 188 -26.91 -13.98 21.69
CA THR D 188 -27.67 -13.96 20.45
C THR D 188 -27.32 -15.17 19.61
N TYR D 189 -28.33 -15.73 18.94
CA TYR D 189 -28.14 -16.83 17.99
C TYR D 189 -28.61 -16.35 16.64
N LEU D 190 -27.73 -16.44 15.65
CA LEU D 190 -28.06 -16.17 14.26
C LEU D 190 -28.35 -17.51 13.59
N LEU D 191 -29.55 -17.62 13.01
CA LEU D 191 -30.12 -18.85 12.49
C LEU D 191 -30.36 -18.73 11.00
N GLY D 192 -30.26 -19.85 10.29
CA GLY D 192 -30.53 -19.91 8.87
C GLY D 192 -31.79 -20.74 8.61
N PHE D 193 -32.74 -20.14 7.91
CA PHE D 193 -34.00 -20.80 7.58
C PHE D 193 -34.01 -21.38 6.18
N ASP D 194 -32.92 -21.22 5.43
CA ASP D 194 -32.89 -21.73 4.07
C ASP D 194 -32.00 -22.96 4.00
N PRO D 195 -32.34 -23.94 3.16
CA PRO D 195 -31.51 -25.14 3.05
C PRO D 195 -30.13 -24.79 2.51
N ASP D 196 -29.12 -25.50 2.99
CA ASP D 196 -27.76 -25.31 2.51
C ASP D 196 -27.62 -25.83 1.09
N ALA D 197 -26.85 -25.11 0.27
CA ALA D 197 -26.62 -25.55 -1.10
C ALA D 197 -25.75 -26.80 -1.15
N GLU D 198 -24.89 -26.99 -0.16
CA GLU D 198 -24.05 -28.19 -0.12
C GLU D 198 -24.88 -29.44 0.15
N ALA D 199 -25.82 -29.36 1.09
CA ALA D 199 -26.69 -30.48 1.45
C ALA D 199 -28.12 -30.00 1.36
N PRO D 200 -28.63 -29.82 0.14
CA PRO D 200 -29.98 -29.24 -0.03
C PRO D 200 -31.11 -30.12 0.49
N LEU D 201 -30.98 -31.43 0.44
CA LEU D 201 -32.06 -32.33 0.83
C LEU D 201 -32.04 -32.66 2.32
N GLN D 202 -31.07 -32.15 3.07
CA GLN D 202 -30.94 -32.40 4.50
C GLN D 202 -31.53 -31.29 5.35
N PHE D 203 -32.63 -30.68 4.91
CA PHE D 203 -33.26 -29.61 5.66
C PHE D 203 -34.21 -30.20 6.69
N ASP D 204 -34.01 -29.82 7.96
CA ASP D 204 -34.85 -30.28 9.06
C ASP D 204 -35.51 -29.13 9.78
N GLY D 205 -35.39 -27.91 9.26
CA GLY D 205 -35.91 -26.73 9.91
C GLY D 205 -34.80 -25.70 10.04
N PRO D 206 -35.09 -24.58 10.71
CA PRO D 206 -34.03 -23.58 10.94
C PRO D 206 -32.91 -24.18 11.78
N HIS D 207 -31.68 -24.03 11.32
CA HIS D 207 -30.50 -24.43 12.04
C HIS D 207 -29.79 -23.19 12.58
N VAL D 208 -28.74 -23.42 13.37
CA VAL D 208 -27.96 -22.32 13.95
C VAL D 208 -26.79 -22.02 13.02
N ILE D 209 -26.65 -20.75 12.65
CA ILE D 209 -25.52 -20.29 11.86
C ILE D 209 -24.34 -19.94 12.75
N ARG D 210 -24.57 -19.10 13.75
CA ARG D 210 -23.51 -18.79 14.71
C ARG D 210 -24.12 -18.22 15.98
N ALA D 211 -23.28 -18.06 17.00
CA ALA D 211 -23.69 -17.52 18.28
C ALA D 211 -22.76 -16.39 18.67
N VAL D 212 -23.33 -15.34 19.25
CA VAL D 212 -22.59 -14.17 19.70
C VAL D 212 -22.87 -13.99 21.18
N GLY D 213 -21.82 -13.95 21.98
CA GLY D 213 -21.98 -13.81 23.41
C GLY D 213 -21.99 -12.37 23.84
N ASP D 214 -21.34 -12.08 24.96
CA ASP D 214 -21.24 -10.73 25.47
C ASP D 214 -19.87 -10.56 26.10
N THR D 215 -19.52 -9.31 26.40
CA THR D 215 -18.27 -8.99 27.08
C THR D 215 -18.60 -8.63 28.51
N ILE D 216 -18.15 -9.46 29.45
CA ILE D 216 -18.46 -9.27 30.86
C ILE D 216 -17.40 -8.38 31.47
N GLU D 217 -17.83 -7.26 32.05
CA GLU D 217 -16.90 -6.35 32.73
C GLU D 217 -16.59 -6.92 34.12
N TRP D 218 -15.91 -8.07 34.11
CA TRP D 218 -15.53 -8.69 35.38
C TRP D 218 -14.66 -7.74 36.16
N GLU D 219 -14.88 -7.69 37.47
CA GLU D 219 -14.01 -6.89 38.34
C GLU D 219 -12.75 -7.66 38.66
N ASP D 220 -12.06 -7.28 39.72
CA ASP D 220 -10.76 -7.87 40.04
C ASP D 220 -11.01 -9.01 41.02
N GLY D 221 -10.62 -10.21 40.64
CA GLY D 221 -10.88 -11.38 41.44
C GLY D 221 -12.31 -11.88 41.40
N LYS D 222 -13.14 -11.33 40.51
CA LYS D 222 -14.53 -11.75 40.41
C LYS D 222 -14.82 -12.61 39.20
N ASN D 223 -13.87 -12.79 38.29
CA ASN D 223 -14.06 -13.59 37.09
C ASN D 223 -14.11 -15.06 37.48
N VAL D 224 -15.31 -15.63 37.54
CA VAL D 224 -15.44 -17.04 37.89
C VAL D 224 -15.10 -17.96 36.73
N THR D 225 -15.02 -17.43 35.51
CA THR D 225 -14.65 -18.22 34.35
C THR D 225 -13.16 -18.52 34.26
N LYS D 226 -12.35 -17.93 35.14
CA LYS D 226 -10.91 -18.12 35.11
C LYS D 226 -10.41 -18.52 36.50
N LYS D 227 -9.32 -19.29 36.52
CA LYS D 227 -8.75 -19.78 37.78
C LYS D 227 -7.23 -19.79 37.66
N ALA D 228 -6.57 -19.84 38.80
CA ALA D 228 -5.12 -19.73 38.87
C ALA D 228 -4.46 -21.09 39.07
N VAL D 229 -3.27 -21.25 38.49
CA VAL D 229 -2.44 -22.43 38.67
C VAL D 229 -0.99 -22.01 38.46
N LYS D 230 -0.06 -22.84 38.94
CA LYS D 230 1.36 -22.52 38.90
C LYS D 230 2.14 -23.68 38.26
N LYS D 231 3.42 -23.42 38.01
CA LYS D 231 4.32 -24.42 37.47
C LYS D 231 5.65 -24.34 38.20
N LYS D 232 6.45 -25.40 38.04
CA LYS D 232 7.67 -25.56 38.83
C LYS D 232 8.72 -24.53 38.44
N GLN D 233 9.72 -24.38 39.31
CA GLN D 233 10.80 -23.41 39.10
C GLN D 233 12.16 -24.07 39.29
N LYS D 241 10.07 -17.61 43.68
CA LYS D 241 8.79 -17.15 43.18
C LYS D 241 8.23 -18.13 42.15
N PHE D 242 6.97 -18.52 42.32
CA PHE D 242 6.30 -19.40 41.38
C PHE D 242 5.54 -18.60 40.33
N LEU D 243 5.61 -19.05 39.08
CA LEU D 243 4.99 -18.35 37.97
C LEU D 243 3.52 -18.74 37.87
N THR D 244 2.63 -17.76 38.01
CA THR D 244 1.20 -18.01 37.97
C THR D 244 0.71 -18.14 36.53
N LYS D 245 -0.23 -19.05 36.31
CA LYS D 245 -0.81 -19.30 34.99
C LYS D 245 -2.33 -19.32 35.11
N THR D 246 -2.98 -18.28 34.61
CA THR D 246 -4.44 -18.25 34.60
C THR D 246 -4.98 -19.24 33.58
N VAL D 247 -5.95 -20.05 34.00
CA VAL D 247 -6.49 -21.11 33.16
C VAL D 247 -8.01 -21.01 33.12
N LYS D 248 -8.59 -21.75 32.17
CA LYS D 248 -10.04 -21.79 32.00
C LYS D 248 -10.71 -22.47 33.19
N ALA D 249 -11.95 -22.07 33.46
CA ALA D 249 -12.71 -22.60 34.58
C ALA D 249 -14.12 -22.94 34.14
N ASP D 250 -14.80 -23.74 34.97
CA ASP D 250 -16.16 -24.18 34.71
C ASP D 250 -17.14 -23.17 35.31
N SER D 251 -17.95 -22.55 34.45
CA SER D 251 -18.93 -21.58 34.92
C SER D 251 -20.10 -21.53 33.94
N PHE D 252 -21.25 -21.08 34.44
CA PHE D 252 -22.39 -20.86 33.57
C PHE D 252 -22.15 -19.69 32.63
N PHE D 253 -21.35 -18.71 33.07
CA PHE D 253 -21.13 -17.50 32.28
C PHE D 253 -20.23 -17.74 31.07
N ASN D 254 -19.60 -18.93 30.96
CA ASN D 254 -19.01 -19.33 29.70
C ASN D 254 -20.06 -19.45 28.60
N PHE D 255 -21.34 -19.49 28.98
CA PHE D 255 -22.43 -19.38 28.01
C PHE D 255 -22.33 -18.10 27.21
N PHE D 256 -21.73 -17.06 27.78
CA PHE D 256 -21.52 -15.78 27.08
C PHE D 256 -20.17 -15.71 26.37
N GLU D 257 -19.49 -16.84 26.23
CA GLU D 257 -18.27 -16.95 25.43
C GLU D 257 -18.50 -18.08 24.44
N PRO D 258 -19.28 -17.83 23.40
CA PRO D 258 -19.76 -18.91 22.52
C PRO D 258 -18.65 -19.46 21.65
N PRO D 259 -18.80 -20.70 21.17
CA PRO D 259 -17.82 -21.24 20.22
C PRO D 259 -17.94 -20.55 18.86
N LYS D 260 -16.80 -20.45 18.19
CA LYS D 260 -16.75 -19.78 16.89
C LYS D 260 -17.22 -20.73 15.78
N SER D 261 -17.68 -20.12 14.68
CA SER D 261 -18.27 -20.87 13.58
C SER D 261 -17.25 -21.24 12.51
N LYS D 262 -16.60 -20.23 11.91
CA LYS D 262 -15.71 -20.46 10.78
C LYS D 262 -14.23 -20.29 11.12
N ASP D 263 -13.90 -19.69 12.26
CA ASP D 263 -12.52 -19.44 12.61
C ASP D 263 -11.78 -20.75 12.91
N GLU D 264 -10.47 -20.73 12.68
CA GLU D 264 -9.64 -21.90 12.94
C GLU D 264 -9.30 -22.01 14.42
N GLU D 275 -17.47 -28.01 16.97
CA GLU D 275 -18.76 -27.73 16.34
C GLU D 275 -19.92 -28.23 17.20
N GLU D 276 -19.71 -29.40 17.83
CA GLU D 276 -20.71 -29.92 18.76
C GLU D 276 -20.89 -28.98 19.94
N PHE D 277 -19.82 -28.31 20.37
CA PHE D 277 -19.94 -27.32 21.43
C PHE D 277 -20.92 -26.22 21.04
N LEU D 278 -20.87 -25.76 19.79
CA LEU D 278 -21.82 -24.76 19.33
C LEU D 278 -23.24 -25.30 19.34
N GLU D 279 -23.42 -26.57 18.96
CA GLU D 279 -24.76 -27.16 18.99
C GLU D 279 -25.29 -27.27 20.41
N LEU D 280 -24.44 -27.64 21.37
CA LEU D 280 -24.88 -27.70 22.77
C LEU D 280 -25.20 -26.31 23.31
N ASP D 281 -24.40 -25.31 22.92
CA ASP D 281 -24.71 -23.93 23.30
C ASP D 281 -26.08 -23.53 22.76
N TYR D 282 -26.35 -23.89 21.50
CA TYR D 282 -27.65 -23.61 20.90
C TYR D 282 -28.76 -24.35 21.64
N GLU D 283 -28.52 -25.60 22.04
CA GLU D 283 -29.53 -26.35 22.77
C GLU D 283 -29.85 -25.71 24.12
N MET D 284 -28.82 -25.25 24.84
CA MET D 284 -29.08 -24.57 26.10
C MET D 284 -29.86 -23.27 25.87
N GLY D 285 -29.49 -22.52 24.83
CA GLY D 285 -30.25 -21.32 24.51
C GLY D 285 -31.70 -21.63 24.18
N GLN D 286 -31.93 -22.72 23.44
CA GLN D 286 -33.29 -23.12 23.12
C GLN D 286 -34.06 -23.52 24.37
N ALA D 287 -33.40 -24.21 25.29
CA ALA D 287 -34.06 -24.59 26.54
C ALA D 287 -34.46 -23.36 27.34
N ILE D 288 -33.57 -22.37 27.42
CA ILE D 288 -33.90 -21.15 28.16
C ILE D 288 -35.03 -20.38 27.47
N ARG D 289 -34.97 -20.24 26.14
CA ARG D 289 -35.95 -19.41 25.44
C ARG D 289 -37.32 -20.09 25.37
N ASP D 290 -37.35 -21.38 25.05
CA ASP D 290 -38.59 -22.07 24.73
C ASP D 290 -39.23 -22.77 25.93
N THR D 291 -38.45 -23.12 26.95
CA THR D 291 -38.97 -23.90 28.07
C THR D 291 -38.94 -23.12 29.38
N ILE D 292 -37.81 -22.52 29.72
CA ILE D 292 -37.65 -21.91 31.05
C ILE D 292 -38.40 -20.58 31.13
N ILE D 293 -38.10 -19.65 30.21
CA ILE D 293 -38.76 -18.35 30.23
C ILE D 293 -40.28 -18.46 30.15
N PRO D 294 -40.86 -19.26 29.24
CA PRO D 294 -42.34 -19.33 29.19
C PRO D 294 -42.97 -19.88 30.46
N ARG D 295 -42.31 -20.78 31.19
CA ARG D 295 -42.90 -21.43 32.36
C ARG D 295 -41.96 -21.33 33.56
N ALA D 296 -41.51 -20.11 33.86
CA ALA D 296 -40.45 -19.93 34.85
C ALA D 296 -40.90 -20.39 36.23
N VAL D 297 -42.09 -19.98 36.66
CA VAL D 297 -42.53 -20.38 37.99
C VAL D 297 -42.69 -21.88 38.05
N LEU D 298 -43.06 -22.52 36.94
CA LEU D 298 -43.20 -23.97 36.95
C LEU D 298 -41.88 -24.66 37.23
N PHE D 299 -40.76 -24.01 36.88
CA PHE D 299 -39.46 -24.51 37.29
C PHE D 299 -39.12 -24.13 38.72
N TYR D 300 -39.57 -22.95 39.16
CA TYR D 300 -39.35 -22.54 40.55
C TYR D 300 -40.03 -23.49 41.52
N THR D 301 -41.32 -23.75 41.32
CA THR D 301 -42.07 -24.67 42.16
C THR D 301 -41.65 -26.12 42.00
N GLY D 302 -40.90 -26.46 40.95
CA GLY D 302 -40.54 -27.85 40.75
C GLY D 302 -41.67 -28.70 40.22
N GLU D 303 -42.69 -28.08 39.64
CA GLU D 303 -43.87 -28.76 39.10
C GLU D 303 -43.63 -29.40 37.74
N LEU D 304 -42.42 -29.29 37.20
CA LEU D 304 -42.10 -29.85 35.90
C LEU D 304 -40.83 -30.68 36.02
N GLN D 305 -40.88 -31.92 35.54
CA GLN D 305 -39.71 -32.79 35.53
C GLN D 305 -39.45 -33.38 34.15
N ALA E 1 18.00 -28.78 -12.79
CA ALA E 1 18.79 -27.85 -11.99
C ALA E 1 20.27 -28.21 -12.05
N LYS E 2 21.13 -27.28 -11.62
CA LYS E 2 22.57 -27.54 -11.52
C LYS E 2 23.06 -26.89 -10.22
N THR E 3 23.02 -27.68 -9.14
CA THR E 3 23.48 -27.23 -7.84
C THR E 3 24.26 -28.37 -7.20
N ARG E 4 25.07 -28.03 -6.19
CA ARG E 4 25.77 -29.06 -5.44
C ARG E 4 24.80 -30.11 -4.92
N SER E 5 23.61 -29.68 -4.52
CA SER E 5 22.59 -30.60 -4.04
C SER E 5 21.96 -31.42 -5.17
N SER E 6 22.04 -30.95 -6.42
CA SER E 6 21.56 -31.75 -7.54
C SER E 6 22.54 -32.85 -7.91
N ARG E 7 23.77 -32.78 -7.42
CA ARG E 7 24.78 -33.79 -7.69
C ARG E 7 24.72 -34.94 -6.70
N ALA E 8 23.69 -34.96 -5.83
CA ALA E 8 23.49 -36.08 -4.93
C ALA E 8 22.04 -36.53 -4.87
N GLY E 9 21.17 -36.08 -5.78
CA GLY E 9 19.80 -36.53 -5.73
C GLY E 9 18.94 -35.89 -4.67
N LEU E 10 19.45 -34.88 -3.97
CA LEU E 10 18.77 -34.27 -2.84
C LEU E 10 18.12 -32.95 -3.23
N GLN E 11 17.02 -32.63 -2.53
CA GLN E 11 16.31 -31.37 -2.70
C GLN E 11 16.53 -30.40 -1.54
N PHE E 12 17.50 -30.66 -0.67
CA PHE E 12 17.80 -29.78 0.44
C PHE E 12 19.10 -29.04 0.15
N PRO E 13 19.32 -27.88 0.77
CA PRO E 13 20.46 -27.06 0.36
C PRO E 13 21.79 -27.54 0.92
N VAL E 14 22.55 -28.27 0.09
CA VAL E 14 23.88 -28.68 0.50
C VAL E 14 24.77 -27.47 0.79
N GLY E 15 24.70 -26.45 -0.07
CA GLY E 15 25.48 -25.25 0.17
C GLY E 15 25.09 -24.54 1.45
N ARG E 16 23.79 -24.36 1.67
CA ARG E 16 23.33 -23.69 2.88
C ARG E 16 23.66 -24.52 4.12
N VAL E 17 23.55 -25.85 4.03
CA VAL E 17 23.92 -26.70 5.16
C VAL E 17 25.41 -26.57 5.47
N HIS E 18 26.24 -26.54 4.43
CA HIS E 18 27.67 -26.32 4.61
C HIS E 18 27.94 -24.99 5.29
N ARG E 19 27.30 -23.93 4.81
CA ARG E 19 27.49 -22.60 5.41
C ARG E 19 27.08 -22.62 6.87
N LEU E 20 25.94 -23.24 7.19
CA LEU E 20 25.51 -23.30 8.58
C LEU E 20 26.48 -24.08 9.45
N LEU E 21 27.03 -25.19 8.92
CA LEU E 21 28.00 -25.96 9.68
C LEU E 21 29.26 -25.15 9.96
N ARG E 22 29.76 -24.43 8.96
CA ARG E 22 30.94 -23.58 9.17
C ARG E 22 30.63 -22.43 10.13
N LYS E 23 29.50 -21.76 9.92
CA LYS E 23 29.14 -20.60 10.72
C LYS E 23 28.87 -20.98 12.17
N GLY E 24 28.39 -22.20 12.42
CA GLY E 24 28.11 -22.63 13.76
C GLY E 24 29.35 -22.90 14.60
N ASN E 25 30.53 -22.87 13.98
CA ASN E 25 31.80 -23.10 14.69
C ASN E 25 31.76 -24.42 15.45
N TYR E 26 31.10 -25.42 14.84
CA TYR E 26 31.06 -26.75 15.42
C TYR E 26 32.45 -27.37 15.46
N ALA E 27 33.27 -27.12 14.44
CA ALA E 27 34.64 -27.60 14.41
C ALA E 27 35.49 -26.54 13.71
N GLU E 28 36.73 -26.90 13.39
CA GLU E 28 37.64 -25.96 12.76
C GLU E 28 37.56 -26.04 11.25
N ARG E 29 37.36 -27.24 10.71
CA ARG E 29 37.17 -27.47 9.29
C ARG E 29 36.03 -28.46 9.10
N VAL E 30 35.34 -28.35 7.97
CA VAL E 30 34.30 -29.30 7.57
C VAL E 30 34.51 -29.67 6.11
N GLY E 31 34.56 -30.98 5.84
CA GLY E 31 34.71 -31.45 4.49
C GLY E 31 33.44 -31.26 3.68
N ALA E 32 33.51 -31.65 2.41
CA ALA E 32 32.35 -31.53 1.53
C ALA E 32 31.33 -32.64 1.76
N GLY E 33 31.77 -33.81 2.20
CA GLY E 33 30.84 -34.93 2.37
C GLY E 33 29.83 -34.72 3.48
N ALA E 34 30.24 -34.06 4.56
CA ALA E 34 29.35 -33.86 5.70
C ALA E 34 28.11 -33.06 5.34
N PRO E 35 28.19 -31.94 4.60
CA PRO E 35 26.94 -31.27 4.18
C PRO E 35 26.04 -32.16 3.36
N VAL E 36 26.60 -32.95 2.45
CA VAL E 36 25.78 -33.85 1.64
C VAL E 36 25.05 -34.83 2.53
N TYR E 37 25.78 -35.44 3.46
CA TYR E 37 25.19 -36.42 4.38
C TYR E 37 24.11 -35.80 5.26
N LEU E 38 24.41 -34.65 5.86
CA LEU E 38 23.45 -34.00 6.75
C LEU E 38 22.19 -33.57 6.00
N ALA E 39 22.36 -32.97 4.81
CA ALA E 39 21.20 -32.54 4.04
C ALA E 39 20.38 -33.75 3.59
N ALA E 40 21.04 -34.85 3.23
CA ALA E 40 20.31 -36.06 2.87
C ALA E 40 19.49 -36.59 4.04
N VAL E 41 20.09 -36.63 5.24
CA VAL E 41 19.38 -37.13 6.41
C VAL E 41 18.19 -36.24 6.76
N LEU E 42 18.39 -34.92 6.71
CA LEU E 42 17.29 -34.00 6.99
C LEU E 42 16.19 -34.11 5.95
N GLU E 43 16.56 -34.28 4.68
CA GLU E 43 15.56 -34.49 3.65
C GLU E 43 14.77 -35.77 3.90
N TYR E 44 15.45 -36.83 4.33
CA TYR E 44 14.75 -38.08 4.61
C TYR E 44 13.75 -37.90 5.75
N LEU E 45 14.18 -37.25 6.84
CA LEU E 45 13.27 -37.04 7.96
C LEU E 45 12.08 -36.18 7.55
N THR E 46 12.34 -35.11 6.80
CA THR E 46 11.25 -34.26 6.32
C THR E 46 10.28 -35.07 5.47
N ALA E 47 10.81 -35.92 4.58
CA ALA E 47 9.96 -36.75 3.73
C ALA E 47 9.11 -37.71 4.54
N GLU E 48 9.70 -38.37 5.54
CA GLU E 48 8.93 -39.33 6.33
C GLU E 48 7.82 -38.64 7.13
N ILE E 49 8.16 -37.53 7.79
CA ILE E 49 7.15 -36.81 8.56
C ILE E 49 6.04 -36.30 7.63
N LEU E 50 6.42 -35.78 6.46
CA LEU E 50 5.43 -35.29 5.51
C LEU E 50 4.55 -36.42 4.99
N GLU E 51 5.13 -37.59 4.75
CA GLU E 51 4.34 -38.74 4.31
C GLU E 51 3.29 -39.10 5.34
N LEU E 52 3.70 -39.24 6.60
CA LEU E 52 2.73 -39.63 7.63
C LEU E 52 1.69 -38.54 7.87
N ALA E 53 2.11 -37.27 7.83
CA ALA E 53 1.17 -36.18 8.06
C ALA E 53 0.23 -35.96 6.89
N GLY E 54 0.64 -36.34 5.69
CA GLY E 54 -0.24 -36.15 4.55
C GLY E 54 -1.20 -37.31 4.47
N ASN E 55 -0.73 -38.51 4.83
CA ASN E 55 -1.67 -39.62 4.98
C ASN E 55 -2.73 -39.30 6.02
N ALA E 56 -2.33 -38.68 7.14
CA ALA E 56 -3.30 -38.29 8.15
C ALA E 56 -4.23 -37.18 7.65
N ALA E 57 -3.70 -36.25 6.86
CA ALA E 57 -4.55 -35.25 6.23
C ALA E 57 -5.58 -35.89 5.31
N ARG E 58 -5.19 -36.96 4.61
CA ARG E 58 -6.16 -37.67 3.78
C ARG E 58 -7.23 -38.35 4.62
N ASP E 59 -6.83 -38.96 5.73
CA ASP E 59 -7.79 -39.60 6.62
C ASP E 59 -8.71 -38.60 7.30
N ASN E 60 -8.42 -37.31 7.17
CA ASN E 60 -9.25 -36.23 7.71
C ASN E 60 -9.87 -35.38 6.62
N LYS E 61 -9.76 -35.80 5.36
CA LYS E 61 -10.41 -35.13 4.22
C LYS E 61 -10.00 -33.67 4.12
N LYS E 62 -8.69 -33.43 4.13
CA LYS E 62 -8.15 -32.08 4.04
C LYS E 62 -6.94 -32.09 3.12
N THR E 63 -6.87 -31.13 2.20
CA THR E 63 -5.73 -31.01 1.30
C THR E 63 -4.63 -30.12 1.86
N ARG E 64 -4.77 -29.63 3.09
CA ARG E 64 -3.74 -28.82 3.73
C ARG E 64 -3.33 -29.49 5.04
N ILE E 65 -2.02 -29.70 5.21
CA ILE E 65 -1.52 -30.40 6.40
C ILE E 65 -1.44 -29.41 7.55
N ILE E 66 -2.44 -29.43 8.42
CA ILE E 66 -2.53 -28.57 9.59
C ILE E 66 -1.53 -29.08 10.63
N PRO E 67 -1.03 -28.24 11.53
CA PRO E 67 -0.11 -28.74 12.56
C PRO E 67 -0.65 -29.89 13.40
N ARG E 68 -1.95 -29.95 13.66
CA ARG E 68 -2.50 -31.11 14.34
C ARG E 68 -2.23 -32.40 13.57
N HIS E 69 -2.19 -32.32 12.24
CA HIS E 69 -1.88 -33.51 11.46
C HIS E 69 -0.46 -33.99 11.74
N LEU E 70 0.49 -33.06 11.82
CA LEU E 70 1.86 -33.43 12.14
C LEU E 70 1.94 -34.00 13.55
N GLN E 71 1.11 -33.48 14.47
CA GLN E 71 1.15 -33.99 15.83
C GLN E 71 0.67 -35.43 15.88
N LEU E 72 -0.46 -35.72 15.23
CA LEU E 72 -0.96 -37.09 15.17
C LEU E 72 0.04 -38.02 14.51
N ALA E 73 0.63 -37.58 13.39
CA ALA E 73 1.60 -38.42 12.69
C ALA E 73 2.81 -38.73 13.57
N VAL E 74 3.33 -37.71 14.27
CA VAL E 74 4.49 -37.93 15.13
C VAL E 74 4.14 -38.89 16.27
N ARG E 75 3.02 -38.64 16.95
CA ARG E 75 2.64 -39.49 18.08
C ARG E 75 2.44 -40.94 17.65
N ASN E 76 1.76 -41.15 16.52
CA ASN E 76 1.48 -42.52 16.06
C ASN E 76 2.76 -43.30 15.75
N ASP E 77 3.72 -42.68 15.08
CA ASP E 77 4.97 -43.35 14.72
C ASP E 77 5.90 -43.31 15.94
N GLU E 78 6.18 -44.49 16.51
CA GLU E 78 6.96 -44.54 17.75
C GLU E 78 8.36 -43.97 17.58
N GLU E 79 9.04 -44.31 16.47
CA GLU E 79 10.39 -43.80 16.26
C GLU E 79 10.40 -42.29 16.12
N LEU E 80 9.46 -41.74 15.34
CA LEU E 80 9.37 -40.29 15.20
C LEU E 80 9.08 -39.63 16.53
N ASN E 81 8.26 -40.27 17.36
CA ASN E 81 7.97 -39.73 18.68
C ASN E 81 9.22 -39.75 19.56
N LYS E 82 10.04 -40.80 19.45
CA LYS E 82 11.30 -40.82 20.19
C LYS E 82 12.22 -39.70 19.73
N LEU E 83 12.27 -39.44 18.41
CA LEU E 83 13.12 -38.37 17.92
C LEU E 83 12.54 -37.00 18.29
N LEU E 84 11.24 -36.82 18.10
CA LEU E 84 10.57 -35.54 18.28
C LEU E 84 9.41 -35.76 19.24
N GLY E 85 9.48 -35.17 20.43
CA GLY E 85 8.41 -35.31 21.40
C GLY E 85 8.53 -34.42 22.62
N GLU F 9 17.33 -21.74 10.70
CA GLU F 9 17.04 -21.08 9.43
C GLU F 9 15.75 -21.62 8.84
N SER F 10 15.44 -21.19 7.62
CA SER F 10 14.20 -21.57 6.94
C SER F 10 14.51 -22.56 5.82
N TYR F 11 13.93 -23.75 5.93
CA TYR F 11 13.98 -24.76 4.87
C TYR F 11 12.65 -24.86 4.14
N ALA F 12 11.87 -23.77 4.14
CA ALA F 12 10.48 -23.84 3.68
C ALA F 12 10.37 -24.24 2.21
N ILE F 13 11.20 -23.64 1.36
CA ILE F 13 11.18 -23.98 -0.07
C ILE F 13 11.50 -25.46 -0.27
N TYR F 14 12.55 -25.94 0.40
CA TYR F 14 12.97 -27.33 0.25
C TYR F 14 11.96 -28.29 0.88
N VAL F 15 11.39 -27.92 2.01
CA VAL F 15 10.32 -28.74 2.60
C VAL F 15 9.14 -28.82 1.64
N TYR F 16 8.85 -27.72 0.94
CA TYR F 16 7.76 -27.72 -0.03
C TYR F 16 8.08 -28.61 -1.23
N LYS F 17 9.33 -28.59 -1.70
CA LYS F 17 9.73 -29.52 -2.75
C LYS F 17 9.53 -30.97 -2.31
N VAL F 18 9.97 -31.28 -1.09
CA VAL F 18 9.84 -32.65 -0.57
C VAL F 18 8.36 -33.01 -0.44
N LEU F 19 7.52 -32.06 -0.04
CA LEU F 19 6.11 -32.33 0.11
C LEU F 19 5.46 -32.63 -1.23
N LYS F 20 5.75 -31.82 -2.25
CA LYS F 20 5.19 -32.09 -3.57
C LYS F 20 5.74 -33.39 -4.15
N GLN F 21 6.96 -33.78 -3.78
CA GLN F 21 7.47 -35.08 -4.19
C GLN F 21 6.73 -36.22 -3.51
N VAL F 22 6.44 -36.09 -2.23
CA VAL F 22 5.83 -37.20 -1.50
C VAL F 22 4.33 -37.23 -1.72
N HIS F 23 3.68 -36.07 -1.60
CA HIS F 23 2.25 -35.96 -1.87
C HIS F 23 2.05 -34.83 -2.88
N PRO F 24 1.76 -35.17 -4.14
CA PRO F 24 1.69 -34.13 -5.17
C PRO F 24 0.74 -32.98 -4.88
N ASP F 25 -0.51 -33.29 -4.54
CA ASP F 25 -1.56 -32.28 -4.49
C ASP F 25 -1.99 -31.96 -3.06
N THR F 26 -1.24 -32.39 -2.07
CA THR F 26 -1.44 -31.94 -0.70
C THR F 26 -0.72 -30.62 -0.48
N GLY F 27 -1.13 -29.90 0.57
CA GLY F 27 -0.53 -28.62 0.89
C GLY F 27 -0.23 -28.55 2.38
N ILE F 28 0.47 -27.50 2.77
CA ILE F 28 0.89 -27.31 4.15
C ILE F 28 0.59 -25.89 4.57
N SER F 29 0.13 -25.72 5.81
CA SER F 29 -0.12 -24.40 6.36
C SER F 29 1.20 -23.69 6.64
N SER F 30 1.12 -22.44 7.10
CA SER F 30 2.32 -21.70 7.44
C SER F 30 2.81 -22.04 8.84
N LYS F 31 1.88 -22.40 9.73
CA LYS F 31 2.29 -22.80 11.07
C LYS F 31 2.82 -24.23 11.07
N ALA F 32 2.21 -25.09 10.27
CA ALA F 32 2.75 -26.44 10.09
C ALA F 32 4.15 -26.37 9.50
N MET F 33 4.36 -25.45 8.53
CA MET F 33 5.68 -25.28 7.98
C MET F 33 6.66 -24.73 9.01
N SER F 34 6.19 -23.91 9.95
CA SER F 34 7.06 -23.51 11.06
C SER F 34 7.43 -24.69 11.95
N ILE F 35 6.48 -25.60 12.19
CA ILE F 35 6.79 -26.79 12.98
C ILE F 35 7.82 -27.66 12.26
N MET F 36 7.67 -27.78 10.94
CA MET F 36 8.65 -28.54 10.17
C MET F 36 10.03 -27.89 10.21
N ASN F 37 10.08 -26.57 10.11
CA ASN F 37 11.36 -25.88 10.19
C ASN F 37 12.03 -26.14 11.53
N SER F 38 11.25 -26.12 12.61
CA SER F 38 11.80 -26.42 13.93
C SER F 38 12.31 -27.86 13.99
N PHE F 39 11.57 -28.81 13.41
CA PHE F 39 12.04 -30.19 13.37
C PHE F 39 13.39 -30.30 12.69
N VAL F 40 13.50 -29.74 11.48
CA VAL F 40 14.73 -29.83 10.70
C VAL F 40 15.89 -29.17 11.45
N ASN F 41 15.65 -27.98 12.00
CA ASN F 41 16.72 -27.28 12.71
C ASN F 41 17.15 -28.02 13.97
N ASP F 42 16.21 -28.59 14.72
CA ASP F 42 16.55 -29.32 15.93
C ASP F 42 17.41 -30.54 15.60
N VAL F 43 17.01 -31.30 14.57
CA VAL F 43 17.81 -32.45 14.17
C VAL F 43 19.19 -31.99 13.70
N PHE F 44 19.24 -30.89 12.95
CA PHE F 44 20.52 -30.33 12.53
C PHE F 44 21.41 -30.03 13.73
N GLU F 45 20.86 -29.36 14.73
CA GLU F 45 21.64 -28.98 15.90
C GLU F 45 22.17 -30.21 16.64
N ARG F 46 21.32 -31.22 16.84
CA ARG F 46 21.78 -32.40 17.56
C ARG F 46 22.88 -33.13 16.78
N ILE F 47 22.67 -33.33 15.48
CA ILE F 47 23.65 -34.05 14.67
C ILE F 47 24.97 -33.28 14.62
N ALA F 48 24.90 -31.95 14.45
CA ALA F 48 26.12 -31.16 14.36
C ALA F 48 26.86 -31.11 15.68
N GLY F 49 26.13 -30.99 16.80
CA GLY F 49 26.79 -31.01 18.10
C GLY F 49 27.48 -32.33 18.39
N GLU F 50 26.81 -33.44 18.09
CA GLU F 50 27.44 -34.74 18.28
C GLU F 50 28.65 -34.89 17.37
N ALA F 51 28.55 -34.39 16.13
CA ALA F 51 29.70 -34.44 15.23
C ALA F 51 30.87 -33.64 15.80
N SER F 52 30.59 -32.48 16.39
CA SER F 52 31.65 -31.69 17.01
C SER F 52 32.30 -32.45 18.17
N ARG F 53 31.48 -33.08 19.00
CA ARG F 53 32.02 -33.82 20.14
C ARG F 53 32.91 -34.96 19.66
N LEU F 54 32.47 -35.70 18.65
CA LEU F 54 33.28 -36.78 18.11
C LEU F 54 34.50 -36.26 17.36
N ALA F 55 34.48 -35.00 16.93
CA ALA F 55 35.65 -34.42 16.29
C ALA F 55 36.67 -33.90 17.29
N HIS F 56 36.27 -33.62 18.53
CA HIS F 56 37.27 -33.30 19.56
C HIS F 56 38.24 -34.45 19.78
N TYR F 57 37.80 -35.69 19.58
CA TYR F 57 38.64 -36.87 19.69
C TYR F 57 39.44 -37.13 18.42
N ASN F 58 39.58 -36.12 17.58
CA ASN F 58 40.28 -36.19 16.32
C ASN F 58 41.29 -35.05 16.24
N LYS F 59 42.12 -35.09 15.20
CA LYS F 59 43.21 -34.13 15.01
C LYS F 59 42.74 -32.99 14.12
N ARG F 60 42.96 -31.75 14.59
CA ARG F 60 42.66 -30.53 13.85
C ARG F 60 41.17 -30.30 13.59
N SER F 61 40.30 -30.99 14.34
CA SER F 61 38.86 -30.73 14.35
C SER F 61 38.26 -30.59 12.95
N THR F 62 38.31 -31.69 12.20
CA THR F 62 37.73 -31.75 10.86
C THR F 62 36.51 -32.66 10.90
N ILE F 63 35.42 -32.20 10.30
CA ILE F 63 34.15 -32.93 10.28
C ILE F 63 33.90 -33.45 8.88
N THR F 64 33.84 -34.77 8.76
CA THR F 64 33.58 -35.45 7.50
C THR F 64 32.30 -36.26 7.63
N SER F 65 32.03 -37.09 6.62
CA SER F 65 30.86 -37.96 6.66
C SER F 65 30.89 -38.90 7.86
N ARG F 66 32.09 -39.21 8.36
CA ARG F 66 32.23 -40.12 9.50
C ARG F 66 31.50 -39.59 10.73
N GLU F 67 31.78 -38.34 11.11
CA GLU F 67 31.17 -37.77 12.32
C GLU F 67 29.66 -37.65 12.18
N ILE F 68 29.18 -37.21 11.01
CA ILE F 68 27.75 -37.13 10.78
C ILE F 68 27.12 -38.52 10.90
N GLN F 69 27.78 -39.53 10.32
CA GLN F 69 27.27 -40.90 10.40
C GLN F 69 27.17 -41.37 11.84
N THR F 70 28.23 -41.17 12.63
CA THR F 70 28.21 -41.59 14.01
C THR F 70 27.10 -40.88 14.79
N ALA F 71 26.96 -39.57 14.57
CA ALA F 71 25.89 -38.82 15.23
C ALA F 71 24.51 -39.36 14.82
N VAL F 72 24.33 -39.66 13.54
CA VAL F 72 23.06 -40.20 13.05
C VAL F 72 22.72 -41.50 13.76
N ARG F 73 23.71 -42.40 13.85
CA ARG F 73 23.45 -43.67 14.53
C ARG F 73 23.17 -43.46 16.01
N LEU F 74 23.91 -42.57 16.68
CA LEU F 74 23.71 -42.38 18.10
C LEU F 74 22.47 -41.60 18.46
N LEU F 75 21.84 -40.92 17.48
CA LEU F 75 20.67 -40.09 17.77
C LEU F 75 19.38 -40.65 17.19
N LEU F 76 19.38 -40.95 15.89
CA LEU F 76 18.17 -41.43 15.23
C LEU F 76 17.81 -42.83 15.73
N PRO F 77 16.55 -43.07 16.12
CA PRO F 77 16.18 -44.36 16.72
C PRO F 77 15.90 -45.42 15.66
N GLY F 78 16.62 -46.54 15.75
CA GLY F 78 16.22 -47.75 15.04
C GLY F 78 16.18 -47.59 13.53
N GLU F 79 15.02 -47.97 12.96
CA GLU F 79 14.84 -48.00 11.51
C GLU F 79 15.19 -46.66 10.87
N LEU F 80 14.75 -45.56 11.50
CA LEU F 80 15.08 -44.23 11.00
C LEU F 80 16.58 -44.07 10.81
N ALA F 81 17.37 -44.49 11.81
CA ALA F 81 18.82 -44.41 11.72
C ALA F 81 19.35 -45.18 10.53
N LYS F 82 18.88 -46.42 10.34
CA LYS F 82 19.33 -47.24 9.22
C LYS F 82 19.06 -46.55 7.89
N HIS F 83 17.82 -46.09 7.68
CA HIS F 83 17.49 -45.43 6.41
C HIS F 83 18.28 -44.14 6.22
N ALA F 84 18.44 -43.37 7.29
CA ALA F 84 19.22 -42.14 7.21
C ALA F 84 20.66 -42.42 6.77
N VAL F 85 21.28 -43.42 7.38
CA VAL F 85 22.64 -43.80 6.99
C VAL F 85 22.68 -44.24 5.53
N SER F 86 21.69 -45.02 5.11
CA SER F 86 21.63 -45.45 3.71
C SER F 86 21.63 -44.26 2.76
N GLU F 87 20.71 -43.31 2.98
CA GLU F 87 20.61 -42.18 2.06
C GLU F 87 21.81 -41.24 2.15
N GLY F 88 22.40 -41.08 3.34
CA GLY F 88 23.62 -40.29 3.45
C GLY F 88 24.75 -40.89 2.64
N THR F 89 24.96 -42.20 2.79
CA THR F 89 26.03 -42.87 2.06
C THR F 89 25.77 -42.78 0.56
N LYS F 90 24.52 -43.01 0.14
CA LYS F 90 24.17 -42.88 -1.28
C LYS F 90 24.51 -41.50 -1.81
N ALA F 91 24.15 -40.46 -1.04
CA ALA F 91 24.37 -39.10 -1.52
C ALA F 91 25.85 -38.79 -1.64
N VAL F 92 26.64 -39.18 -0.64
CA VAL F 92 28.08 -38.93 -0.71
C VAL F 92 28.66 -39.70 -1.89
N THR F 93 28.16 -40.91 -2.14
CA THR F 93 28.65 -41.68 -3.28
C THR F 93 28.42 -40.94 -4.59
N LYS F 94 27.18 -40.47 -4.82
CA LYS F 94 26.89 -39.76 -6.07
C LYS F 94 27.61 -38.42 -6.15
N TYR F 95 27.76 -37.72 -5.02
CA TYR F 95 28.44 -36.44 -5.03
C TYR F 95 29.89 -36.61 -5.43
N THR F 96 30.48 -37.75 -5.06
CA THR F 96 31.87 -38.04 -5.42
C THR F 96 31.97 -38.54 -6.86
N SER F 97 30.95 -39.24 -7.34
CA SER F 97 30.92 -39.78 -8.69
C SER F 97 30.99 -38.66 -9.73
N LEU G 24 -11.48 30.03 -2.94
CA LEU G 24 -11.25 29.10 -1.84
C LEU G 24 -12.58 28.74 -1.20
N SER G 25 -12.82 29.27 -0.01
CA SER G 25 -14.03 29.00 0.75
C SER G 25 -15.13 29.96 0.32
N THR G 26 -16.28 29.41 -0.10
CA THR G 26 -17.42 30.24 -0.49
C THR G 26 -17.73 31.28 0.58
N ASN G 27 -17.65 30.89 1.86
CA ASN G 27 -17.89 31.79 2.98
C ASN G 27 -16.58 32.22 3.63
N PHE G 28 -15.56 32.55 2.82
CA PHE G 28 -14.25 32.92 3.37
C PHE G 28 -14.26 34.31 3.97
N ASP G 29 -14.94 35.26 3.31
CA ASP G 29 -15.01 36.62 3.83
C ASP G 29 -15.63 36.64 5.22
N MET G 30 -16.65 35.81 5.45
CA MET G 30 -17.24 35.69 6.77
C MET G 30 -16.21 35.21 7.79
N ILE G 31 -15.45 34.18 7.43
CA ILE G 31 -14.44 33.65 8.35
C ILE G 31 -13.36 34.69 8.62
N GLN G 32 -13.03 35.51 7.62
CA GLN G 32 -12.05 36.57 7.83
C GLN G 32 -12.58 37.60 8.81
N ALA G 33 -13.86 37.96 8.70
CA ALA G 33 -14.44 38.93 9.62
C ALA G 33 -14.72 38.32 10.99
N LEU G 34 -14.72 36.99 11.10
CA LEU G 34 -15.01 36.33 12.37
C LEU G 34 -13.98 36.66 13.43
N PRO G 35 -14.40 37.01 14.65
CA PRO G 35 -13.46 37.21 15.75
C PRO G 35 -12.70 35.93 16.07
N LEU G 36 -11.37 36.04 16.10
CA LEU G 36 -10.46 34.96 16.50
C LEU G 36 -11.01 34.09 17.64
N ASN G 37 -11.74 34.72 18.57
CA ASN G 37 -12.39 33.98 19.64
C ASN G 37 -13.37 32.96 19.09
N VAL G 38 -14.24 33.38 18.18
CA VAL G 38 -15.18 32.44 17.57
C VAL G 38 -14.44 31.53 16.60
N LYS G 39 -13.30 31.98 16.07
CA LYS G 39 -12.52 31.16 15.17
C LYS G 39 -11.99 29.91 15.88
N GLN G 40 -11.60 30.04 17.16
CA GLN G 40 -11.15 28.86 17.89
C GLN G 40 -12.28 27.85 18.10
N ARG G 41 -13.50 28.35 18.31
CA ARG G 41 -14.66 27.45 18.39
C ARG G 41 -14.90 26.75 17.05
N VAL G 42 -14.75 27.48 15.95
CA VAL G 42 -14.86 26.86 14.63
C VAL G 42 -13.80 25.78 14.45
N CYS G 43 -12.59 26.04 14.95
CA CYS G 43 -11.53 25.04 14.90
C CYS G 43 -11.90 23.80 15.71
N ALA G 44 -12.50 24.00 16.88
CA ALA G 44 -13.00 22.87 17.67
C ALA G 44 -14.03 22.08 16.87
N LEU G 45 -14.91 22.79 16.15
CA LEU G 45 -15.87 22.11 15.30
C LEU G 45 -15.17 21.32 14.20
N LYS G 46 -14.06 21.83 13.68
CA LYS G 46 -13.29 21.08 12.69
C LYS G 46 -12.73 19.78 13.28
N ASN G 47 -12.23 19.86 14.52
CA ASN G 47 -11.74 18.67 15.19
C ASN G 47 -12.85 17.63 15.36
N LEU G 48 -14.02 18.09 15.81
CA LEU G 48 -15.17 17.19 15.94
C LEU G 48 -15.58 16.65 14.57
N GLN G 49 -15.41 17.44 13.51
CA GLN G 49 -15.69 16.96 12.16
C GLN G 49 -14.78 15.81 11.79
N MET G 50 -13.50 15.90 12.16
CA MET G 50 -12.59 14.77 11.94
C MET G 50 -13.07 13.52 12.68
N LYS G 51 -13.50 13.68 13.93
CA LYS G 51 -14.01 12.53 14.68
C LYS G 51 -15.26 11.94 14.00
N THR G 52 -16.18 12.80 13.56
CA THR G 52 -17.38 12.33 12.87
C THR G 52 -17.03 11.59 11.59
N ILE G 53 -16.01 12.08 10.88
CA ILE G 53 -15.56 11.42 9.66
C ILE G 53 -15.03 10.03 9.97
N GLN G 54 -14.29 9.89 11.07
CA GLN G 54 -13.80 8.58 11.46
C GLN G 54 -14.96 7.63 11.75
N ILE G 55 -16.00 8.14 12.42
CA ILE G 55 -17.19 7.31 12.67
C ILE G 55 -17.83 6.89 11.35
N GLU G 56 -17.88 7.80 10.38
CA GLU G 56 -18.39 7.44 9.06
C GLU G 56 -17.55 6.35 8.40
N SER G 57 -16.23 6.42 8.57
CA SER G 57 -15.36 5.39 8.02
C SER G 57 -15.70 4.02 8.57
N ASP G 58 -15.89 3.94 9.89
CA ASP G 58 -16.31 2.66 10.48
C ASP G 58 -17.68 2.23 9.96
N PHE G 59 -18.61 3.19 9.78
CA PHE G 59 -19.91 2.88 9.21
C PHE G 59 -19.77 2.24 7.82
N TYR G 60 -18.92 2.83 6.97
CA TYR G 60 -18.73 2.28 5.63
C TYR G 60 -18.10 0.88 5.68
N LYS G 61 -17.19 0.65 6.64
CA LYS G 61 -16.67 -0.70 6.81
C LYS G 61 -17.79 -1.68 7.13
N ARG G 62 -18.70 -1.28 8.02
CA ARG G 62 -19.82 -2.16 8.35
C ARG G 62 -20.71 -2.41 7.15
N VAL G 63 -20.95 -1.38 6.32
CA VAL G 63 -21.76 -1.57 5.12
C VAL G 63 -21.08 -2.53 4.16
N HIS G 64 -19.75 -2.44 4.03
CA HIS G 64 -19.02 -3.39 3.20
C HIS G 64 -19.18 -4.83 3.70
N GLU G 65 -19.06 -5.02 5.02
CA GLU G 65 -19.28 -6.35 5.58
C GLU G 65 -20.70 -6.83 5.31
N LEU G 66 -21.66 -5.91 5.36
CA LEU G 66 -23.05 -6.26 5.05
C LEU G 66 -23.20 -6.71 3.60
N GLU G 67 -22.50 -6.04 2.68
CA GLU G 67 -22.52 -6.46 1.28
C GLU G 67 -21.96 -7.87 1.13
N ILE G 68 -20.83 -8.15 1.79
CA ILE G 68 -20.28 -9.50 1.75
C ILE G 68 -21.28 -10.50 2.30
N GLU G 69 -21.99 -10.12 3.35
CA GLU G 69 -23.00 -11.00 3.95
C GLU G 69 -24.11 -11.32 2.94
N PHE G 70 -24.57 -10.31 2.21
CA PHE G 70 -25.67 -10.50 1.26
C PHE G 70 -25.25 -11.15 -0.06
N GLU G 71 -23.94 -11.28 -0.31
CA GLU G 71 -23.48 -11.97 -1.51
C GLU G 71 -24.13 -13.35 -1.67
N GLY G 72 -24.12 -14.14 -0.59
CA GLY G 72 -24.70 -15.47 -0.67
C GLY G 72 -26.20 -15.44 -0.92
N LYS G 73 -26.88 -14.45 -0.35
CA LYS G 73 -28.30 -14.31 -0.58
C LYS G 73 -28.60 -14.03 -2.05
N PHE G 74 -27.77 -13.21 -2.69
CA PHE G 74 -27.94 -12.94 -4.12
C PHE G 74 -27.51 -14.11 -5.01
N LYS G 75 -26.65 -15.00 -4.48
CA LYS G 75 -26.06 -16.06 -5.29
C LYS G 75 -27.10 -16.92 -6.00
N SER G 76 -28.17 -17.30 -5.31
CA SER G 76 -29.14 -18.23 -5.91
C SER G 76 -29.76 -17.64 -7.17
N THR G 77 -30.24 -16.40 -7.06
CA THR G 77 -30.87 -15.74 -8.20
C THR G 77 -29.86 -15.54 -9.33
N PHE G 78 -28.62 -15.16 -9.00
CA PHE G 78 -27.64 -14.94 -10.07
C PHE G 78 -27.26 -16.24 -10.75
N ASP G 79 -27.15 -17.34 -9.99
CA ASP G 79 -26.83 -18.63 -10.58
C ASP G 79 -27.96 -19.14 -11.46
N GLN G 80 -29.22 -18.94 -11.05
CA GLN G 80 -30.33 -19.29 -11.94
C GLN G 80 -30.30 -18.46 -13.21
N ARG G 81 -29.94 -17.18 -13.09
CA ARG G 81 -29.76 -16.35 -14.29
C ARG G 81 -28.72 -16.96 -15.21
N LYS G 82 -27.56 -17.34 -14.66
CA LYS G 82 -26.51 -17.97 -15.46
C LYS G 82 -27.03 -19.25 -16.13
N ALA G 83 -27.81 -20.05 -15.41
CA ALA G 83 -28.34 -21.28 -15.98
C ALA G 83 -29.28 -20.99 -17.15
N ILE G 84 -30.16 -19.99 -17.00
CA ILE G 84 -31.11 -19.67 -18.06
C ILE G 84 -30.37 -19.14 -19.29
N VAL G 85 -29.40 -18.25 -19.11
CA VAL G 85 -28.69 -17.69 -20.25
C VAL G 85 -27.94 -18.77 -21.01
N ALA G 86 -27.37 -19.75 -20.29
CA ALA G 86 -26.61 -20.81 -20.94
C ALA G 86 -27.48 -21.92 -21.48
N GLY G 87 -28.80 -21.82 -21.36
CA GLY G 87 -29.68 -22.85 -21.86
C GLY G 87 -29.61 -24.15 -21.09
N GLU G 88 -29.04 -24.14 -19.89
CA GLU G 88 -28.93 -25.36 -19.11
C GLU G 88 -30.28 -25.77 -18.54
N VAL G 89 -31.12 -24.81 -18.18
CA VAL G 89 -32.45 -25.07 -17.65
C VAL G 89 -33.48 -24.34 -18.50
N GLU G 90 -34.70 -24.85 -18.47
CA GLU G 90 -35.82 -24.27 -19.21
C GLU G 90 -36.75 -23.52 -18.26
N PRO G 91 -37.43 -22.50 -18.75
CA PRO G 91 -38.30 -21.70 -17.87
C PRO G 91 -39.47 -22.51 -17.34
N THR G 92 -39.91 -22.14 -16.14
CA THR G 92 -41.06 -22.79 -15.52
C THR G 92 -42.34 -22.03 -15.87
N LYS G 93 -43.48 -22.63 -15.53
CA LYS G 93 -44.76 -22.02 -15.90
C LYS G 93 -44.92 -20.64 -15.28
N GLU G 94 -44.57 -20.49 -14.01
CA GLU G 94 -44.57 -19.16 -13.39
C GLU G 94 -43.60 -18.24 -14.10
N GLN G 95 -42.43 -18.77 -14.47
CA GLN G 95 -41.42 -17.98 -15.18
C GLN G 95 -41.93 -17.56 -16.56
N ILE G 96 -42.62 -18.46 -17.27
CA ILE G 96 -43.16 -18.10 -18.58
C ILE G 96 -44.28 -17.07 -18.45
N ASP G 97 -45.07 -17.14 -17.38
CA ASP G 97 -46.19 -16.22 -17.20
C ASP G 97 -45.75 -14.90 -16.56
N THR G 98 -44.48 -14.54 -16.78
CA THR G 98 -43.95 -13.25 -16.37
C THR G 98 -43.84 -12.35 -17.58
N PRO G 99 -44.39 -11.13 -17.54
CA PRO G 99 -44.30 -10.24 -18.71
C PRO G 99 -42.85 -9.97 -19.08
N ILE G 100 -42.53 -10.15 -20.37
CA ILE G 100 -41.17 -9.92 -20.82
C ILE G 100 -40.79 -8.45 -20.66
N LEU G 101 -41.74 -7.56 -20.93
CA LEU G 101 -41.59 -6.13 -20.70
C LEU G 101 -42.75 -5.64 -19.86
N GLU G 102 -42.49 -4.65 -19.02
CA GLU G 102 -43.48 -4.15 -18.08
C GLU G 102 -44.09 -2.85 -18.62
N GLY G 103 -45.41 -2.81 -18.63
CA GLY G 103 -46.16 -1.68 -19.16
C GLY G 103 -46.95 -1.99 -20.42
N LEU G 104 -46.61 -3.08 -21.11
CA LEU G 104 -47.35 -3.46 -22.31
C LEU G 104 -48.78 -3.83 -21.97
N GLU G 105 -49.71 -3.40 -22.82
CA GLU G 105 -51.09 -3.86 -22.70
C GLU G 105 -51.17 -5.34 -23.07
N GLY G 106 -52.26 -5.97 -22.64
CA GLY G 106 -52.41 -7.40 -22.86
C GLY G 106 -52.34 -7.78 -24.33
N ASP G 107 -53.02 -7.01 -25.18
CA ASP G 107 -52.97 -7.26 -26.61
C ASP G 107 -51.54 -7.12 -27.14
N GLN G 108 -50.82 -6.10 -26.68
CA GLN G 108 -49.44 -5.92 -27.10
C GLN G 108 -48.56 -7.08 -26.64
N LEU G 109 -48.77 -7.56 -25.41
CA LEU G 109 -47.99 -8.69 -24.92
C LEU G 109 -48.24 -9.93 -25.77
N ALA G 110 -49.52 -10.22 -26.05
CA ALA G 110 -49.83 -11.39 -26.86
C ALA G 110 -49.25 -11.26 -28.27
N GLU G 111 -49.39 -10.08 -28.89
CA GLU G 111 -48.85 -9.89 -30.22
C GLU G 111 -47.32 -10.02 -30.23
N LEU G 112 -46.65 -9.48 -29.20
CA LEU G 112 -45.20 -9.59 -29.12
C LEU G 112 -44.77 -11.04 -29.00
N TYR G 113 -45.48 -11.85 -28.20
CA TYR G 113 -45.11 -13.25 -28.09
C TYR G 113 -45.27 -13.98 -29.42
N LYS G 114 -46.28 -13.62 -30.20
CA LYS G 114 -46.50 -14.21 -31.52
C LYS G 114 -45.82 -13.44 -32.64
N ALA G 115 -44.92 -12.52 -32.30
CA ALA G 115 -44.24 -11.75 -33.34
C ALA G 115 -43.05 -12.49 -33.94
N ALA G 116 -42.49 -13.45 -33.22
CA ALA G 116 -41.40 -14.27 -33.74
C ALA G 116 -41.66 -15.72 -33.37
N GLU G 117 -41.25 -16.62 -34.25
CA GLU G 117 -41.47 -18.05 -34.04
C GLU G 117 -40.26 -18.66 -33.35
N ALA G 118 -40.52 -19.69 -32.54
CA ALA G 118 -39.47 -20.28 -31.74
C ALA G 118 -38.49 -21.05 -32.61
N ASP G 119 -37.20 -20.80 -32.41
CA ASP G 119 -36.15 -21.51 -33.14
C ASP G 119 -35.54 -22.54 -32.20
N PRO G 120 -35.71 -23.84 -32.46
CA PRO G 120 -35.08 -24.85 -31.58
C PRO G 120 -33.58 -24.80 -31.58
N SER G 121 -32.96 -24.30 -32.65
CA SER G 121 -31.50 -24.18 -32.69
C SER G 121 -30.97 -23.21 -31.65
N ALA G 122 -31.79 -22.25 -31.21
CA ALA G 122 -31.38 -21.32 -30.17
C ALA G 122 -31.23 -22.05 -28.85
N LYS G 123 -30.05 -21.93 -28.24
CA LYS G 123 -29.72 -22.64 -27.01
C LYS G 123 -29.47 -21.69 -25.86
N GLY G 124 -30.30 -20.67 -25.74
CA GLY G 124 -30.21 -19.71 -24.66
C GLY G 124 -30.41 -18.31 -25.17
N ILE G 125 -30.14 -17.35 -24.30
CA ILE G 125 -30.30 -15.93 -24.61
C ILE G 125 -28.98 -15.45 -25.20
N LYS G 126 -28.92 -15.37 -26.52
CA LYS G 126 -27.68 -15.02 -27.20
C LYS G 126 -27.28 -13.58 -26.91
N ASP G 127 -25.98 -13.38 -26.66
CA ASP G 127 -25.39 -12.05 -26.45
C ASP G 127 -26.06 -11.32 -25.30
N PHE G 128 -26.49 -12.06 -24.27
CA PHE G 128 -27.20 -11.45 -23.16
C PHE G 128 -26.33 -10.40 -22.46
N TRP G 129 -25.13 -10.81 -22.03
CA TRP G 129 -24.24 -9.89 -21.33
C TRP G 129 -23.69 -8.81 -22.25
N LEU G 130 -23.45 -9.15 -23.52
CA LEU G 130 -23.05 -8.12 -24.48
C LEU G 130 -24.09 -7.01 -24.55
N THR G 131 -25.36 -7.36 -24.71
CA THR G 131 -26.41 -6.37 -24.77
C THR G 131 -26.56 -5.62 -23.45
N ALA G 132 -26.48 -6.34 -22.34
CA ALA G 132 -26.63 -5.71 -21.02
C ALA G 132 -25.54 -4.66 -20.81
N LEU G 133 -24.29 -5.00 -21.13
CA LEU G 133 -23.19 -4.05 -21.00
C LEU G 133 -23.32 -2.90 -21.98
N ARG G 134 -23.74 -3.17 -23.22
CA ARG G 134 -23.79 -2.11 -24.22
C ARG G 134 -24.96 -1.15 -24.01
N THR G 135 -25.97 -1.55 -23.23
CA THR G 135 -27.05 -0.60 -22.95
C THR G 135 -26.65 0.41 -21.88
N HIS G 136 -25.79 0.04 -20.94
CA HIS G 136 -25.29 1.00 -19.96
C HIS G 136 -24.35 1.99 -20.64
N ASP G 137 -24.56 3.29 -20.39
CA ASP G 137 -23.88 4.32 -21.17
C ASP G 137 -22.36 4.26 -20.96
N LEU G 138 -21.92 4.26 -19.71
CA LEU G 138 -20.49 4.30 -19.41
C LEU G 138 -19.78 3.09 -20.00
N VAL G 139 -20.32 1.89 -19.76
CA VAL G 139 -19.70 0.69 -20.30
C VAL G 139 -19.76 0.68 -21.81
N ALA G 140 -20.86 1.19 -22.38
CA ALA G 140 -20.97 1.26 -23.84
C ALA G 140 -19.85 2.11 -24.43
N GLU G 141 -19.48 3.20 -23.75
CA GLU G 141 -18.42 4.05 -24.27
C GLU G 141 -17.08 3.33 -24.41
N ALA G 142 -16.88 2.23 -23.70
CA ALA G 142 -15.65 1.47 -23.80
C ALA G 142 -15.68 0.41 -24.90
N ILE G 143 -16.86 -0.07 -25.26
CA ILE G 143 -16.98 -1.16 -26.24
C ILE G 143 -16.83 -0.61 -27.65
N GLU G 144 -15.80 -1.07 -28.36
CA GLU G 144 -15.57 -0.76 -29.77
C GLU G 144 -16.07 -1.91 -30.64
N GLU G 145 -15.99 -1.71 -31.96
CA GLU G 145 -16.54 -2.70 -32.89
C GLU G 145 -15.81 -4.03 -32.77
N HIS G 146 -14.49 -4.00 -32.67
CA HIS G 146 -13.75 -5.25 -32.58
C HIS G 146 -13.94 -5.95 -31.25
N ASP G 147 -14.49 -5.26 -30.24
CA ASP G 147 -14.78 -5.90 -28.97
C ASP G 147 -16.12 -6.62 -28.94
N VAL G 148 -17.02 -6.30 -29.87
CA VAL G 148 -18.36 -6.90 -29.85
C VAL G 148 -18.32 -8.40 -30.06
N PRO G 149 -17.69 -8.94 -31.10
CA PRO G 149 -17.67 -10.41 -31.25
C PRO G 149 -16.99 -11.13 -30.10
N ILE G 150 -15.98 -10.52 -29.49
CA ILE G 150 -15.34 -11.14 -28.33
C ILE G 150 -16.29 -11.17 -27.15
N LEU G 151 -16.99 -10.05 -26.90
CA LEU G 151 -17.94 -9.99 -25.80
C LEU G 151 -19.18 -10.83 -26.05
N SER G 152 -19.38 -11.32 -27.28
CA SER G 152 -20.46 -12.26 -27.53
C SER G 152 -20.27 -13.59 -26.82
N TYR G 153 -19.08 -13.86 -26.29
CA TYR G 153 -18.78 -15.09 -25.59
C TYR G 153 -18.95 -15.00 -24.09
N LEU G 154 -19.45 -13.87 -23.57
CA LEU G 154 -19.58 -13.65 -22.13
C LEU G 154 -20.74 -14.49 -21.58
N THR G 155 -20.40 -15.59 -20.90
CA THR G 155 -21.43 -16.43 -20.30
C THR G 155 -21.99 -15.81 -19.02
N ASP G 156 -21.12 -15.22 -18.20
CA ASP G 156 -21.54 -14.63 -16.93
C ASP G 156 -20.58 -13.51 -16.56
N VAL G 157 -21.09 -12.57 -15.76
CA VAL G 157 -20.29 -11.52 -15.15
C VAL G 157 -20.62 -11.53 -13.66
N THR G 158 -19.61 -11.75 -12.82
CA THR G 158 -19.81 -11.91 -11.39
C THR G 158 -18.94 -10.92 -10.62
N THR G 159 -19.38 -10.62 -9.40
CA THR G 159 -18.64 -9.72 -8.51
C THR G 159 -18.66 -10.28 -7.09
N ALA G 160 -17.60 -9.97 -6.34
CA ALA G 160 -17.48 -10.41 -4.96
C ALA G 160 -16.58 -9.45 -4.19
N ALA G 161 -16.87 -9.23 -2.92
CA ALA G 161 -16.14 -8.29 -2.10
C ALA G 161 -15.32 -9.02 -1.04
N SER G 162 -14.11 -8.54 -0.79
CA SER G 162 -13.19 -9.12 0.17
C SER G 162 -12.93 -8.17 1.32
N LYS G 163 -12.63 -8.72 2.49
CA LYS G 163 -12.30 -7.92 3.66
C LYS G 163 -10.80 -7.90 3.97
N ASP G 164 -10.12 -9.06 3.96
CA ASP G 164 -8.69 -9.05 4.27
C ASP G 164 -7.91 -8.31 3.18
N PRO G 165 -8.03 -8.68 1.89
CA PRO G 165 -7.65 -7.72 0.85
C PRO G 165 -8.84 -6.79 0.64
N ALA G 166 -8.92 -5.72 1.43
CA ALA G 166 -10.07 -4.81 1.37
C ALA G 166 -10.30 -4.29 -0.04
N GLY G 167 -11.33 -4.83 -0.70
CA GLY G 167 -11.68 -4.47 -2.05
C GLY G 167 -12.84 -5.28 -2.58
N PHE G 168 -12.90 -5.41 -3.90
CA PHE G 168 -13.88 -6.25 -4.56
C PHE G 168 -13.30 -6.71 -5.90
N LYS G 169 -14.02 -7.62 -6.56
CA LYS G 169 -13.57 -8.16 -7.82
C LYS G 169 -14.76 -8.29 -8.77
N ILE G 170 -14.45 -8.23 -10.07
CA ILE G 170 -15.41 -8.48 -11.13
C ILE G 170 -14.83 -9.58 -12.00
N GLU G 171 -15.59 -10.64 -12.21
CA GLU G 171 -15.13 -11.75 -13.02
C GLU G 171 -15.99 -11.83 -14.29
N PHE G 172 -15.34 -11.71 -15.44
CA PHE G 172 -15.97 -11.91 -16.74
C PHE G 172 -15.66 -13.34 -17.17
N HIS G 173 -16.67 -14.19 -17.06
CA HIS G 173 -16.54 -15.58 -17.47
C HIS G 173 -16.77 -15.69 -18.97
N PHE G 174 -15.73 -16.08 -19.71
CA PHE G 174 -15.85 -16.24 -21.14
C PHE G 174 -15.96 -17.72 -21.49
N ALA G 175 -16.47 -17.98 -22.68
CA ALA G 175 -16.60 -19.33 -23.20
C ALA G 175 -15.40 -19.62 -24.11
N THR G 176 -15.43 -20.81 -24.72
CA THR G 176 -14.40 -21.16 -25.67
C THR G 176 -14.49 -20.24 -26.88
N ASN G 177 -13.52 -19.34 -27.02
CA ASN G 177 -13.56 -18.30 -28.05
C ASN G 177 -12.28 -18.33 -28.87
N PRO G 178 -12.33 -17.90 -30.13
CA PRO G 178 -11.12 -17.89 -30.96
C PRO G 178 -10.24 -16.66 -30.75
N TYR G 179 -10.44 -15.97 -29.62
CA TYR G 179 -9.67 -14.77 -29.31
C TYR G 179 -8.65 -14.95 -28.21
N PHE G 180 -9.00 -15.67 -27.14
CA PHE G 180 -8.01 -15.96 -26.11
C PHE G 180 -8.38 -17.28 -25.42
N LYS G 181 -7.40 -17.85 -24.76
CA LYS G 181 -7.59 -19.11 -24.05
C LYS G 181 -8.05 -18.90 -22.61
N ASN G 182 -8.11 -17.65 -22.14
CA ASN G 182 -8.55 -17.39 -20.78
C ASN G 182 -9.98 -17.84 -20.59
N GLN G 183 -10.20 -18.68 -19.57
CA GLN G 183 -11.55 -19.07 -19.22
C GLN G 183 -12.27 -17.97 -18.45
N VAL G 184 -11.54 -17.23 -17.61
CA VAL G 184 -12.11 -16.13 -16.84
C VAL G 184 -11.13 -14.96 -16.84
N LEU G 185 -11.64 -13.75 -17.10
CA LEU G 185 -10.85 -12.54 -16.97
C LEU G 185 -11.30 -11.80 -15.72
N THR G 186 -10.38 -11.55 -14.80
CA THR G 186 -10.70 -10.97 -13.51
C THR G 186 -10.15 -9.56 -13.40
N LYS G 187 -10.94 -8.66 -12.83
CA LYS G 187 -10.52 -7.29 -12.53
C LYS G 187 -10.77 -7.04 -11.06
N THR G 188 -9.71 -6.73 -10.31
CA THR G 188 -9.80 -6.55 -8.87
C THR G 188 -9.53 -5.10 -8.52
N TYR G 189 -10.28 -4.58 -7.54
CA TYR G 189 -10.09 -3.23 -7.03
C TYR G 189 -9.78 -3.33 -5.55
N LEU G 190 -8.65 -2.77 -5.14
CA LEU G 190 -8.27 -2.66 -3.74
C LEU G 190 -8.66 -1.27 -3.26
N LEU G 191 -9.47 -1.23 -2.20
CA LEU G 191 -10.11 -0.02 -1.71
C LEU G 191 -9.69 0.28 -0.28
N GLY G 192 -9.67 1.58 0.05
CA GLY G 192 -9.36 2.04 1.39
C GLY G 192 -10.59 2.63 2.05
N PHE G 193 -10.92 2.14 3.24
CA PHE G 193 -12.07 2.57 4.01
C PHE G 193 -11.72 3.59 5.09
N ASP G 194 -10.50 3.97 5.19
CA ASP G 194 -10.06 4.87 6.24
C ASP G 194 -9.85 6.28 5.70
N PRO G 195 -10.10 7.29 6.53
CA PRO G 195 -9.90 8.68 6.10
C PRO G 195 -8.43 8.93 5.75
N ASP G 196 -8.21 9.80 4.78
CA ASP G 196 -6.86 10.17 4.39
C ASP G 196 -6.19 10.96 5.51
N ALA G 197 -4.91 10.69 5.73
CA ALA G 197 -4.17 11.45 6.74
C ALA G 197 -3.85 12.87 6.26
N GLU G 198 -3.65 13.04 4.95
CA GLU G 198 -3.37 14.37 4.41
C GLU G 198 -4.59 15.26 4.43
N ALA G 199 -5.74 14.74 4.02
CA ALA G 199 -6.99 15.50 3.95
C ALA G 199 -8.07 14.74 4.71
N PRO G 200 -8.03 14.77 6.04
CA PRO G 200 -9.02 14.01 6.81
C PRO G 200 -10.44 14.49 6.57
N LEU G 201 -10.63 15.77 6.30
CA LEU G 201 -11.96 16.34 6.14
C LEU G 201 -12.49 16.22 4.72
N GLN G 202 -11.69 15.68 3.80
CA GLN G 202 -12.10 15.45 2.42
C GLN G 202 -12.53 14.00 2.20
N PHE G 203 -13.12 13.37 3.23
CA PHE G 203 -13.56 11.98 3.15
C PHE G 203 -14.98 11.92 2.60
N ASP G 204 -15.16 11.14 1.54
CA ASP G 204 -16.48 10.95 0.93
C ASP G 204 -16.90 9.50 0.88
N GLY G 205 -16.16 8.60 1.51
CA GLY G 205 -16.45 7.19 1.43
C GLY G 205 -15.24 6.38 1.04
N PRO G 206 -15.43 5.07 0.81
CA PRO G 206 -14.31 4.24 0.39
C PRO G 206 -13.71 4.74 -0.92
N HIS G 207 -12.39 4.88 -0.94
CA HIS G 207 -11.67 5.25 -2.14
C HIS G 207 -10.97 4.04 -2.73
N VAL G 208 -10.46 4.19 -3.94
CA VAL G 208 -9.74 3.12 -4.62
C VAL G 208 -8.26 3.29 -4.35
N ILE G 209 -7.62 2.23 -3.86
CA ILE G 209 -6.18 2.23 -3.66
C ILE G 209 -5.47 1.80 -4.94
N ARG G 210 -5.90 0.69 -5.53
CA ARG G 210 -5.29 0.25 -6.78
C ARG G 210 -6.24 -0.66 -7.53
N ALA G 211 -5.87 -0.95 -8.78
CA ALA G 211 -6.62 -1.85 -9.65
C ALA G 211 -5.65 -2.86 -10.24
N VAL G 212 -6.09 -4.11 -10.32
CA VAL G 212 -5.30 -5.21 -10.85
C VAL G 212 -6.12 -5.86 -11.96
N GLY G 213 -5.53 -5.94 -13.15
CA GLY G 213 -6.23 -6.52 -14.28
C GLY G 213 -5.96 -8.01 -14.42
N ASP G 214 -5.80 -8.46 -15.66
CA ASP G 214 -5.51 -9.86 -15.94
C ASP G 214 -4.59 -9.91 -17.15
N THR G 215 -4.03 -11.10 -17.39
CA THR G 215 -3.20 -11.34 -18.57
C THR G 215 -4.00 -12.18 -19.55
N ILE G 216 -4.31 -11.60 -20.70
CA ILE G 216 -5.15 -12.25 -21.71
C ILE G 216 -4.26 -13.08 -22.62
N GLU G 217 -4.54 -14.39 -22.68
CA GLU G 217 -3.80 -15.30 -23.56
C GLU G 217 -4.34 -15.12 -24.99
N TRP G 218 -4.06 -13.95 -25.54
CA TRP G 218 -4.55 -13.60 -26.87
C TRP G 218 -4.04 -14.61 -27.90
N GLU G 219 -4.90 -14.95 -28.84
CA GLU G 219 -4.48 -15.78 -29.95
C GLU G 219 -3.77 -14.93 -30.99
N ASP G 220 -3.01 -15.58 -31.86
CA ASP G 220 -2.16 -14.87 -32.81
C ASP G 220 -3.02 -14.01 -33.74
N GLY G 221 -2.75 -12.70 -33.73
CA GLY G 221 -3.49 -11.76 -34.53
C GLY G 221 -4.87 -11.42 -34.03
N LYS G 222 -5.24 -11.86 -32.82
CA LYS G 222 -6.55 -11.58 -32.25
C LYS G 222 -6.48 -10.53 -31.16
N ASN G 223 -5.28 -10.04 -30.83
CA ASN G 223 -5.10 -9.02 -29.82
C ASN G 223 -5.70 -7.72 -30.33
N VAL G 224 -6.91 -7.40 -29.87
CA VAL G 224 -7.59 -6.18 -30.31
C VAL G 224 -7.06 -4.94 -29.61
N THR G 225 -6.31 -5.10 -28.52
CA THR G 225 -5.73 -3.96 -27.80
C THR G 225 -4.52 -3.37 -28.50
N LYS G 226 -4.01 -4.02 -29.55
CA LYS G 226 -2.80 -3.59 -30.22
C LYS G 226 -3.11 -3.14 -31.66
N LYS G 227 -2.58 -1.98 -32.04
CA LYS G 227 -2.68 -1.45 -33.38
C LYS G 227 -1.28 -1.37 -33.98
N ALA G 228 -1.22 -1.50 -35.31
CA ALA G 228 0.04 -1.50 -36.04
C ALA G 228 0.19 -0.17 -36.76
N VAL G 229 0.77 0.80 -36.07
CA VAL G 229 1.09 2.10 -36.66
C VAL G 229 2.43 1.93 -37.38
N LYS G 230 2.38 1.81 -38.72
CA LYS G 230 3.58 1.56 -39.48
C LYS G 230 4.44 2.81 -39.57
N LYS G 231 5.08 3.16 -38.46
CA LYS G 231 5.92 4.35 -38.38
C LYS G 231 6.97 4.16 -37.29
N THR G 244 7.49 0.00 -38.60
CA THR G 244 6.25 -0.30 -37.89
C THR G 244 6.42 -0.09 -36.38
N LYS G 245 5.30 0.00 -35.67
CA LYS G 245 5.32 0.20 -34.22
C LYS G 245 4.04 -0.35 -33.63
N THR G 246 4.17 -1.13 -32.55
CA THR G 246 3.01 -1.65 -31.84
C THR G 246 2.53 -0.59 -30.85
N VAL G 247 1.34 -0.05 -31.09
CA VAL G 247 0.78 0.99 -30.24
C VAL G 247 -0.49 0.46 -29.60
N LYS G 248 -0.88 1.07 -28.48
CA LYS G 248 -2.12 0.67 -27.83
C LYS G 248 -3.32 1.12 -28.64
N ALA G 249 -4.29 0.23 -28.78
CA ALA G 249 -5.52 0.50 -29.49
C ALA G 249 -6.68 0.65 -28.51
N ASP G 250 -7.75 1.28 -28.98
CA ASP G 250 -8.92 1.50 -28.15
C ASP G 250 -9.76 0.23 -28.11
N SER G 251 -9.91 -0.35 -26.92
CA SER G 251 -10.70 -1.56 -26.78
C SER G 251 -11.24 -1.65 -25.36
N PHE G 252 -12.34 -2.39 -25.20
CA PHE G 252 -12.89 -2.62 -23.87
C PHE G 252 -11.94 -3.46 -23.02
N PHE G 253 -11.18 -4.35 -23.65
CA PHE G 253 -10.33 -5.26 -22.90
C PHE G 253 -9.09 -4.58 -22.33
N ASN G 254 -8.82 -3.33 -22.71
CA ASN G 254 -7.87 -2.52 -21.96
C ASN G 254 -8.33 -2.32 -20.53
N PHE G 255 -9.59 -2.62 -20.24
CA PHE G 255 -10.10 -2.66 -18.87
C PHE G 255 -9.28 -3.60 -17.99
N PHE G 256 -8.66 -4.62 -18.58
CA PHE G 256 -7.85 -5.55 -17.81
C PHE G 256 -6.37 -5.18 -17.75
N GLU G 257 -6.01 -3.99 -18.22
CA GLU G 257 -4.67 -3.44 -18.03
C GLU G 257 -4.78 -2.04 -17.44
N PRO G 258 -5.16 -1.95 -16.16
CA PRO G 258 -5.45 -0.63 -15.58
C PRO G 258 -4.17 0.15 -15.34
N PRO G 259 -4.27 1.48 -15.25
CA PRO G 259 -3.08 2.27 -14.93
C PRO G 259 -2.63 2.08 -13.49
N LYS G 260 -1.34 2.30 -13.26
CA LYS G 260 -0.75 2.16 -11.95
C LYS G 260 -1.01 3.41 -11.11
N SER G 261 -0.74 3.30 -9.80
CA SER G 261 -0.96 4.40 -8.88
C SER G 261 0.04 4.31 -7.73
N LYS G 262 0.73 5.43 -7.46
CA LYS G 262 1.77 5.53 -6.44
C LYS G 262 2.94 4.61 -6.75
N ASP G 263 2.83 3.88 -7.86
CA ASP G 263 3.92 3.08 -8.41
C ASP G 263 4.20 3.50 -9.85
N GLU G 264 3.67 4.66 -10.25
CA GLU G 264 3.80 5.15 -11.61
C GLU G 264 5.26 5.48 -11.93
N ARG G 265 5.62 5.29 -13.20
CA ARG G 265 7.01 5.47 -13.64
C ARG G 265 7.32 6.96 -13.66
N ASN G 266 7.54 7.51 -12.47
CA ASN G 266 7.84 8.94 -12.28
C ASN G 266 6.71 9.73 -12.93
N GLU G 267 6.99 10.77 -13.70
CA GLU G 267 6.04 11.29 -14.69
C GLU G 267 6.49 10.95 -16.10
N ASP G 268 7.57 10.16 -16.24
CA ASP G 268 8.18 9.95 -17.55
C ASP G 268 7.24 9.22 -18.50
N GLU G 269 6.59 8.16 -18.03
CA GLU G 269 5.67 7.41 -18.87
C GLU G 269 4.24 7.44 -18.35
N ASP G 270 4.04 7.38 -17.04
CA ASP G 270 2.75 7.67 -16.43
C ASP G 270 2.85 9.09 -15.89
N ASP G 271 2.35 10.07 -16.65
CA ASP G 271 2.67 11.44 -16.31
C ASP G 271 1.79 11.94 -15.17
N GLU G 272 0.54 12.24 -15.50
CA GLU G 272 -0.54 12.28 -14.52
C GLU G 272 -1.86 11.83 -15.15
N GLN G 273 -1.88 11.55 -16.45
CA GLN G 273 -3.11 11.20 -17.14
C GLN G 273 -3.37 9.71 -16.97
N ALA G 274 -3.27 9.24 -15.73
CA ALA G 274 -3.56 7.85 -15.38
C ALA G 274 -4.50 7.89 -14.19
N GLU G 275 -4.36 8.94 -13.36
CA GLU G 275 -5.29 9.13 -12.26
C GLU G 275 -6.70 9.36 -12.77
N GLU G 276 -6.85 10.17 -13.83
CA GLU G 276 -8.15 10.31 -14.46
C GLU G 276 -8.59 9.01 -15.11
N PHE G 277 -7.65 8.32 -15.77
CA PHE G 277 -7.96 7.01 -16.33
C PHE G 277 -8.33 6.03 -15.23
N LEU G 278 -7.60 6.05 -14.12
CA LEU G 278 -7.93 5.17 -13.00
C LEU G 278 -9.30 5.49 -12.42
N GLU G 279 -9.64 6.77 -12.34
CA GLU G 279 -10.97 7.15 -11.85
C GLU G 279 -12.06 6.66 -12.79
N LEU G 280 -11.84 6.78 -14.10
CA LEU G 280 -12.83 6.26 -15.05
C LEU G 280 -12.92 4.74 -14.97
N ASP G 281 -11.79 4.07 -14.79
CA ASP G 281 -11.77 2.63 -14.58
C ASP G 281 -12.57 2.23 -13.35
N TYR G 282 -12.35 2.95 -12.24
CA TYR G 282 -13.08 2.69 -11.01
C TYR G 282 -14.57 2.93 -11.18
N GLU G 283 -14.95 4.02 -11.84
CA GLU G 283 -16.37 4.29 -12.04
C GLU G 283 -17.03 3.23 -12.92
N MET G 284 -16.37 2.81 -14.00
CA MET G 284 -16.93 1.77 -14.85
C MET G 284 -17.04 0.44 -14.12
N GLY G 285 -15.99 0.08 -13.35
CA GLY G 285 -16.06 -1.12 -12.55
C GLY G 285 -17.18 -1.07 -11.52
N GLN G 286 -17.37 0.10 -10.91
CA GLN G 286 -18.45 0.28 -9.95
C GLN G 286 -19.81 0.15 -10.64
N ALA G 287 -19.92 0.67 -11.87
CA ALA G 287 -21.16 0.54 -12.62
C ALA G 287 -21.46 -0.93 -12.92
N ILE G 288 -20.44 -1.69 -13.31
CA ILE G 288 -20.64 -3.12 -13.55
C ILE G 288 -21.02 -3.83 -12.25
N ARG G 289 -20.36 -3.48 -11.15
CA ARG G 289 -20.58 -4.18 -9.89
C ARG G 289 -21.95 -3.87 -9.30
N ASP G 290 -22.33 -2.59 -9.29
CA ASP G 290 -23.49 -2.10 -8.55
C ASP G 290 -24.75 -1.96 -9.38
N THR G 291 -24.63 -1.77 -10.69
CA THR G 291 -25.79 -1.46 -11.52
C THR G 291 -26.12 -2.56 -12.53
N ILE G 292 -25.14 -2.99 -13.33
CA ILE G 292 -25.43 -3.94 -14.40
C ILE G 292 -25.59 -5.35 -13.85
N ILE G 293 -24.60 -5.83 -13.09
CA ILE G 293 -24.70 -7.18 -12.52
C ILE G 293 -25.97 -7.36 -11.68
N PRO G 294 -26.30 -6.46 -10.76
CA PRO G 294 -27.56 -6.64 -10.00
C PRO G 294 -28.82 -6.60 -10.85
N ARG G 295 -28.82 -5.85 -11.96
CA ARG G 295 -30.02 -5.68 -12.78
C ARG G 295 -29.71 -5.93 -14.26
N ALA G 296 -29.17 -7.11 -14.55
CA ALA G 296 -28.69 -7.39 -15.90
C ALA G 296 -29.82 -7.45 -16.92
N VAL G 297 -30.90 -8.16 -16.60
CA VAL G 297 -31.99 -8.33 -17.57
C VAL G 297 -32.63 -7.00 -17.92
N LEU G 298 -32.70 -6.07 -16.95
CA LEU G 298 -33.27 -4.76 -17.24
C LEU G 298 -32.42 -3.99 -18.24
N PHE G 299 -31.11 -4.24 -18.28
CA PHE G 299 -30.28 -3.65 -19.32
C PHE G 299 -30.38 -4.43 -20.62
N TYR G 300 -30.58 -5.75 -20.56
CA TYR G 300 -30.79 -6.53 -21.78
C TYR G 300 -32.04 -6.07 -22.52
N THR G 301 -33.18 -6.00 -21.81
CA THR G 301 -34.41 -5.55 -22.43
C THR G 301 -34.36 -4.06 -22.77
N GLY G 302 -33.43 -3.32 -22.19
CA GLY G 302 -33.40 -1.90 -22.43
C GLY G 302 -34.51 -1.14 -21.74
N GLU G 303 -35.17 -1.76 -20.76
CA GLU G 303 -36.23 -1.06 -20.03
C GLU G 303 -35.66 -0.12 -18.99
N LEU G 304 -34.36 -0.19 -18.74
CA LEU G 304 -33.67 0.71 -17.84
C LEU G 304 -32.35 1.05 -18.51
N GLN G 305 -32.10 2.33 -18.70
CA GLN G 305 -30.82 2.80 -19.20
C GLN G 305 -30.31 3.83 -18.22
N SER G 306 -29.06 3.69 -17.82
CA SER G 306 -28.53 4.50 -16.74
C SER G 306 -27.23 5.13 -17.18
N ASP G 307 -26.75 6.03 -16.34
CA ASP G 307 -25.51 6.76 -16.52
C ASP G 307 -24.58 6.42 -15.37
N ASP G 308 -23.50 7.19 -15.24
CA ASP G 308 -22.55 7.14 -14.13
C ASP G 308 -23.03 6.44 -12.86
N GLY H 22 -41.15 0.14 -21.03
CA GLY H 22 -41.63 -1.10 -21.63
C GLY H 22 -41.77 -1.01 -23.14
N LEU H 23 -42.81 -0.31 -23.59
CA LEU H 23 -42.94 -0.02 -25.02
C LEU H 23 -41.78 0.84 -25.51
N LEU H 24 -41.36 1.80 -24.69
CA LEU H 24 -40.27 2.72 -25.03
C LEU H 24 -38.91 2.20 -24.59
N SER H 25 -38.75 0.88 -24.48
CA SER H 25 -37.50 0.29 -24.04
C SER H 25 -36.55 0.23 -25.24
N THR H 26 -35.34 0.76 -25.05
CA THR H 26 -34.34 0.87 -26.11
C THR H 26 -34.24 -0.40 -26.95
N ASN H 27 -33.76 -1.49 -26.38
CA ASN H 27 -33.66 -2.73 -27.14
C ASN H 27 -35.01 -3.41 -27.34
N PHE H 28 -36.01 -2.67 -27.84
CA PHE H 28 -37.32 -3.28 -28.06
C PHE H 28 -37.33 -4.14 -29.32
N ASP H 29 -36.72 -3.65 -30.40
CA ASP H 29 -36.71 -4.41 -31.64
C ASP H 29 -36.04 -5.77 -31.46
N MET H 30 -34.97 -5.82 -30.68
CA MET H 30 -34.34 -7.10 -30.37
C MET H 30 -35.31 -8.01 -29.63
N ILE H 31 -36.01 -7.46 -28.63
CA ILE H 31 -36.94 -8.26 -27.83
C ILE H 31 -38.04 -8.82 -28.72
N GLN H 32 -38.49 -8.03 -29.69
CA GLN H 32 -39.49 -8.49 -30.64
C GLN H 32 -38.94 -9.58 -31.55
N ALA H 33 -37.69 -9.43 -32.00
CA ALA H 33 -37.10 -10.37 -32.93
C ALA H 33 -36.71 -11.70 -32.29
N LEU H 34 -36.61 -11.76 -30.97
CA LEU H 34 -36.23 -13.01 -30.33
C LEU H 34 -37.28 -14.09 -30.58
N PRO H 35 -36.85 -15.29 -30.93
CA PRO H 35 -37.80 -16.41 -31.00
C PRO H 35 -38.46 -16.62 -29.65
N LEU H 36 -39.78 -16.84 -29.67
CA LEU H 36 -40.55 -17.19 -28.47
C LEU H 36 -39.75 -18.07 -27.52
N ASN H 37 -38.92 -18.94 -28.12
CA ASN H 37 -38.00 -19.79 -27.37
C ASN H 37 -37.14 -18.95 -26.45
N VAL H 38 -36.52 -17.90 -26.98
CA VAL H 38 -35.72 -17.00 -26.16
C VAL H 38 -36.60 -16.06 -25.32
N LYS H 39 -37.82 -15.77 -25.79
CA LYS H 39 -38.68 -14.84 -25.07
C LYS H 39 -39.08 -15.37 -23.70
N GLN H 40 -39.40 -16.66 -23.61
CA GLN H 40 -39.77 -17.21 -22.31
C GLN H 40 -38.58 -17.24 -21.35
N ARG H 41 -37.38 -17.47 -21.87
CA ARG H 41 -36.18 -17.40 -21.05
C ARG H 41 -35.97 -15.98 -20.51
N VAL H 42 -36.22 -14.97 -21.35
CA VAL H 42 -36.14 -13.59 -20.87
C VAL H 42 -37.16 -13.34 -19.77
N CYS H 43 -38.37 -13.90 -19.92
CA CYS H 43 -39.39 -13.76 -18.88
C CYS H 43 -38.94 -14.40 -17.57
N ALA H 44 -38.30 -15.57 -17.65
CA ALA H 44 -37.73 -16.19 -16.47
C ALA H 44 -36.70 -15.28 -15.80
N LEU H 45 -35.87 -14.63 -16.62
CA LEU H 45 -34.90 -13.68 -16.06
C LEU H 45 -35.60 -12.53 -15.37
N LYS H 46 -36.75 -12.10 -15.88
CA LYS H 46 -37.51 -11.05 -15.19
C LYS H 46 -38.01 -11.51 -13.83
N ASN H 47 -38.49 -12.76 -13.75
CA ASN H 47 -38.93 -13.29 -12.46
C ASN H 47 -37.77 -13.32 -11.46
N LEU H 48 -36.61 -13.82 -11.89
CA LEU H 48 -35.45 -13.81 -11.01
C LEU H 48 -35.03 -12.39 -10.65
N GLN H 49 -35.24 -11.44 -11.57
CA GLN H 49 -34.95 -10.05 -11.26
C GLN H 49 -35.83 -9.54 -10.14
N MET H 50 -37.11 -9.92 -10.13
CA MET H 50 -37.98 -9.55 -9.03
C MET H 50 -37.47 -10.14 -7.71
N LYS H 51 -37.03 -11.40 -7.74
CA LYS H 51 -36.48 -12.00 -6.53
C LYS H 51 -35.26 -11.22 -6.02
N THR H 52 -34.35 -10.87 -6.94
CA THR H 52 -33.18 -10.08 -6.58
C THR H 52 -33.58 -8.72 -6.00
N ILE H 53 -34.65 -8.12 -6.55
CA ILE H 53 -35.15 -6.85 -6.02
C ILE H 53 -35.60 -7.01 -4.58
N GLN H 54 -36.27 -8.12 -4.27
CA GLN H 54 -36.67 -8.37 -2.89
C GLN H 54 -35.45 -8.48 -1.97
N ILE H 55 -34.42 -9.18 -2.43
CA ILE H 55 -33.19 -9.29 -1.62
C ILE H 55 -32.57 -7.91 -1.42
N GLU H 56 -32.59 -7.07 -2.46
CA GLU H 56 -32.08 -5.70 -2.31
C GLU H 56 -32.89 -4.92 -1.27
N SER H 57 -34.20 -5.14 -1.25
CA SER H 57 -35.04 -4.49 -0.26
C SER H 57 -34.60 -4.87 1.15
N ASP H 58 -34.36 -6.17 1.38
CA ASP H 58 -33.86 -6.59 2.68
C ASP H 58 -32.51 -5.95 2.99
N PHE H 59 -31.64 -5.82 1.98
CA PHE H 59 -30.37 -5.14 2.20
C PHE H 59 -30.57 -3.70 2.68
N TYR H 60 -31.47 -2.97 2.03
CA TYR H 60 -31.71 -1.59 2.46
C TYR H 60 -32.29 -1.53 3.87
N LYS H 61 -33.13 -2.51 4.24
CA LYS H 61 -33.59 -2.58 5.62
C LYS H 61 -32.42 -2.76 6.59
N ARG H 62 -31.46 -3.62 6.23
CA ARG H 62 -30.29 -3.82 7.06
C ARG H 62 -29.48 -2.54 7.18
N VAL H 63 -29.35 -1.80 6.08
CA VAL H 63 -28.61 -0.53 6.12
C VAL H 63 -29.32 0.46 7.04
N HIS H 64 -30.66 0.46 7.02
CA HIS H 64 -31.40 1.32 7.95
C HIS H 64 -31.11 0.96 9.39
N GLU H 65 -31.09 -0.35 9.70
CA GLU H 65 -30.72 -0.77 11.05
C GLU H 65 -29.32 -0.29 11.39
N LEU H 66 -28.40 -0.32 10.43
CA LEU H 66 -27.05 0.17 10.66
C LEU H 66 -27.04 1.66 10.98
N GLU H 67 -27.85 2.45 10.27
CA GLU H 67 -27.93 3.88 10.56
C GLU H 67 -28.44 4.12 11.98
N ILE H 68 -29.49 3.39 12.37
CA ILE H 68 -30.01 3.53 13.73
C ILE H 68 -28.95 3.14 14.75
N GLU H 69 -28.18 2.09 14.45
CA GLU H 69 -27.13 1.66 15.37
C GLU H 69 -26.06 2.73 15.52
N PHE H 70 -25.65 3.35 14.42
CA PHE H 70 -24.58 4.35 14.45
C PHE H 70 -25.03 5.72 14.94
N GLU H 71 -26.34 5.95 15.06
CA GLU H 71 -26.82 7.20 15.64
C GLU H 71 -26.14 7.48 16.99
N GLY H 72 -26.05 6.45 17.84
CA GLY H 72 -25.43 6.64 19.14
C GLY H 72 -23.95 6.98 19.05
N LYS H 73 -23.24 6.37 18.11
CA LYS H 73 -21.83 6.69 17.92
C LYS H 73 -21.66 8.14 17.50
N PHE H 74 -22.56 8.64 16.64
CA PHE H 74 -22.49 10.04 16.23
C PHE H 74 -22.97 11.00 17.33
N LYS H 75 -23.72 10.49 18.31
CA LYS H 75 -24.31 11.33 19.34
C LYS H 75 -23.27 12.19 20.06
N SER H 76 -22.13 11.60 20.44
CA SER H 76 -21.14 12.33 21.24
C SER H 76 -20.63 13.55 20.48
N THR H 77 -20.23 13.35 19.22
CA THR H 77 -19.71 14.46 18.42
C THR H 77 -20.78 15.52 18.16
N PHE H 78 -22.02 15.08 17.89
CA PHE H 78 -23.07 16.07 17.62
C PHE H 78 -23.41 16.88 18.88
N ASP H 79 -23.44 16.23 20.05
CA ASP H 79 -23.69 16.94 21.29
C ASP H 79 -22.56 17.92 21.60
N GLN H 80 -21.32 17.52 21.35
CA GLN H 80 -20.21 18.43 21.52
C GLN H 80 -20.33 19.63 20.58
N ARG H 81 -20.78 19.38 19.34
CA ARG H 81 -21.00 20.49 18.41
C ARG H 81 -22.04 21.47 18.93
N LYS H 82 -23.20 20.98 19.38
CA LYS H 82 -24.21 21.91 19.88
C LYS H 82 -23.68 22.70 21.07
N ALA H 83 -22.94 22.03 21.97
CA ALA H 83 -22.39 22.74 23.12
C ALA H 83 -21.41 23.83 22.69
N ILE H 84 -20.53 23.53 21.73
CA ILE H 84 -19.54 24.51 21.28
C ILE H 84 -20.21 25.68 20.58
N VAL H 85 -21.19 25.42 19.71
CA VAL H 85 -21.82 26.49 18.94
C VAL H 85 -22.51 27.49 19.85
N ALA H 86 -23.12 27.01 20.93
CA ALA H 86 -23.82 27.89 21.86
C ALA H 86 -22.90 28.54 22.87
N GLY H 87 -21.59 28.31 22.78
CA GLY H 87 -20.66 28.89 23.73
C GLY H 87 -20.76 28.32 25.12
N GLU H 88 -21.39 27.15 25.27
CA GLU H 88 -21.51 26.53 26.58
C GLU H 88 -20.17 25.96 27.07
N VAL H 89 -19.36 25.46 26.15
CA VAL H 89 -18.04 24.94 26.49
C VAL H 89 -17.01 25.66 25.62
N GLU H 90 -15.76 25.72 26.13
CA GLU H 90 -14.71 26.41 25.40
C GLU H 90 -13.76 25.40 24.75
N PRO H 91 -13.16 25.78 23.61
CA PRO H 91 -12.27 24.84 22.91
C PRO H 91 -11.02 24.51 23.72
N THR H 92 -10.49 23.32 23.48
CA THR H 92 -9.28 22.83 24.13
C THR H 92 -8.05 23.18 23.30
N LYS H 93 -6.88 22.89 23.87
CA LYS H 93 -5.63 23.22 23.19
C LYS H 93 -5.53 22.54 21.83
N GLU H 94 -5.86 21.24 21.77
CA GLU H 94 -5.90 20.56 20.49
C GLU H 94 -6.96 21.16 19.58
N GLN H 95 -8.12 21.51 20.15
CA GLN H 95 -9.18 22.12 19.36
C GLN H 95 -8.77 23.49 18.82
N ILE H 96 -8.07 24.29 19.64
CA ILE H 96 -7.62 25.60 19.18
C ILE H 96 -6.56 25.45 18.10
N ASP H 97 -5.68 24.46 18.24
CA ASP H 97 -4.60 24.21 17.29
C ASP H 97 -5.05 23.36 16.11
N THR H 98 -6.32 23.40 15.76
CA THR H 98 -6.84 22.74 14.57
C THR H 98 -7.06 23.79 13.49
N PRO H 99 -6.54 23.60 12.28
CA PRO H 99 -6.70 24.62 11.25
C PRO H 99 -8.16 24.90 10.94
N ILE H 100 -8.53 26.18 10.96
CA ILE H 100 -9.90 26.57 10.68
C ILE H 100 -10.25 26.27 9.23
N LEU H 101 -9.30 26.44 8.31
CA LEU H 101 -9.48 26.11 6.91
C LEU H 101 -8.32 25.21 6.47
N GLU H 102 -8.64 24.00 6.02
CA GLU H 102 -7.61 23.10 5.53
C GLU H 102 -7.16 23.51 4.13
N GLY H 103 -5.89 23.24 3.84
CA GLY H 103 -5.28 23.67 2.61
C GLY H 103 -4.52 24.98 2.71
N LEU H 104 -4.37 25.53 3.91
CA LEU H 104 -3.65 26.78 4.12
C LEU H 104 -2.37 26.49 4.90
N GLU H 105 -1.25 27.02 4.41
CA GLU H 105 0.03 26.80 5.05
C GLU H 105 0.09 27.53 6.40
N GLY H 106 1.14 27.24 7.15
CA GLY H 106 1.31 27.88 8.45
C GLY H 106 1.39 29.39 8.37
N ASP H 107 2.01 29.91 7.30
CA ASP H 107 2.06 31.35 7.10
C ASP H 107 0.65 31.93 6.92
N GLN H 108 -0.13 31.35 6.00
CA GLN H 108 -1.47 31.87 5.75
C GLN H 108 -2.40 31.63 6.93
N LEU H 109 -2.29 30.46 7.56
CA LEU H 109 -3.12 30.17 8.74
C LEU H 109 -2.82 31.15 9.86
N ALA H 110 -1.52 31.39 10.13
CA ALA H 110 -1.14 32.33 11.17
C ALA H 110 -1.62 33.74 10.85
N GLU H 111 -1.48 34.16 9.59
CA GLU H 111 -1.94 35.50 9.20
C GLU H 111 -3.44 35.63 9.39
N LEU H 112 -4.21 34.62 9.00
CA LEU H 112 -5.65 34.65 9.16
C LEU H 112 -6.04 34.66 10.64
N TYR H 113 -5.32 33.90 11.47
CA TYR H 113 -5.64 33.84 12.89
C TYR H 113 -5.50 35.21 13.54
N LYS H 114 -4.46 35.96 13.16
CA LYS H 114 -4.23 37.30 13.70
C LYS H 114 -4.83 38.39 12.83
N ALA H 115 -5.69 38.04 11.87
CA ALA H 115 -6.31 39.02 10.99
C ALA H 115 -7.55 39.67 11.60
N ALA H 116 -8.15 39.05 12.61
CA ALA H 116 -9.31 39.60 13.29
C ALA H 116 -9.11 39.50 14.80
N GLU H 117 -9.66 40.47 15.52
CA GLU H 117 -9.51 40.54 16.97
C GLU H 117 -10.68 39.87 17.68
N ALA H 118 -10.37 39.26 18.81
CA ALA H 118 -11.37 38.50 19.56
C ALA H 118 -12.34 39.46 20.27
N ASP H 119 -13.63 39.21 20.10
CA ASP H 119 -14.64 39.99 20.80
C ASP H 119 -15.19 39.16 21.95
N PRO H 120 -14.92 39.50 23.21
CA PRO H 120 -15.52 38.75 24.31
C PRO H 120 -17.05 38.77 24.31
N SER H 121 -17.65 39.90 23.91
CA SER H 121 -19.11 39.99 23.88
C SER H 121 -19.73 39.04 22.87
N ALA H 122 -18.98 38.65 21.84
CA ALA H 122 -19.46 37.69 20.85
C ALA H 122 -19.48 36.29 21.47
N LYS H 123 -20.66 35.75 21.69
CA LYS H 123 -20.82 34.46 22.36
C LYS H 123 -21.15 33.38 21.34
N GLY H 124 -20.39 32.28 21.38
CA GLY H 124 -20.66 31.18 20.48
C GLY H 124 -20.43 31.56 19.03
N ILE H 125 -21.01 30.74 18.16
CA ILE H 125 -20.88 30.91 16.71
C ILE H 125 -22.23 31.39 16.18
N LYS H 126 -22.25 32.58 15.60
CA LYS H 126 -23.48 33.26 15.21
C LYS H 126 -23.89 32.87 13.80
N ASP H 127 -25.20 32.71 13.61
CA ASP H 127 -25.78 32.33 12.32
C ASP H 127 -25.18 31.04 11.79
N PHE H 128 -24.84 30.13 12.71
CA PHE H 128 -24.17 28.89 12.32
C PHE H 128 -25.05 28.06 11.39
N TRP H 129 -26.26 27.72 11.84
CA TRP H 129 -27.13 26.88 11.03
C TRP H 129 -27.68 27.63 9.83
N LEU H 130 -27.96 28.93 9.98
CA LEU H 130 -28.37 29.72 8.83
C LEU H 130 -27.31 29.67 7.74
N THR H 131 -26.06 29.91 8.10
CA THR H 131 -24.97 29.87 7.12
C THR H 131 -24.80 28.48 6.53
N ALA H 132 -24.84 27.44 7.37
CA ALA H 132 -24.66 26.08 6.88
C ALA H 132 -25.75 25.71 5.87
N LEU H 133 -27.01 25.99 6.21
CA LEU H 133 -28.10 25.66 5.30
C LEU H 133 -28.04 26.50 4.03
N ARG H 134 -27.71 27.78 4.15
CA ARG H 134 -27.66 28.65 2.98
C ARG H 134 -26.43 28.41 2.10
N THR H 135 -25.41 27.71 2.62
CA THR H 135 -24.29 27.34 1.77
C THR H 135 -24.63 26.13 0.90
N HIS H 136 -25.48 25.24 1.39
CA HIS H 136 -25.96 24.12 0.58
C HIS H 136 -26.92 24.64 -0.48
N ASP H 137 -26.73 24.19 -1.72
CA ASP H 137 -27.41 24.81 -2.86
C ASP H 137 -28.93 24.69 -2.75
N LEU H 138 -29.43 23.46 -2.55
CA LEU H 138 -30.88 23.24 -2.53
C LEU H 138 -31.54 23.99 -1.38
N VAL H 139 -30.99 23.83 -0.17
CA VAL H 139 -31.57 24.51 0.99
C VAL H 139 -31.45 26.01 0.82
N ALA H 140 -30.34 26.47 0.23
CA ALA H 140 -30.20 27.91 -0.02
C ALA H 140 -31.30 28.42 -0.93
N GLU H 141 -31.63 27.66 -1.97
CA GLU H 141 -32.76 28.05 -2.81
C GLU H 141 -34.07 28.00 -2.04
N ALA H 142 -34.10 27.25 -0.93
CA ALA H 142 -35.31 27.27 -0.11
C ALA H 142 -35.30 28.44 0.88
N ILE H 143 -34.12 28.94 1.25
CA ILE H 143 -34.01 30.03 2.23
C ILE H 143 -34.32 31.34 1.54
N GLU H 144 -35.37 32.03 2.00
CA GLU H 144 -35.66 33.37 1.51
C GLU H 144 -35.13 34.40 2.50
N GLU H 145 -35.16 35.66 2.08
CA GLU H 145 -34.62 36.73 2.93
C GLU H 145 -35.45 36.87 4.21
N HIS H 146 -36.77 36.76 4.09
CA HIS H 146 -37.64 36.96 5.23
C HIS H 146 -37.50 35.85 6.27
N ASP H 147 -36.93 34.70 5.90
CA ASP H 147 -36.64 33.64 6.85
C ASP H 147 -35.29 33.79 7.53
N VAL H 148 -34.41 34.68 7.03
CA VAL H 148 -33.07 34.78 7.58
C VAL H 148 -33.08 35.16 9.07
N PRO H 149 -33.75 36.24 9.49
CA PRO H 149 -33.78 36.53 10.94
C PRO H 149 -34.43 35.41 11.74
N ILE H 150 -35.41 34.71 11.17
CA ILE H 150 -36.05 33.60 11.86
C ILE H 150 -35.05 32.45 12.02
N LEU H 151 -34.33 32.10 10.95
CA LEU H 151 -33.34 31.03 11.00
C LEU H 151 -32.10 31.40 11.80
N SER H 152 -31.92 32.67 12.15
CA SER H 152 -30.81 33.04 13.03
C SER H 152 -30.96 32.48 14.44
N TYR H 153 -32.14 31.98 14.81
CA TYR H 153 -32.38 31.42 16.13
C TYR H 153 -32.18 29.91 16.22
N LEU H 154 -31.71 29.27 15.14
CA LEU H 154 -31.56 27.82 15.12
C LEU H 154 -30.36 27.40 15.97
N THR H 155 -30.64 26.85 17.15
CA THR H 155 -29.54 26.39 18.01
C THR H 155 -28.92 25.09 17.51
N ASP H 156 -29.76 24.15 17.07
CA ASP H 156 -29.26 22.87 16.58
C ASP H 156 -30.27 22.25 15.63
N VAL H 157 -29.78 21.38 14.76
CA VAL H 157 -30.59 20.57 13.86
C VAL H 157 -30.18 19.11 14.05
N THR H 158 -31.15 18.26 14.39
CA THR H 158 -30.87 16.86 14.71
C THR H 158 -31.69 15.95 13.81
N THR H 159 -31.21 14.72 13.65
CA THR H 159 -31.88 13.71 12.85
C THR H 159 -31.83 12.36 13.56
N ALA H 160 -32.87 11.55 13.34
CA ALA H 160 -32.97 10.22 13.92
C ALA H 160 -33.88 9.36 13.06
N ALA H 161 -33.57 8.06 13.00
CA ALA H 161 -34.28 7.13 12.14
C ALA H 161 -35.11 6.15 12.98
N SER H 162 -36.29 5.82 12.47
CA SER H 162 -37.21 4.91 13.15
C SER H 162 -37.41 3.63 12.34
N LYS H 163 -37.70 2.53 13.04
CA LYS H 163 -38.00 1.24 12.44
C LYS H 163 -39.48 0.88 12.50
N ASP H 164 -40.13 1.07 13.64
CA ASP H 164 -41.53 0.67 13.78
C ASP H 164 -42.46 1.44 12.85
N PRO H 165 -42.43 2.79 12.81
CA PRO H 165 -43.08 3.47 11.68
C PRO H 165 -42.25 3.44 10.40
N ALA H 166 -41.00 2.97 10.46
CA ALA H 166 -40.14 2.85 9.29
C ALA H 166 -39.92 4.17 8.55
N GLY H 167 -39.04 5.02 9.08
CA GLY H 167 -38.75 6.30 8.48
C GLY H 167 -37.67 7.07 9.21
N PHE H 168 -37.69 8.39 9.10
CA PHE H 168 -36.73 9.20 9.85
C PHE H 168 -37.34 10.57 10.13
N LYS H 169 -36.65 11.37 10.94
CA LYS H 169 -37.12 12.69 11.32
C LYS H 169 -35.97 13.66 11.37
N ILE H 170 -36.27 14.93 11.11
CA ILE H 170 -35.34 16.04 11.27
C ILE H 170 -35.98 17.04 12.22
N GLU H 171 -35.26 17.37 13.29
CA GLU H 171 -35.75 18.31 14.29
C GLU H 171 -34.89 19.56 14.25
N PHE H 172 -35.53 20.70 13.99
CA PHE H 172 -34.89 22.00 14.02
C PHE H 172 -35.12 22.56 15.42
N HIS H 173 -34.08 22.55 16.23
CA HIS H 173 -34.16 23.07 17.59
C HIS H 173 -33.98 24.58 17.53
N PHE H 174 -35.03 25.32 17.85
CA PHE H 174 -34.99 26.77 17.87
C PHE H 174 -34.88 27.27 19.31
N ALA H 175 -34.46 28.51 19.45
CA ALA H 175 -34.37 29.15 20.76
C ALA H 175 -35.62 30.01 20.99
N THR H 176 -35.64 30.69 22.12
CA THR H 176 -36.73 31.62 22.41
C THR H 176 -36.65 32.77 21.41
N ASN H 177 -37.58 32.79 20.46
CA ASN H 177 -37.51 33.75 19.37
C ASN H 177 -38.80 34.55 19.29
N PRO H 178 -38.72 35.81 18.83
CA PRO H 178 -39.94 36.61 18.71
C PRO H 178 -40.67 36.37 17.40
N TYR H 179 -40.59 35.16 16.86
CA TYR H 179 -41.26 34.80 15.63
C TYR H 179 -42.35 33.75 15.81
N PHE H 180 -42.09 32.72 16.62
CA PHE H 180 -43.09 31.71 16.95
C PHE H 180 -42.77 31.12 18.31
N LYS H 181 -43.76 30.48 18.90
CA LYS H 181 -43.62 29.87 20.22
C LYS H 181 -43.10 28.44 20.18
N ASN H 182 -42.98 27.84 18.99
CA ASN H 182 -42.47 26.48 18.89
C ASN H 182 -41.02 26.41 19.34
N GLN H 183 -40.75 25.51 20.29
CA GLN H 183 -39.37 25.29 20.73
C GLN H 183 -38.58 24.45 19.73
N VAL H 184 -39.21 23.45 19.12
CA VAL H 184 -38.57 22.59 18.12
C VAL H 184 -39.56 22.33 17.01
N LEU H 185 -39.12 22.45 15.76
CA LEU H 185 -39.94 22.14 14.61
C LEU H 185 -39.52 20.80 14.04
N THR H 186 -40.44 19.84 13.98
CA THR H 186 -40.12 18.48 13.58
C THR H 186 -40.72 18.19 12.21
N LYS H 187 -39.93 17.55 11.36
CA LYS H 187 -40.38 17.09 10.05
C LYS H 187 -40.09 15.60 9.95
N THR H 188 -41.12 14.80 9.70
CA THR H 188 -41.00 13.35 9.68
C THR H 188 -41.23 12.83 8.27
N TYR H 189 -40.46 11.80 7.88
CA TYR H 189 -40.60 11.13 6.60
C TYR H 189 -40.89 9.67 6.85
N LEU H 190 -41.99 9.17 6.28
CA LEU H 190 -42.31 7.75 6.34
C LEU H 190 -41.79 7.08 5.07
N LEU H 191 -40.97 6.05 5.24
CA LEU H 191 -40.28 5.42 4.11
C LEU H 191 -40.72 3.98 3.98
N GLY H 192 -40.78 3.53 2.72
CA GLY H 192 -41.12 2.15 2.43
C GLY H 192 -39.91 1.43 1.86
N PHE H 193 -39.53 0.32 2.47
CA PHE H 193 -38.38 -0.44 2.02
C PHE H 193 -38.75 -1.63 1.16
N ASP H 194 -40.04 -1.83 0.88
CA ASP H 194 -40.41 -2.97 0.06
C ASP H 194 -40.77 -2.51 -1.35
N PRO H 195 -40.43 -3.29 -2.38
CA PRO H 195 -40.81 -2.90 -3.73
C PRO H 195 -42.32 -2.91 -3.88
N ASP H 196 -42.82 -1.99 -4.71
CA ASP H 196 -44.25 -1.93 -4.99
C ASP H 196 -44.70 -3.14 -5.79
N ALA H 197 -45.91 -3.62 -5.49
CA ALA H 197 -46.46 -4.70 -6.30
C ALA H 197 -46.81 -4.18 -7.69
N GLU H 198 -47.14 -2.88 -7.78
CA GLU H 198 -47.43 -2.25 -9.06
C GLU H 198 -46.16 -2.12 -9.89
N ALA H 199 -45.06 -1.71 -9.26
CA ALA H 199 -43.78 -1.49 -9.95
C ALA H 199 -42.69 -2.26 -9.22
N PRO H 200 -42.68 -3.59 -9.34
CA PRO H 200 -41.67 -4.38 -8.62
C PRO H 200 -40.27 -4.16 -9.14
N LEU H 201 -40.11 -3.93 -10.44
CA LEU H 201 -38.80 -3.81 -11.06
C LEU H 201 -38.24 -2.39 -11.02
N GLN H 202 -39.02 -1.42 -10.54
CA GLN H 202 -38.56 -0.04 -10.43
C GLN H 202 -38.10 0.31 -9.02
N PHE H 203 -37.55 -0.66 -8.30
CA PHE H 203 -37.06 -0.43 -6.94
C PHE H 203 -35.61 0.04 -7.01
N ASP H 204 -35.34 1.20 -6.42
CA ASP H 204 -34.00 1.75 -6.35
C ASP H 204 -33.56 1.99 -4.91
N GLY H 205 -34.33 1.48 -3.94
CA GLY H 205 -34.06 1.74 -2.55
C GLY H 205 -35.32 2.22 -1.85
N PRO H 206 -35.18 2.63 -0.60
CA PRO H 206 -36.35 3.13 0.13
C PRO H 206 -36.98 4.32 -0.58
N HIS H 207 -38.30 4.26 -0.74
CA HIS H 207 -39.07 5.37 -1.29
C HIS H 207 -39.81 6.08 -0.17
N VAL H 208 -40.40 7.22 -0.51
CA VAL H 208 -41.15 8.01 0.46
C VAL H 208 -42.62 7.65 0.36
N ILE H 209 -43.22 7.30 1.50
CA ILE H 209 -44.67 7.09 1.56
C ILE H 209 -45.41 8.39 1.77
N ARG H 210 -45.03 9.14 2.79
CA ARG H 210 -45.61 10.46 3.04
C ARG H 210 -44.66 11.25 3.93
N ALA H 211 -44.98 12.53 4.08
CA ALA H 211 -44.21 13.46 4.89
C ALA H 211 -45.15 14.18 5.83
N VAL H 212 -44.70 14.41 7.06
CA VAL H 212 -45.49 15.08 8.09
C VAL H 212 -44.70 16.29 8.54
N GLY H 213 -45.31 17.47 8.43
CA GLY H 213 -44.64 18.69 8.83
C GLY H 213 -44.92 19.02 10.27
N ASP H 214 -45.10 20.31 10.56
CA ASP H 214 -45.41 20.74 11.91
C ASP H 214 -46.35 21.94 11.84
N THR H 215 -46.94 22.28 12.97
CA THR H 215 -47.80 23.45 13.09
C THR H 215 -47.05 24.52 13.86
N ILE H 216 -46.75 25.62 13.18
CA ILE H 216 -45.93 26.70 13.75
C ILE H 216 -46.83 27.68 14.48
N GLU H 217 -46.56 27.91 15.76
CA GLU H 217 -47.30 28.88 16.57
C GLU H 217 -46.81 30.29 16.25
N TRP H 218 -47.08 30.69 15.01
CA TRP H 218 -46.69 32.02 14.53
C TRP H 218 -47.34 33.11 15.36
N GLU H 219 -46.63 34.24 15.51
CA GLU H 219 -47.20 35.40 16.14
C GLU H 219 -48.11 36.10 15.13
N ASP H 220 -48.43 37.38 15.34
CA ASP H 220 -49.42 38.06 14.54
C ASP H 220 -48.70 38.83 13.43
N GLY H 221 -49.03 38.51 12.18
CA GLY H 221 -48.38 39.15 11.05
C GLY H 221 -46.98 38.68 10.76
N LYS H 222 -46.52 37.61 11.41
CA LYS H 222 -45.15 37.15 11.23
C LYS H 222 -45.04 35.92 10.33
N ASN H 223 -46.16 35.36 9.91
CA ASN H 223 -46.17 34.19 9.03
C ASN H 223 -45.70 34.59 7.65
N VAL H 224 -44.48 34.19 7.30
CA VAL H 224 -43.92 34.53 5.99
C VAL H 224 -44.55 33.71 4.88
N THR H 225 -45.29 32.64 5.23
CA THR H 225 -45.97 31.85 4.21
C THR H 225 -47.18 32.58 3.65
N LYS H 226 -47.82 33.43 4.45
CA LYS H 226 -48.90 34.26 3.96
C LYS H 226 -48.35 35.44 3.17
N LYS H 227 -49.23 36.08 2.40
CA LYS H 227 -48.84 37.20 1.56
C LYS H 227 -50.01 38.17 1.47
N ALA H 228 -49.92 39.14 0.56
CA ALA H 228 -50.97 40.14 0.38
C ALA H 228 -52.03 39.64 -0.59
N THR H 246 -55.78 36.42 2.29
CA THR H 246 -54.35 36.19 2.12
C THR H 246 -54.09 34.89 1.36
N VAL H 247 -52.93 34.79 0.73
CA VAL H 247 -52.56 33.65 -0.10
C VAL H 247 -51.21 33.14 0.35
N LYS H 248 -50.95 31.85 0.11
CA LYS H 248 -49.67 31.27 0.46
C LYS H 248 -48.57 31.87 -0.42
N ALA H 249 -47.33 31.79 0.08
CA ALA H 249 -46.19 32.42 -0.57
C ALA H 249 -45.00 31.47 -0.48
N ASP H 250 -43.82 32.01 -0.77
CA ASP H 250 -42.58 31.24 -0.85
C ASP H 250 -41.74 31.48 0.40
N SER H 251 -41.47 30.41 1.15
CA SER H 251 -40.67 30.50 2.36
C SER H 251 -40.03 29.15 2.64
N PHE H 252 -38.94 29.17 3.39
CA PHE H 252 -38.34 27.91 3.81
C PHE H 252 -39.24 27.13 4.76
N PHE H 253 -40.01 27.83 5.59
CA PHE H 253 -40.85 27.14 6.57
C PHE H 253 -42.06 26.48 5.94
N ASN H 254 -42.35 26.76 4.67
CA ASN H 254 -43.31 25.95 3.92
C ASN H 254 -42.83 24.52 3.78
N PHE H 255 -41.53 24.28 4.03
CA PHE H 255 -41.01 22.92 4.13
C PHE H 255 -41.75 22.11 5.21
N PHE H 256 -42.32 22.80 6.20
CA PHE H 256 -43.07 22.13 7.26
C PHE H 256 -44.56 21.99 6.95
N GLU H 257 -44.96 22.22 5.70
CA GLU H 257 -46.32 21.93 5.23
C GLU H 257 -46.22 21.06 3.99
N PRO H 258 -45.83 19.79 4.15
CA PRO H 258 -45.55 18.95 2.99
C PRO H 258 -46.82 18.46 2.34
N PRO H 259 -46.76 18.11 1.05
CA PRO H 259 -47.92 17.47 0.41
C PRO H 259 -48.08 16.03 0.87
N LYS H 260 -49.11 15.34 0.37
CA LYS H 260 -49.34 13.94 0.71
C LYS H 260 -50.15 13.30 -0.41
N SER H 261 -50.46 12.01 -0.23
CA SER H 261 -51.32 11.29 -1.15
C SER H 261 -52.25 10.40 -0.34
N LYS H 262 -53.41 10.11 -0.93
CA LYS H 262 -54.44 9.27 -0.29
C LYS H 262 -54.84 9.81 1.07
N GLU H 272 -50.77 15.04 -10.01
CA GLU H 272 -49.41 14.51 -10.16
C GLU H 272 -48.36 15.56 -9.86
N GLN H 273 -48.78 16.83 -9.79
CA GLN H 273 -47.88 17.88 -9.29
C GLN H 273 -47.55 17.64 -7.83
N ALA H 274 -48.49 17.06 -7.06
CA ALA H 274 -48.24 16.73 -5.67
C ALA H 274 -47.12 15.72 -5.54
N GLU H 275 -47.05 14.76 -6.47
CA GLU H 275 -45.97 13.78 -6.42
C GLU H 275 -44.62 14.43 -6.66
N GLU H 276 -44.55 15.40 -7.59
CA GLU H 276 -43.31 16.14 -7.80
C GLU H 276 -42.93 16.93 -6.55
N PHE H 277 -43.90 17.58 -5.93
CA PHE H 277 -43.63 18.32 -4.70
C PHE H 277 -43.13 17.41 -3.59
N LEU H 278 -43.77 16.25 -3.42
CA LEU H 278 -43.35 15.32 -2.38
C LEU H 278 -41.95 14.77 -2.65
N GLU H 279 -41.63 14.48 -3.92
CA GLU H 279 -40.31 13.96 -4.23
C GLU H 279 -39.22 15.01 -3.97
N LEU H 280 -39.47 16.26 -4.36
CA LEU H 280 -38.48 17.30 -4.06
C LEU H 280 -38.38 17.57 -2.55
N ASP H 281 -39.51 17.54 -1.84
CA ASP H 281 -39.48 17.69 -0.39
C ASP H 281 -38.65 16.58 0.26
N TYR H 282 -38.83 15.34 -0.18
CA TYR H 282 -38.04 14.24 0.34
C TYR H 282 -36.56 14.42 0.01
N GLU H 283 -36.26 14.88 -1.21
CA GLU H 283 -34.87 15.11 -1.59
C GLU H 283 -34.23 16.18 -0.70
N MET H 284 -34.97 17.25 -0.40
CA MET H 284 -34.46 18.26 0.51
C MET H 284 -34.23 17.70 1.91
N GLY H 285 -35.17 16.89 2.39
CA GLY H 285 -34.96 16.26 3.69
C GLY H 285 -33.73 15.38 3.71
N GLN H 286 -33.51 14.63 2.63
CA GLN H 286 -32.30 13.82 2.52
C GLN H 286 -31.05 14.68 2.46
N ALA H 287 -31.12 15.82 1.76
CA ALA H 287 -29.97 16.71 1.69
C ALA H 287 -29.59 17.23 3.07
N ILE H 288 -30.59 17.63 3.87
CA ILE H 288 -30.31 18.09 5.22
C ILE H 288 -29.81 16.93 6.10
N ARG H 289 -30.43 15.75 5.98
CA ARG H 289 -30.13 14.65 6.88
C ARG H 289 -28.75 14.04 6.61
N ASP H 290 -28.44 13.79 5.34
CA ASP H 290 -27.27 13.00 4.96
C ASP H 290 -26.03 13.84 4.66
N THR H 291 -26.20 15.11 4.28
CA THR H 291 -25.08 15.93 3.85
C THR H 291 -24.77 17.06 4.81
N ILE H 292 -25.78 17.83 5.21
CA ILE H 292 -25.54 19.02 6.03
C ILE H 292 -25.28 18.63 7.47
N ILE H 293 -26.20 17.87 8.08
CA ILE H 293 -26.04 17.49 9.48
C ILE H 293 -24.73 16.75 9.75
N PRO H 294 -24.34 15.74 8.97
CA PRO H 294 -23.06 15.06 9.27
C PRO H 294 -21.84 15.97 9.13
N ARG H 295 -21.87 16.95 8.22
CA ARG H 295 -20.72 17.82 7.98
C ARG H 295 -21.22 19.27 7.99
N ALA H 296 -21.61 19.75 9.18
CA ALA H 296 -22.21 21.09 9.26
C ALA H 296 -21.16 22.18 9.09
N VAL H 297 -20.05 22.06 9.81
CA VAL H 297 -19.02 23.10 9.79
C VAL H 297 -18.39 23.23 8.42
N LEU H 298 -18.27 22.13 7.68
CA LEU H 298 -17.72 22.21 6.33
C LEU H 298 -18.59 23.06 5.42
N PHE H 299 -19.90 23.10 5.70
CA PHE H 299 -20.77 24.04 5.00
C PHE H 299 -20.68 25.44 5.61
N TYR H 300 -20.47 25.52 6.92
CA TYR H 300 -20.29 26.83 7.56
C TYR H 300 -19.05 27.54 7.03
N THR H 301 -17.91 26.84 6.98
CA THR H 301 -16.69 27.40 6.44
C THR H 301 -16.76 27.65 4.94
N GLY H 302 -17.72 27.06 4.25
CA GLY H 302 -17.80 27.19 2.81
C GLY H 302 -16.79 26.36 2.06
N GLU H 303 -16.19 25.36 2.71
CA GLU H 303 -15.23 24.48 2.07
C GLU H 303 -15.89 23.36 1.28
N LEU H 304 -17.21 23.24 1.33
CA LEU H 304 -17.95 22.20 0.64
C LEU H 304 -19.17 22.81 -0.03
N GLN H 305 -19.35 22.50 -1.32
CA GLN H 305 -20.55 22.91 -2.05
C GLN H 305 -21.14 21.67 -2.70
N SER H 306 -22.14 21.08 -2.04
CA SER H 306 -22.92 19.99 -2.61
C SER H 306 -24.19 20.53 -3.25
N ASP H 307 -24.74 19.74 -4.17
CA ASP H 307 -25.96 20.13 -4.86
C ASP H 307 -27.13 19.22 -4.46
N GLY I 22 40.59 54.41 -4.82
CA GLY I 22 40.62 54.73 -3.40
C GLY I 22 40.50 56.22 -3.14
N LEU I 23 41.19 57.02 -3.94
CA LEU I 23 41.11 58.46 -3.82
C LEU I 23 39.74 58.95 -4.26
N LEU I 24 39.33 60.11 -3.71
CA LEU I 24 38.03 60.70 -3.97
C LEU I 24 36.90 59.73 -3.63
N SER I 25 37.17 58.85 -2.65
CA SER I 25 36.25 57.82 -2.18
C SER I 25 34.81 58.32 -2.13
N THR I 26 33.90 57.56 -2.74
CA THR I 26 32.48 57.90 -2.80
C THR I 26 31.95 58.40 -1.46
N ASN I 27 31.90 57.54 -0.45
CA ASN I 27 31.44 57.97 0.88
C ASN I 27 32.47 58.83 1.60
N PHE I 28 32.99 59.87 0.94
CA PHE I 28 33.98 60.74 1.59
C PHE I 28 33.33 61.75 2.52
N ASP I 29 32.20 62.33 2.12
CA ASP I 29 31.55 63.36 2.94
C ASP I 29 31.21 62.82 4.32
N MET I 30 30.78 61.56 4.40
CA MET I 30 30.57 60.92 5.70
C MET I 30 31.88 60.86 6.47
N ILE I 31 32.95 60.44 5.81
CA ILE I 31 34.26 60.35 6.46
C ILE I 31 34.72 61.73 6.88
N GLN I 32 34.41 62.75 6.08
CA GLN I 32 34.74 64.13 6.47
C GLN I 32 34.00 64.52 7.74
N ALA I 33 32.72 64.14 7.83
CA ALA I 33 31.87 64.44 8.97
C ALA I 33 32.14 63.54 10.18
N LEU I 34 32.85 62.42 10.02
CA LEU I 34 33.05 61.50 11.13
C LEU I 34 33.79 62.17 12.29
N PRO I 35 33.28 62.04 13.52
CA PRO I 35 33.99 62.57 14.69
C PRO I 35 35.38 61.95 14.87
N LEU I 36 36.36 62.80 15.17
CA LEU I 36 37.72 62.38 15.50
C LEU I 36 37.76 61.05 16.24
N ASN I 37 36.88 60.85 17.22
CA ASN I 37 36.78 59.55 17.91
C ASN I 37 36.40 58.45 16.92
N VAL I 38 35.34 58.69 16.14
CA VAL I 38 34.92 57.69 15.16
C VAL I 38 35.95 57.62 14.05
N LYS I 39 36.67 58.71 13.78
CA LYS I 39 37.73 58.66 12.78
C LYS I 39 38.85 57.72 13.21
N GLN I 40 39.23 57.76 14.49
CA GLN I 40 40.25 56.85 14.99
C GLN I 40 39.75 55.42 14.99
N ARG I 41 38.46 55.22 15.24
CA ARG I 41 37.90 53.87 15.11
C ARG I 41 37.99 53.38 13.66
N VAL I 42 37.70 54.26 12.70
CA VAL I 42 37.84 53.88 11.29
C VAL I 42 39.30 53.57 10.94
N CYS I 43 40.24 54.34 11.49
CA CYS I 43 41.65 54.03 11.26
C CYS I 43 42.02 52.66 11.81
N ALA I 44 41.51 52.33 13.00
CA ALA I 44 41.71 50.99 13.55
C ALA I 44 41.12 49.93 12.63
N LEU I 45 39.94 50.19 12.07
CA LEU I 45 39.35 49.26 11.12
C LEU I 45 40.23 49.10 9.88
N LYS I 46 40.86 50.17 9.44
CA LYS I 46 41.78 50.09 8.31
C LYS I 46 42.98 49.21 8.65
N ASN I 47 43.50 49.35 9.87
CA ASN I 47 44.61 48.50 10.30
C ASN I 47 44.21 47.02 10.29
N LEU I 48 43.02 46.73 10.83
CA LEU I 48 42.53 45.35 10.80
C LEU I 48 42.30 44.88 9.36
N GLN I 49 41.91 45.78 8.48
CA GLN I 49 41.77 45.43 7.06
C GLN I 49 43.11 45.03 6.46
N MET I 50 44.17 45.75 6.82
CA MET I 50 45.51 45.38 6.37
C MET I 50 45.90 43.99 6.89
N LYS I 51 45.57 43.70 8.15
CA LYS I 51 45.85 42.38 8.69
C LYS I 51 45.10 41.29 7.92
N THR I 52 43.82 41.53 7.63
CA THR I 52 43.05 40.58 6.82
C THR I 52 43.66 40.41 5.44
N ILE I 53 44.19 41.50 4.87
CA ILE I 53 44.87 41.42 3.58
C ILE I 53 46.07 40.49 3.66
N GLN I 54 46.83 40.58 4.76
CA GLN I 54 47.97 39.68 4.94
C GLN I 54 47.52 38.23 5.00
N ILE I 55 46.44 37.96 5.73
CA ILE I 55 45.92 36.60 5.80
C ILE I 55 45.49 36.11 4.42
N GLU I 56 44.85 36.99 3.64
CA GLU I 56 44.46 36.64 2.27
C GLU I 56 45.68 36.34 1.40
N SER I 57 46.77 37.09 1.59
CA SER I 57 47.99 36.82 0.85
C SER I 57 48.51 35.42 1.14
N ASP I 58 48.55 35.04 2.42
CA ASP I 58 48.97 33.69 2.76
C ASP I 58 48.05 32.65 2.14
N PHE I 59 46.74 32.92 2.14
CA PHE I 59 45.79 32.03 1.49
C PHE I 59 46.12 31.85 0.01
N TYR I 60 46.43 32.96 -0.68
CA TYR I 60 46.74 32.88 -2.11
C TYR I 60 48.00 32.07 -2.36
N LYS I 61 49.00 32.21 -1.50
CA LYS I 61 50.18 31.34 -1.61
C LYS I 61 49.80 29.88 -1.46
N ARG I 62 48.90 29.58 -0.51
CA ARG I 62 48.44 28.21 -0.33
C ARG I 62 47.73 27.71 -1.58
N VAL I 63 46.93 28.55 -2.23
CA VAL I 63 46.25 28.16 -3.46
C VAL I 63 47.24 27.88 -4.56
N HIS I 64 48.31 28.68 -4.65
CA HIS I 64 49.35 28.40 -5.65
C HIS I 64 50.01 27.05 -5.41
N GLU I 65 50.33 26.74 -4.15
CA GLU I 65 50.88 25.41 -3.85
C GLU I 65 49.88 24.32 -4.19
N LEU I 66 48.59 24.56 -3.97
CA LEU I 66 47.57 23.58 -4.33
C LEU I 66 47.54 23.32 -5.84
N GLU I 67 47.69 24.39 -6.62
CA GLU I 67 47.75 24.24 -8.08
C GLU I 67 48.95 23.39 -8.47
N ILE I 68 50.10 23.66 -7.86
CA ILE I 68 51.29 22.86 -8.15
C ILE I 68 51.04 21.40 -7.78
N GLU I 69 50.34 21.17 -6.66
CA GLU I 69 50.02 19.80 -6.26
C GLU I 69 49.14 19.11 -7.30
N PHE I 70 48.14 19.81 -7.83
CA PHE I 70 47.22 19.23 -8.79
C PHE I 70 47.78 19.11 -10.20
N GLU I 71 48.95 19.71 -10.46
CA GLU I 71 49.58 19.56 -11.77
C GLU I 71 49.70 18.09 -12.17
N GLY I 72 50.20 17.24 -11.27
CA GLY I 72 50.39 15.84 -11.60
C GLY I 72 49.08 15.12 -11.85
N LYS I 73 48.04 15.47 -11.09
CA LYS I 73 46.73 14.85 -11.31
C LYS I 73 46.18 15.22 -12.68
N PHE I 74 46.40 16.47 -13.12
CA PHE I 74 45.97 16.89 -14.45
C PHE I 74 46.82 16.27 -15.55
N LYS I 75 48.04 15.89 -15.22
CA LYS I 75 49.00 15.44 -16.24
C LYS I 75 48.48 14.27 -17.06
N SER I 76 47.86 13.27 -16.42
CA SER I 76 47.46 12.08 -17.16
C SER I 76 46.49 12.42 -18.29
N THR I 77 45.44 13.19 -17.95
CA THR I 77 44.46 13.56 -18.97
C THR I 77 45.07 14.45 -20.03
N PHE I 78 45.93 15.39 -19.65
CA PHE I 78 46.52 16.27 -20.66
C PHE I 78 47.45 15.52 -21.59
N ASP I 79 48.22 14.56 -21.05
CA ASP I 79 49.11 13.76 -21.90
C ASP I 79 48.31 12.86 -22.83
N GLN I 80 47.21 12.29 -22.36
CA GLN I 80 46.38 11.50 -23.26
C GLN I 80 45.80 12.37 -24.38
N ARG I 81 45.38 13.59 -24.05
CA ARG I 81 44.93 14.52 -25.09
C ARG I 81 46.04 14.76 -26.11
N LYS I 82 47.25 15.03 -25.63
CA LYS I 82 48.38 15.24 -26.53
C LYS I 82 48.60 14.03 -27.44
N ALA I 83 48.46 12.83 -26.88
CA ALA I 83 48.62 11.62 -27.68
C ALA I 83 47.55 11.53 -28.78
N ILE I 84 46.30 11.85 -28.44
CA ILE I 84 45.24 11.80 -29.44
C ILE I 84 45.46 12.86 -30.52
N VAL I 85 45.85 14.07 -30.13
CA VAL I 85 46.04 15.16 -31.09
C VAL I 85 47.16 14.82 -32.07
N ALA I 86 48.22 14.19 -31.58
CA ALA I 86 49.36 13.85 -32.44
C ALA I 86 49.15 12.58 -33.24
N GLY I 87 48.00 11.93 -33.11
CA GLY I 87 47.74 10.72 -33.87
C GLY I 87 48.58 9.52 -33.48
N GLU I 88 49.23 9.55 -32.32
CA GLU I 88 50.05 8.42 -31.91
C GLU I 88 49.19 7.24 -31.51
N VAL I 89 48.04 7.49 -30.89
CA VAL I 89 47.12 6.44 -30.48
C VAL I 89 45.75 6.73 -31.07
N GLU I 90 44.95 5.67 -31.21
CA GLU I 90 43.63 5.82 -31.77
C GLU I 90 42.55 5.77 -30.68
N PRO I 91 41.43 6.46 -30.89
CA PRO I 91 40.39 6.50 -29.86
C PRO I 91 39.73 5.13 -29.63
N THR I 92 39.24 4.95 -28.41
CA THR I 92 38.56 3.73 -28.00
C THR I 92 37.06 3.87 -28.25
N LYS I 93 36.34 2.76 -28.05
CA LYS I 93 34.91 2.75 -28.31
C LYS I 93 34.17 3.74 -27.42
N GLU I 94 34.51 3.80 -26.13
CA GLU I 94 33.88 4.77 -25.24
C GLU I 94 34.17 6.19 -25.71
N GLN I 95 35.41 6.45 -26.13
CA GLN I 95 35.74 7.78 -26.64
C GLN I 95 34.98 8.09 -27.93
N ILE I 96 34.79 7.09 -28.79
CA ILE I 96 34.05 7.28 -30.03
C ILE I 96 32.58 7.58 -29.73
N ASP I 97 32.02 6.92 -28.71
CA ASP I 97 30.61 7.14 -28.36
C ASP I 97 30.39 8.35 -27.46
N THR I 98 31.30 9.32 -27.51
CA THR I 98 31.11 10.59 -26.84
C THR I 98 30.78 11.64 -27.87
N PRO I 99 29.69 12.41 -27.70
CA PRO I 99 29.33 13.40 -28.71
C PRO I 99 30.44 14.42 -28.93
N ILE I 100 30.77 14.63 -30.21
CA ILE I 100 31.79 15.61 -30.55
C ILE I 100 31.33 17.00 -30.17
N LEU I 101 30.03 17.27 -30.31
CA LEU I 101 29.42 18.51 -29.89
C LEU I 101 28.26 18.18 -28.96
N GLU I 102 28.27 18.75 -27.76
CA GLU I 102 27.18 18.53 -26.83
C GLU I 102 25.91 19.24 -27.28
N GLY I 103 24.78 18.79 -26.73
CA GLY I 103 23.50 19.35 -27.09
C GLY I 103 22.99 18.98 -28.46
N LEU I 104 23.83 18.39 -29.32
CA LEU I 104 23.37 17.95 -30.62
C LEU I 104 22.28 16.90 -30.47
N GLU I 105 21.11 17.20 -31.01
CA GLU I 105 20.02 16.24 -30.98
C GLU I 105 20.37 15.04 -31.87
N GLY I 106 19.57 13.97 -31.75
CA GLY I 106 19.95 12.72 -32.39
C GLY I 106 20.15 12.85 -33.89
N ASP I 107 19.22 13.51 -34.57
CA ASP I 107 19.35 13.70 -36.01
C ASP I 107 20.58 14.51 -36.35
N GLN I 108 20.86 15.58 -35.58
CA GLN I 108 22.03 16.41 -35.87
C GLN I 108 23.31 15.61 -35.73
N LEU I 109 23.41 14.78 -34.69
CA LEU I 109 24.59 13.94 -34.49
C LEU I 109 24.75 12.95 -35.63
N ALA I 110 23.66 12.29 -36.03
CA ALA I 110 23.76 11.29 -37.10
C ALA I 110 24.19 11.93 -38.42
N GLU I 111 23.56 13.04 -38.81
CA GLU I 111 23.95 13.69 -40.06
C GLU I 111 25.39 14.21 -39.99
N LEU I 112 25.78 14.80 -38.86
CA LEU I 112 27.14 15.32 -38.75
C LEU I 112 28.17 14.22 -38.88
N TYR I 113 27.94 13.08 -38.22
CA TYR I 113 28.88 11.97 -38.37
C TYR I 113 28.90 11.43 -39.79
N LYS I 114 27.76 11.42 -40.47
CA LYS I 114 27.73 10.91 -41.84
C LYS I 114 28.00 12.00 -42.87
N ALA I 115 28.46 13.17 -42.44
CA ALA I 115 28.75 14.28 -43.34
C ALA I 115 30.13 14.25 -43.96
N ALA I 116 31.10 13.55 -43.37
CA ALA I 116 32.45 13.50 -43.92
C ALA I 116 32.99 12.08 -43.94
N GLU I 117 33.82 11.81 -44.95
CA GLU I 117 34.42 10.51 -45.16
C GLU I 117 35.82 10.50 -44.53
N ALA I 118 36.16 9.40 -43.86
CA ALA I 118 37.46 9.32 -43.19
C ALA I 118 38.52 9.10 -44.24
N ASP I 119 39.42 10.07 -44.40
CA ASP I 119 40.50 9.93 -45.37
C ASP I 119 41.77 9.56 -44.62
N PRO I 120 42.35 8.36 -44.87
CA PRO I 120 43.50 7.87 -44.12
C PRO I 120 44.82 8.60 -44.42
N SER I 121 44.74 9.93 -44.51
CA SER I 121 45.92 10.77 -44.57
C SER I 121 46.07 11.68 -43.36
N ALA I 122 45.03 11.81 -42.54
CA ALA I 122 45.10 12.64 -41.34
C ALA I 122 45.81 11.88 -40.24
N LYS I 123 46.96 12.40 -39.80
CA LYS I 123 47.79 11.75 -38.79
C LYS I 123 47.52 12.32 -37.40
N GLY I 124 46.27 12.67 -37.12
CA GLY I 124 45.83 13.25 -35.88
C GLY I 124 44.94 14.44 -36.15
N ILE I 125 44.68 15.22 -35.10
CA ILE I 125 43.88 16.43 -35.24
C ILE I 125 44.84 17.52 -35.75
N LYS I 126 44.76 17.80 -37.05
CA LYS I 126 45.67 18.76 -37.67
C LYS I 126 45.34 20.18 -37.23
N ASP I 127 46.38 20.95 -36.90
CA ASP I 127 46.25 22.35 -36.49
C ASP I 127 45.30 22.51 -35.32
N PHE I 128 45.29 21.54 -34.40
CA PHE I 128 44.38 21.58 -33.27
C PHE I 128 44.63 22.82 -32.41
N TRP I 129 45.89 23.03 -32.01
CA TRP I 129 46.19 24.16 -31.15
C TRP I 129 46.02 25.49 -31.88
N LEU I 130 46.32 25.53 -33.18
CA LEU I 130 46.09 26.77 -33.93
C LEU I 130 44.62 27.18 -33.84
N THR I 131 43.71 26.25 -34.11
CA THR I 131 42.29 26.57 -34.04
C THR I 131 41.88 26.91 -32.61
N ALA I 132 42.38 26.16 -31.63
CA ALA I 132 42.00 26.40 -30.24
C ALA I 132 42.40 27.80 -29.78
N LEU I 133 43.65 28.20 -30.00
CA LEU I 133 44.07 29.54 -29.59
C LEU I 133 43.38 30.62 -30.41
N ARG I 134 43.22 30.42 -31.73
CA ARG I 134 42.62 31.49 -32.52
C ARG I 134 41.12 31.64 -32.28
N THR I 135 40.47 30.63 -31.70
CA THR I 135 39.07 30.81 -31.34
C THR I 135 38.92 31.61 -30.04
N HIS I 136 39.91 31.53 -29.15
CA HIS I 136 39.92 32.36 -27.95
C HIS I 136 40.23 33.81 -28.33
N ASP I 137 39.45 34.74 -27.79
CA ASP I 137 39.49 36.13 -28.26
C ASP I 137 40.86 36.77 -28.03
N LEU I 138 41.36 36.67 -26.80
CA LEU I 138 42.59 37.36 -26.41
C LEU I 138 43.76 36.93 -27.29
N VAL I 139 43.98 35.61 -27.40
CA VAL I 139 45.06 35.11 -28.24
C VAL I 139 44.79 35.41 -29.71
N ALA I 140 43.52 35.36 -30.12
CA ALA I 140 43.19 35.64 -31.51
C ALA I 140 43.66 37.03 -31.92
N GLU I 141 43.54 38.01 -31.02
CA GLU I 141 44.04 39.34 -31.34
C GLU I 141 45.56 39.38 -31.53
N ALA I 142 46.29 38.40 -30.99
CA ALA I 142 47.74 38.35 -31.17
C ALA I 142 48.17 37.58 -32.40
N ILE I 143 47.36 36.65 -32.89
CA ILE I 143 47.73 35.82 -34.03
C ILE I 143 47.48 36.57 -35.33
N GLU I 144 48.54 36.77 -36.10
CA GLU I 144 48.47 37.37 -37.43
C GLU I 144 48.45 36.26 -38.48
N GLU I 145 48.28 36.66 -39.73
CA GLU I 145 48.19 35.67 -40.80
C GLU I 145 49.52 34.95 -41.03
N HIS I 146 50.63 35.68 -41.04
CA HIS I 146 51.91 35.10 -41.43
C HIS I 146 52.53 34.17 -40.38
N ASP I 147 52.14 34.26 -39.12
CA ASP I 147 52.61 33.30 -38.12
C ASP I 147 51.74 32.04 -38.05
N VAL I 148 50.62 32.02 -38.76
CA VAL I 148 49.71 30.86 -38.71
C VAL I 148 50.39 29.57 -39.15
N PRO I 149 51.04 29.50 -40.32
CA PRO I 149 51.68 28.24 -40.71
C PRO I 149 52.75 27.78 -39.72
N ILE I 150 53.44 28.73 -39.06
CA ILE I 150 54.43 28.35 -38.06
C ILE I 150 53.73 27.69 -36.86
N LEU I 151 52.64 28.28 -36.40
CA LEU I 151 51.88 27.72 -35.29
C LEU I 151 51.17 26.43 -35.66
N SER I 152 51.07 26.10 -36.94
CA SER I 152 50.52 24.80 -37.32
C SER I 152 51.40 23.63 -36.88
N TYR I 153 52.65 23.88 -36.50
CA TYR I 153 53.56 22.83 -36.06
C TYR I 153 53.58 22.67 -34.54
N LEU I 154 52.73 23.39 -33.83
CA LEU I 154 52.71 23.40 -32.36
C LEU I 154 52.11 22.08 -31.88
N THR I 155 52.95 21.19 -31.34
CA THR I 155 52.44 19.88 -30.91
C THR I 155 51.66 19.98 -29.60
N ASP I 156 52.14 20.73 -28.62
CA ASP I 156 51.43 20.81 -27.34
C ASP I 156 51.78 22.11 -26.63
N VAL I 157 50.87 22.52 -25.74
CA VAL I 157 51.09 23.66 -24.85
C VAL I 157 50.87 23.19 -23.43
N THR I 158 51.88 23.35 -22.58
CA THR I 158 51.86 22.90 -21.20
C THR I 158 52.19 24.07 -20.30
N THR I 159 51.76 23.97 -19.04
CA THR I 159 52.04 25.00 -18.06
C THR I 159 52.48 24.35 -16.76
N ALA I 160 53.35 25.05 -16.03
CA ALA I 160 53.89 24.58 -14.77
C ALA I 160 54.31 25.78 -13.93
N ALA I 161 54.18 25.64 -12.62
CA ALA I 161 54.44 26.73 -11.69
C ALA I 161 55.72 26.45 -10.88
N SER I 162 56.44 27.52 -10.58
CA SER I 162 57.68 27.46 -9.81
C SER I 162 57.37 27.66 -8.33
N LYS I 163 58.27 27.17 -7.47
CA LYS I 163 58.00 27.23 -6.04
C LYS I 163 58.71 28.40 -5.34
N ASP I 164 60.05 28.41 -5.35
CA ASP I 164 60.74 29.49 -4.64
C ASP I 164 60.73 30.77 -5.47
N PRO I 165 61.19 30.75 -6.75
CA PRO I 165 60.90 31.92 -7.60
C PRO I 165 59.44 31.87 -8.05
N ALA I 166 58.57 32.33 -7.15
CA ALA I 166 57.12 32.31 -7.34
C ALA I 166 56.67 32.82 -8.70
N GLY I 167 56.13 31.91 -9.51
CA GLY I 167 55.64 32.28 -10.81
C GLY I 167 55.13 31.05 -11.53
N PHE I 168 55.07 31.14 -12.86
CA PHE I 168 54.69 29.99 -13.67
C PHE I 168 55.32 30.13 -15.05
N LYS I 169 55.19 29.08 -15.85
CA LYS I 169 55.76 29.08 -17.19
C LYS I 169 54.79 28.42 -18.15
N ILE I 170 54.87 28.85 -19.41
CA ILE I 170 54.10 28.26 -20.50
C ILE I 170 55.11 27.79 -21.54
N GLU I 171 55.03 26.51 -21.90
CA GLU I 171 55.95 25.91 -22.87
C GLU I 171 55.18 25.53 -24.12
N PHE I 172 55.53 26.14 -25.24
CA PHE I 172 54.99 25.76 -26.54
C PHE I 172 56.01 24.83 -27.19
N HIS I 173 55.70 23.53 -27.18
CA HIS I 173 56.56 22.53 -27.80
C HIS I 173 56.27 22.47 -29.29
N PHE I 174 57.25 22.80 -30.11
CA PHE I 174 57.10 22.76 -31.56
C PHE I 174 57.74 21.51 -32.13
N ALA I 175 57.33 21.18 -33.35
CA ALA I 175 57.88 20.05 -34.09
C ALA I 175 58.95 20.55 -35.05
N THR I 176 59.46 19.62 -35.87
CA THR I 176 60.44 19.98 -36.89
C THR I 176 59.78 20.91 -37.90
N ASN I 177 60.14 22.19 -37.87
CA ASN I 177 59.49 23.20 -38.69
C ASN I 177 60.51 23.96 -39.51
N PRO I 178 60.12 24.46 -40.68
CA PRO I 178 61.07 25.20 -41.54
C PRO I 178 61.15 26.68 -41.20
N TYR I 179 60.71 27.08 -40.01
CA TYR I 179 60.72 28.47 -39.60
C TYR I 179 61.73 28.80 -38.52
N PHE I 180 61.91 27.94 -37.52
CA PHE I 180 62.93 28.14 -36.50
C PHE I 180 63.37 26.79 -35.96
N LYS I 181 64.55 26.79 -35.33
CA LYS I 181 65.12 25.57 -34.78
C LYS I 181 64.70 25.28 -33.34
N ASN I 182 64.03 26.20 -32.66
CA ASN I 182 63.60 25.94 -31.29
C ASN I 182 62.60 24.80 -31.27
N GLN I 183 62.90 23.75 -30.50
CA GLN I 183 61.92 22.69 -30.32
C GLN I 183 60.85 23.07 -29.30
N VAL I 184 61.23 23.82 -28.26
CA VAL I 184 60.29 24.29 -27.24
C VAL I 184 60.60 25.75 -26.94
N LEU I 185 59.56 26.58 -26.95
CA LEU I 185 59.65 27.99 -26.58
C LEU I 185 58.96 28.21 -25.24
N THR I 186 59.70 28.76 -24.27
CA THR I 186 59.20 28.94 -22.91
C THR I 186 59.00 30.42 -22.62
N LYS I 187 57.88 30.75 -21.97
CA LYS I 187 57.62 32.10 -21.49
C LYS I 187 57.30 32.02 -20.02
N THR I 188 58.05 32.75 -19.19
CA THR I 188 57.94 32.67 -17.74
C THR I 188 57.42 33.97 -17.17
N TYR I 189 56.58 33.86 -16.14
CA TYR I 189 56.05 34.99 -15.39
C TYR I 189 56.49 34.85 -13.94
N LEU I 190 57.19 35.86 -13.43
CA LEU I 190 57.53 35.96 -12.02
C LEU I 190 56.48 36.82 -11.34
N LEU I 191 55.80 36.22 -10.35
CA LEU I 191 54.63 36.78 -9.70
C LEU I 191 54.90 37.00 -8.22
N GLY I 192 54.29 38.04 -7.67
CA GLY I 192 54.40 38.37 -6.25
C GLY I 192 53.08 38.16 -5.54
N PHE I 193 53.13 37.39 -4.45
CA PHE I 193 51.95 37.11 -3.64
C PHE I 193 51.85 37.99 -2.41
N ASP I 194 52.80 38.90 -2.21
CA ASP I 194 52.74 39.74 -1.02
C ASP I 194 52.29 41.15 -1.37
N PRO I 195 51.50 41.77 -0.50
CA PRO I 195 51.04 43.15 -0.76
C PRO I 195 52.20 44.13 -0.79
N ASP I 196 52.07 45.15 -1.64
CA ASP I 196 53.05 46.21 -1.69
C ASP I 196 53.00 47.05 -0.43
N ALA I 197 54.17 47.48 0.05
CA ALA I 197 54.19 48.36 1.22
C ALA I 197 53.66 49.73 0.87
N GLU I 198 53.81 50.15 -0.39
CA GLU I 198 53.27 51.44 -0.82
C GLU I 198 51.74 51.39 -0.89
N ALA I 199 51.19 50.32 -1.44
CA ALA I 199 49.74 50.18 -1.63
C ALA I 199 49.29 48.86 -1.02
N PRO I 200 49.23 48.77 0.31
CA PRO I 200 48.85 47.51 0.95
C PRO I 200 47.38 47.14 0.77
N LEU I 201 46.48 48.13 0.70
CA LEU I 201 45.05 47.87 0.67
C LEU I 201 44.51 47.64 -0.73
N GLN I 202 45.35 47.76 -1.76
CA GLN I 202 44.94 47.49 -3.13
C GLN I 202 45.31 46.08 -3.56
N PHE I 203 45.29 45.14 -2.62
CA PHE I 203 45.63 43.75 -2.88
C PHE I 203 44.40 42.99 -3.36
N ASP I 204 44.48 42.42 -4.57
CA ASP I 204 43.42 41.62 -5.13
C ASP I 204 43.90 40.22 -5.50
N GLY I 205 45.10 39.85 -5.09
CA GLY I 205 45.69 38.58 -5.49
C GLY I 205 47.10 38.75 -6.00
N PRO I 206 47.68 37.66 -6.50
CA PRO I 206 49.05 37.72 -7.02
C PRO I 206 49.17 38.71 -8.17
N HIS I 207 50.20 39.54 -8.10
CA HIS I 207 50.53 40.47 -9.17
C HIS I 207 51.73 39.93 -9.95
N VAL I 208 52.01 40.58 -11.07
CA VAL I 208 53.13 40.20 -11.92
C VAL I 208 54.34 41.06 -11.57
N ILE I 209 55.47 40.41 -11.29
CA ILE I 209 56.72 41.14 -11.12
C ILE I 209 57.39 41.36 -12.46
N ARG I 210 57.58 40.30 -13.23
CA ARG I 210 58.16 40.48 -14.57
C ARG I 210 57.85 39.27 -15.44
N ALA I 211 58.14 39.41 -16.73
CA ALA I 211 57.96 38.33 -17.71
C ALA I 211 59.21 38.20 -18.56
N VAL I 212 59.62 36.96 -18.83
CA VAL I 212 60.79 36.66 -19.64
C VAL I 212 60.40 35.70 -20.75
N GLY I 213 60.71 36.07 -22.00
CA GLY I 213 60.39 35.25 -23.15
C GLY I 213 61.48 34.29 -23.57
N ASP I 214 61.71 34.15 -24.87
CA ASP I 214 62.73 33.28 -25.42
C ASP I 214 63.36 33.92 -26.64
N THR I 215 64.46 33.33 -27.09
CA THR I 215 65.16 33.75 -28.30
C THR I 215 64.87 32.72 -29.40
N ILE I 216 64.21 33.16 -30.45
CA ILE I 216 63.77 32.28 -31.53
C ILE I 216 64.89 32.14 -32.56
N GLU I 217 65.31 30.90 -32.81
CA GLU I 217 66.36 30.59 -33.78
C GLU I 217 65.78 30.58 -35.21
N TRP I 218 65.40 31.77 -35.68
CA TRP I 218 64.87 31.90 -37.03
C TRP I 218 65.91 31.46 -38.04
N GLU I 219 65.46 30.83 -39.13
CA GLU I 219 66.42 30.41 -40.16
C GLU I 219 66.83 31.56 -41.07
N ASP I 220 65.93 31.99 -41.98
CA ASP I 220 66.21 33.01 -42.99
C ASP I 220 64.91 33.48 -43.63
N GLY I 221 64.60 34.77 -43.49
CA GLY I 221 63.39 35.27 -44.09
C GLY I 221 62.11 34.77 -43.44
N LYS I 222 62.22 34.06 -42.33
CA LYS I 222 61.08 33.50 -41.62
C LYS I 222 60.75 34.26 -40.35
N ASN I 223 61.54 35.26 -40.00
CA ASN I 223 61.33 36.03 -38.78
C ASN I 223 60.06 36.84 -38.96
N VAL I 224 58.95 36.36 -38.38
CA VAL I 224 57.70 37.08 -38.49
C VAL I 224 57.65 38.26 -37.54
N THR I 225 58.55 38.32 -36.56
CA THR I 225 58.66 39.45 -35.66
C THR I 225 59.40 40.62 -36.30
N LYS I 226 59.78 40.52 -37.57
CA LYS I 226 60.56 41.56 -38.24
C LYS I 226 60.06 41.75 -39.66
N LYS I 227 59.73 42.99 -40.00
CA LYS I 227 59.29 43.37 -41.34
C LYS I 227 60.38 44.19 -42.03
N ALA I 228 60.27 44.29 -43.35
CA ALA I 228 61.21 45.08 -44.14
C ALA I 228 61.02 46.57 -43.90
N THR I 246 63.97 48.50 -41.86
CA THR I 246 63.53 47.30 -41.16
C THR I 246 63.07 47.64 -39.74
N VAL I 247 61.82 47.29 -39.42
CA VAL I 247 61.27 47.43 -38.09
C VAL I 247 60.57 46.14 -37.71
N LYS I 248 60.34 45.97 -36.41
CA LYS I 248 59.70 44.76 -35.93
C LYS I 248 58.26 44.66 -36.43
N ALA I 249 57.86 43.44 -36.80
CA ALA I 249 56.57 43.20 -37.42
C ALA I 249 55.55 42.74 -36.38
N ASP I 250 54.38 42.32 -36.86
CA ASP I 250 53.29 41.86 -36.00
C ASP I 250 53.23 40.35 -36.05
N SER I 251 53.44 39.70 -34.90
CA SER I 251 53.41 38.25 -34.83
C SER I 251 53.05 37.81 -33.43
N PHE I 252 52.57 36.57 -33.33
CA PHE I 252 52.34 35.98 -32.02
C PHE I 252 53.65 35.72 -31.30
N PHE I 253 54.73 35.45 -32.04
CA PHE I 253 55.99 35.08 -31.44
C PHE I 253 56.70 36.25 -30.78
N ASN I 254 56.24 37.49 -31.00
CA ASN I 254 56.67 38.60 -30.16
C ASN I 254 56.27 38.38 -28.70
N PHE I 255 55.40 37.41 -28.44
CA PHE I 255 55.13 36.97 -27.08
C PHE I 255 56.40 36.57 -26.36
N PHE I 256 57.40 36.12 -27.11
CA PHE I 256 58.71 35.78 -26.56
C PHE I 256 59.69 36.93 -26.63
N GLU I 257 59.18 38.14 -26.86
CA GLU I 257 59.94 39.39 -26.76
C GLU I 257 59.15 40.23 -25.76
N PRO I 258 59.22 39.86 -24.48
CA PRO I 258 58.29 40.42 -23.49
C PRO I 258 58.59 41.86 -23.17
N PRO I 259 57.59 42.60 -22.71
CA PRO I 259 57.83 43.96 -22.23
C PRO I 259 58.57 43.95 -20.90
N LYS I 260 59.35 45.00 -20.67
CA LYS I 260 60.05 45.15 -19.40
C LYS I 260 59.95 46.58 -18.89
N ASP I 270 60.90 55.80 -20.78
CA ASP I 270 60.49 56.65 -19.68
C ASP I 270 58.99 56.92 -19.69
N ASP I 271 58.21 55.85 -19.59
CA ASP I 271 56.76 55.97 -19.55
C ASP I 271 56.20 54.76 -18.81
N GLU I 272 54.98 54.91 -18.29
CA GLU I 272 54.33 53.86 -17.53
C GLU I 272 53.37 53.03 -18.38
N GLN I 273 53.35 53.24 -19.70
CA GLN I 273 52.63 52.32 -20.57
C GLN I 273 53.24 50.93 -20.53
N ALA I 274 54.51 50.81 -20.12
CA ALA I 274 55.14 49.49 -20.04
C ALA I 274 54.44 48.61 -19.02
N GLU I 275 53.97 49.19 -17.92
CA GLU I 275 53.21 48.41 -16.94
C GLU I 275 51.90 47.91 -17.54
N GLU I 276 51.22 48.75 -18.33
CA GLU I 276 50.01 48.29 -19.00
C GLU I 276 50.30 47.18 -20.01
N PHE I 277 51.41 47.32 -20.75
CA PHE I 277 51.80 46.27 -21.68
C PHE I 277 52.08 44.96 -20.95
N LEU I 278 52.79 45.05 -19.83
CA LEU I 278 53.10 43.87 -19.02
C LEU I 278 51.82 43.25 -18.46
N GLU I 279 50.87 44.08 -18.04
CA GLU I 279 49.62 43.56 -17.52
C GLU I 279 48.81 42.84 -18.59
N LEU I 280 48.77 43.40 -19.81
CA LEU I 280 48.06 42.71 -20.88
C LEU I 280 48.77 41.42 -21.29
N ASP I 281 50.10 41.43 -21.32
CA ASP I 281 50.85 40.21 -21.59
C ASP I 281 50.57 39.15 -20.51
N TYR I 282 50.53 39.57 -19.25
CA TYR I 282 50.19 38.67 -18.15
C TYR I 282 48.78 38.14 -18.31
N GLU I 283 47.84 38.98 -18.77
CA GLU I 283 46.48 38.52 -19.03
C GLU I 283 46.47 37.46 -20.11
N MET I 284 47.30 37.64 -21.13
CA MET I 284 47.42 36.62 -22.19
C MET I 284 47.95 35.31 -21.62
N GLY I 285 48.98 35.40 -20.78
CA GLY I 285 49.52 34.21 -20.14
C GLY I 285 48.50 33.51 -19.26
N GLN I 286 47.71 34.27 -18.49
CA GLN I 286 46.66 33.70 -17.66
C GLN I 286 45.58 33.05 -18.52
N ALA I 287 45.24 33.67 -19.66
CA ALA I 287 44.24 33.09 -20.54
C ALA I 287 44.72 31.75 -21.08
N ILE I 288 45.99 31.67 -21.47
CA ILE I 288 46.51 30.38 -21.94
C ILE I 288 46.56 29.36 -20.80
N ARG I 289 46.99 29.79 -19.61
CA ARG I 289 47.22 28.85 -18.50
C ARG I 289 45.91 28.31 -17.95
N ASP I 290 44.94 29.17 -17.67
CA ASP I 290 43.74 28.79 -16.94
C ASP I 290 42.56 28.42 -17.82
N THR I 291 42.51 28.91 -19.05
CA THR I 291 41.34 28.73 -19.90
C THR I 291 41.62 27.85 -21.11
N ILE I 292 42.69 28.10 -21.86
CA ILE I 292 42.91 27.38 -23.12
C ILE I 292 43.40 25.97 -22.84
N ILE I 293 44.51 25.83 -22.10
CA ILE I 293 45.04 24.49 -21.81
C ILE I 293 44.03 23.60 -21.10
N PRO I 294 43.35 24.03 -20.03
CA PRO I 294 42.37 23.13 -19.40
C PRO I 294 41.23 22.71 -20.29
N ARG I 295 40.77 23.57 -21.22
CA ARG I 295 39.65 23.25 -22.10
C ARG I 295 40.05 23.57 -23.54
N ALA I 296 40.99 22.79 -24.08
CA ALA I 296 41.50 23.06 -25.42
C ALA I 296 40.50 22.67 -26.50
N VAL I 297 39.93 21.47 -26.38
CA VAL I 297 39.01 20.97 -27.40
C VAL I 297 37.76 21.84 -27.47
N LEU I 298 37.32 22.37 -26.33
CA LEU I 298 36.15 23.24 -26.33
C LEU I 298 36.41 24.50 -27.15
N PHE I 299 37.67 24.91 -27.23
CA PHE I 299 38.04 26.00 -28.13
C PHE I 299 38.18 25.52 -29.57
N TYR I 300 38.64 24.28 -29.76
CA TYR I 300 38.72 23.72 -31.10
C TYR I 300 37.35 23.64 -31.76
N THR I 301 36.38 23.08 -31.04
CA THR I 301 35.01 23.00 -31.55
C THR I 301 34.35 24.37 -31.62
N GLY I 302 34.92 25.38 -30.97
CA GLY I 302 34.34 26.71 -30.98
C GLY I 302 33.14 26.86 -30.09
N GLU I 303 32.92 25.93 -29.17
CA GLU I 303 31.79 26.02 -28.25
C GLU I 303 32.07 26.91 -27.05
N LEU I 304 33.30 27.39 -26.90
CA LEU I 304 33.67 28.24 -25.77
C LEU I 304 34.54 29.41 -26.23
N GLN I 305 34.16 30.62 -25.81
CA GLN I 305 34.97 31.82 -26.04
C GLN I 305 35.15 32.56 -24.72
N SER I 306 36.40 32.91 -24.41
CA SER I 306 36.70 33.64 -23.19
C SER I 306 37.48 34.92 -23.50
N GLY J 22 26.66 24.57 -28.29
CA GLY J 22 26.89 23.26 -28.85
C GLY J 22 26.62 23.24 -30.35
N LEU J 23 25.33 23.29 -30.69
CA LEU J 23 24.95 23.61 -32.05
C LEU J 23 25.28 25.08 -32.33
N LEU J 24 25.48 25.41 -33.59
CA LEU J 24 25.78 26.78 -34.01
C LEU J 24 27.09 27.28 -33.40
N SER J 25 28.04 26.39 -33.18
CA SER J 25 29.30 26.79 -32.59
C SER J 25 30.12 27.50 -33.66
N THR J 26 31.00 28.41 -33.21
CA THR J 26 31.79 29.21 -34.14
C THR J 26 32.34 28.33 -35.26
N ASN J 27 33.25 27.42 -34.93
CA ASN J 27 33.76 26.47 -35.90
C ASN J 27 32.78 25.34 -36.20
N PHE J 28 31.51 25.64 -36.54
CA PHE J 28 30.57 24.55 -36.80
C PHE J 28 30.82 23.91 -38.16
N ASP J 29 30.95 24.73 -39.21
CA ASP J 29 31.21 24.18 -40.53
C ASP J 29 32.52 23.40 -40.52
N MET J 30 33.49 23.87 -39.74
CA MET J 30 34.75 23.15 -39.58
C MET J 30 34.50 21.73 -39.08
N ILE J 31 33.64 21.58 -38.07
CA ILE J 31 33.35 20.25 -37.54
C ILE J 31 32.72 19.39 -38.62
N GLN J 32 31.91 19.99 -39.49
CA GLN J 32 31.35 19.21 -40.60
C GLN J 32 32.44 18.77 -41.56
N ALA J 33 33.42 19.64 -41.81
CA ALA J 33 34.48 19.28 -42.75
C ALA J 33 35.48 18.28 -42.15
N LEU J 34 35.48 18.11 -40.84
CA LEU J 34 36.43 17.19 -40.21
C LEU J 34 36.17 15.76 -40.68
N PRO J 35 37.20 15.03 -41.11
CA PRO J 35 37.03 13.60 -41.44
C PRO J 35 36.58 12.81 -40.22
N LEU J 36 35.54 11.99 -40.42
CA LEU J 36 35.04 11.07 -39.38
C LEU J 36 36.15 10.50 -38.50
N ASN J 37 37.32 10.21 -39.09
CA ASN J 37 38.47 9.80 -38.28
C ASN J 37 38.85 10.91 -37.29
N VAL J 38 39.01 12.13 -37.79
CA VAL J 38 39.35 13.24 -36.90
C VAL J 38 38.15 13.60 -36.04
N LYS J 39 36.93 13.32 -36.52
CA LYS J 39 35.75 13.58 -35.70
C LYS J 39 35.76 12.70 -34.45
N GLN J 40 36.11 11.43 -34.61
CA GLN J 40 36.21 10.54 -33.47
C GLN J 40 37.39 10.91 -32.58
N ARG J 41 38.47 11.42 -33.17
CA ARG J 41 39.57 11.92 -32.33
C ARG J 41 39.10 13.09 -31.46
N VAL J 42 38.31 14.00 -32.04
CA VAL J 42 37.74 15.10 -31.27
C VAL J 42 36.82 14.56 -30.18
N CYS J 43 36.06 13.50 -30.49
CA CYS J 43 35.22 12.88 -29.48
C CYS J 43 36.04 12.35 -28.30
N ALA J 44 37.19 11.73 -28.61
CA ALA J 44 38.10 11.31 -27.56
C ALA J 44 38.56 12.50 -26.73
N LEU J 45 38.85 13.62 -27.38
CA LEU J 45 39.21 14.83 -26.64
C LEU J 45 38.06 15.32 -25.77
N LYS J 46 36.82 15.17 -26.21
CA LYS J 46 35.67 15.54 -25.37
C LYS J 46 35.60 14.67 -24.12
N ASN J 47 35.82 13.36 -24.27
CA ASN J 47 35.84 12.48 -23.11
C ASN J 47 36.94 12.87 -22.13
N LEU J 48 38.14 13.12 -22.66
CA LEU J 48 39.24 13.57 -21.80
C LEU J 48 38.93 14.91 -21.15
N GLN J 49 38.18 15.77 -21.85
CA GLN J 49 37.75 17.03 -21.28
C GLN J 49 36.85 16.79 -20.08
N MET J 50 35.95 15.81 -20.19
CA MET J 50 35.10 15.45 -19.06
C MET J 50 35.92 14.98 -17.87
N LYS J 51 36.94 14.15 -18.12
CA LYS J 51 37.81 13.70 -17.04
C LYS J 51 38.55 14.85 -16.37
N THR J 52 39.11 15.75 -17.18
CA THR J 52 39.81 16.91 -16.63
C THR J 52 38.87 17.78 -15.82
N ILE J 53 37.62 17.91 -16.27
CA ILE J 53 36.64 18.69 -15.52
C ILE J 53 36.39 18.05 -14.15
N GLN J 54 36.32 16.72 -14.10
CA GLN J 54 36.14 16.07 -12.80
C GLN J 54 37.31 16.33 -11.86
N ILE J 55 38.55 16.25 -12.38
CA ILE J 55 39.70 16.54 -11.53
C ILE J 55 39.67 18.00 -11.05
N GLU J 56 39.27 18.91 -11.94
CA GLU J 56 39.14 20.32 -11.55
C GLU J 56 38.09 20.49 -10.45
N SER J 57 37.01 19.72 -10.54
CA SER J 57 36.00 19.74 -9.48
C SER J 57 36.61 19.36 -8.14
N ASP J 58 37.42 18.31 -8.13
CA ASP J 58 38.11 17.94 -6.89
C ASP J 58 39.01 19.07 -6.39
N PHE J 59 39.70 19.75 -7.31
CA PHE J 59 40.50 20.91 -6.92
C PHE J 59 39.67 21.97 -6.23
N TYR J 60 38.50 22.28 -6.79
CA TYR J 60 37.64 23.30 -6.20
C TYR J 60 37.16 22.89 -4.82
N LYS J 61 36.88 21.59 -4.62
CA LYS J 61 36.55 21.11 -3.28
C LYS J 61 37.69 21.36 -2.31
N ARG J 62 38.94 21.08 -2.73
CA ARG J 62 40.07 21.34 -1.85
C ARG J 62 40.20 22.83 -1.52
N VAL J 63 39.96 23.70 -2.50
CA VAL J 63 40.01 25.13 -2.22
C VAL J 63 38.95 25.55 -1.21
N HIS J 64 37.76 24.94 -1.32
CA HIS J 64 36.71 25.22 -0.34
C HIS J 64 37.15 24.81 1.06
N GLU J 65 37.75 23.63 1.18
CA GLU J 65 38.29 23.21 2.48
C GLU J 65 39.37 24.17 2.98
N LEU J 66 40.18 24.69 2.06
CA LEU J 66 41.21 25.67 2.46
C LEU J 66 40.58 26.94 3.01
N GLU J 67 39.49 27.39 2.40
CA GLU J 67 38.76 28.55 2.93
C GLU J 67 38.25 28.27 4.34
N ILE J 68 37.68 27.06 4.54
CA ILE J 68 37.23 26.69 5.87
C ILE J 68 38.39 26.73 6.86
N GLU J 69 39.57 26.28 6.42
CA GLU J 69 40.75 26.31 7.30
C GLU J 69 41.13 27.74 7.67
N PHE J 70 41.10 28.66 6.70
CA PHE J 70 41.50 30.04 6.94
C PHE J 70 40.44 30.86 7.66
N GLU J 71 39.23 30.31 7.81
CA GLU J 71 38.18 30.98 8.58
C GLU J 71 38.69 31.40 9.96
N GLY J 72 39.39 30.50 10.64
CA GLY J 72 39.88 30.82 11.98
C GLY J 72 40.88 31.97 11.98
N LYS J 73 41.74 32.02 10.96
CA LYS J 73 42.67 33.14 10.86
C LYS J 73 41.95 34.46 10.64
N PHE J 74 40.88 34.45 9.84
CA PHE J 74 40.12 35.70 9.65
C PHE J 74 39.30 36.06 10.88
N LYS J 75 38.99 35.09 11.74
CA LYS J 75 38.11 35.33 12.88
C LYS J 75 38.64 36.44 13.78
N SER J 76 39.95 36.44 14.07
CA SER J 76 40.50 37.42 15.02
C SER J 76 40.27 38.84 14.52
N THR J 77 40.64 39.10 13.27
CA THR J 77 40.46 40.44 12.71
C THR J 77 38.99 40.82 12.65
N PHE J 78 38.12 39.87 12.28
CA PHE J 78 36.70 40.20 12.20
C PHE J 78 36.10 40.52 13.56
N ASP J 79 36.51 39.77 14.60
CA ASP J 79 36.02 40.06 15.95
C ASP J 79 36.55 41.38 16.47
N GLN J 80 37.82 41.71 16.21
CA GLN J 80 38.31 43.02 16.62
C GLN J 80 37.56 44.14 15.90
N ARG J 81 37.27 43.94 14.61
CA ARG J 81 36.46 44.91 13.88
C ARG J 81 35.09 45.08 14.53
N LYS J 82 34.43 43.96 14.85
CA LYS J 82 33.12 44.04 15.50
C LYS J 82 33.22 44.80 16.83
N ALA J 83 34.29 44.56 17.60
CA ALA J 83 34.45 45.25 18.87
C ALA J 83 34.58 46.75 18.68
N ILE J 84 35.39 47.18 17.70
CA ILE J 84 35.54 48.62 17.46
C ILE J 84 34.24 49.23 16.96
N VAL J 85 33.54 48.54 16.05
CA VAL J 85 32.28 49.06 15.52
C VAL J 85 31.24 49.18 16.63
N ALA J 86 31.23 48.24 17.56
CA ALA J 86 30.29 48.25 18.68
C ALA J 86 30.78 49.11 19.85
N GLY J 87 31.92 49.77 19.72
CA GLY J 87 32.45 50.59 20.79
C GLY J 87 32.93 49.80 21.99
N GLU J 88 33.15 48.49 21.84
CA GLU J 88 33.60 47.67 22.96
C GLU J 88 35.06 47.92 23.29
N VAL J 89 35.90 48.18 22.29
CA VAL J 89 37.32 48.44 22.51
C VAL J 89 37.69 49.77 21.89
N GLU J 90 38.78 50.36 22.41
CA GLU J 90 39.27 51.64 21.93
C GLU J 90 40.50 51.45 21.04
N PRO J 91 40.70 52.34 20.07
CA PRO J 91 41.83 52.17 19.15
C PRO J 91 43.16 52.30 19.87
N THR J 92 44.15 51.59 19.35
CA THR J 92 45.49 51.62 19.89
C THR J 92 46.32 52.68 19.15
N LYS J 93 47.52 52.94 19.69
CA LYS J 93 48.38 53.96 19.08
C LYS J 93 48.75 53.58 17.65
N GLU J 94 49.12 52.32 17.43
CA GLU J 94 49.39 51.85 16.07
C GLU J 94 48.13 51.95 15.21
N GLN J 95 46.98 51.59 15.78
CA GLN J 95 45.73 51.70 15.05
C GLN J 95 45.41 53.16 14.74
N ILE J 96 45.72 54.06 15.67
CA ILE J 96 45.50 55.49 15.45
C ILE J 96 46.42 55.99 14.35
N ASP J 97 47.65 55.48 14.29
CA ASP J 97 48.62 55.93 13.28
C ASP J 97 48.43 55.18 11.96
N THR J 98 47.21 54.72 11.71
CA THR J 98 46.89 54.15 10.41
C THR J 98 46.11 55.18 9.61
N PRO J 99 46.53 55.51 8.39
CA PRO J 99 45.81 56.52 7.61
C PRO J 99 44.36 56.12 7.38
N ILE J 100 43.45 57.05 7.70
CA ILE J 100 42.03 56.80 7.50
C ILE J 100 41.71 56.63 6.02
N LEU J 101 42.39 57.41 5.18
CA LEU J 101 42.30 57.27 3.72
C LEU J 101 43.70 57.16 3.16
N GLU J 102 43.98 56.05 2.48
CA GLU J 102 45.29 55.86 1.87
C GLU J 102 45.42 56.69 0.61
N GLY J 103 46.54 57.41 0.49
CA GLY J 103 46.77 58.26 -0.65
C GLY J 103 46.57 59.74 -0.42
N LEU J 104 46.63 60.20 0.83
CA LEU J 104 46.38 61.59 1.18
C LEU J 104 47.69 62.32 1.39
N GLU J 105 47.74 63.57 0.94
CA GLU J 105 48.88 64.43 1.25
C GLU J 105 48.92 64.71 2.75
N GLY J 106 50.12 64.99 3.26
CA GLY J 106 50.28 65.25 4.68
C GLY J 106 49.41 66.39 5.16
N ASP J 107 49.39 67.49 4.40
CA ASP J 107 48.49 68.59 4.71
C ASP J 107 47.04 68.13 4.64
N GLN J 108 46.68 67.37 3.60
CA GLN J 108 45.29 66.92 3.45
C GLN J 108 44.91 65.94 4.56
N LEU J 109 45.81 65.01 4.90
CA LEU J 109 45.53 64.07 5.98
C LEU J 109 45.33 64.81 7.31
N ALA J 110 46.22 65.75 7.61
CA ALA J 110 46.09 66.52 8.85
C ALA J 110 44.81 67.33 8.87
N GLU J 111 44.47 67.99 7.76
CA GLU J 111 43.25 68.78 7.70
C GLU J 111 42.02 67.91 7.88
N LEU J 112 41.99 66.74 7.23
CA LEU J 112 40.85 65.85 7.37
C LEU J 112 40.72 65.36 8.82
N TYR J 113 41.85 65.02 9.45
CA TYR J 113 41.79 64.60 10.84
C TYR J 113 41.29 65.72 11.75
N LYS J 114 41.67 66.97 11.45
CA LYS J 114 41.26 68.11 12.25
C LYS J 114 39.97 68.76 11.76
N ALA J 115 39.25 68.11 10.83
CA ALA J 115 38.03 68.72 10.32
C ALA J 115 36.81 68.44 11.19
N ALA J 116 36.82 67.37 11.97
CA ALA J 116 35.71 67.08 12.87
C ALA J 116 36.28 66.66 14.21
N GLU J 117 35.61 67.07 15.28
CA GLU J 117 36.03 66.78 16.64
C GLU J 117 35.22 65.61 17.23
N ALA J 118 35.85 64.92 18.17
CA ALA J 118 35.32 63.67 18.72
C ALA J 118 34.04 63.89 19.53
N ASP J 119 33.07 62.99 19.32
CA ASP J 119 31.82 62.98 20.07
C ASP J 119 31.87 61.92 21.15
N PRO J 120 31.84 62.29 22.43
CA PRO J 120 31.84 61.27 23.50
C PRO J 120 30.66 60.32 23.44
N SER J 121 29.49 60.78 23.01
CA SER J 121 28.29 59.95 22.93
C SER J 121 28.20 59.18 21.62
N ALA J 122 29.30 59.04 20.90
CA ALA J 122 29.37 58.26 19.66
C ALA J 122 30.12 56.97 19.96
N LYS J 123 29.38 55.87 20.12
CA LYS J 123 29.96 54.57 20.41
C LYS J 123 30.15 53.82 19.09
N GLY J 124 31.41 53.53 18.77
CA GLY J 124 31.73 52.77 17.58
C GLY J 124 31.44 53.52 16.29
N ILE J 125 31.44 52.76 15.21
CA ILE J 125 31.15 53.27 13.87
C ILE J 125 29.67 53.01 13.60
N LYS J 126 28.85 54.05 13.74
CA LYS J 126 27.42 53.91 13.58
C LYS J 126 27.06 53.67 12.12
N ASP J 127 26.10 52.76 11.91
CA ASP J 127 25.62 52.39 10.57
C ASP J 127 26.77 51.90 9.68
N PHE J 128 27.77 51.25 10.29
CA PHE J 128 28.93 50.79 9.52
C PHE J 128 28.53 49.77 8.47
N TRP J 129 27.83 48.71 8.89
CA TRP J 129 27.44 47.66 7.96
C TRP J 129 26.38 48.12 6.98
N LEU J 130 25.46 48.98 7.42
CA LEU J 130 24.49 49.57 6.51
C LEU J 130 25.18 50.30 5.37
N THR J 131 26.14 51.17 5.70
CA THR J 131 26.87 51.90 4.68
C THR J 131 27.68 50.98 3.79
N ALA J 132 28.34 49.98 4.39
CA ALA J 132 29.15 49.04 3.60
C ALA J 132 28.29 48.30 2.59
N LEU J 133 27.14 47.79 3.03
CA LEU J 133 26.25 47.08 2.12
C LEU J 133 25.68 48.00 1.04
N ARG J 134 25.32 49.23 1.42
CA ARG J 134 24.73 50.14 0.44
C ARG J 134 25.76 50.72 -0.52
N THR J 135 27.06 50.58 -0.23
CA THR J 135 28.06 51.02 -1.20
C THR J 135 28.21 50.03 -2.36
N HIS J 136 28.01 48.74 -2.11
CA HIS J 136 28.02 47.75 -3.19
C HIS J 136 26.77 47.91 -4.04
N ASP J 137 26.94 47.90 -5.36
CA ASP J 137 25.85 48.28 -6.27
C ASP J 137 24.65 47.35 -6.13
N LEU J 138 24.88 46.03 -6.22
CA LEU J 138 23.76 45.09 -6.17
C LEU J 138 22.99 45.20 -4.86
N VAL J 139 23.72 45.16 -3.74
CA VAL J 139 23.08 45.26 -2.43
C VAL J 139 22.41 46.62 -2.28
N ALA J 140 23.03 47.67 -2.82
CA ALA J 140 22.40 48.99 -2.75
C ALA J 140 21.06 49.00 -3.46
N GLU J 141 20.98 48.39 -4.64
CA GLU J 141 19.70 48.30 -5.32
C GLU J 141 18.73 47.40 -4.58
N ALA J 142 19.23 46.50 -3.73
CA ALA J 142 18.32 45.67 -2.96
C ALA J 142 17.85 46.30 -1.65
N ILE J 143 18.65 47.20 -1.07
CA ILE J 143 18.27 47.87 0.17
C ILE J 143 17.31 49.01 -0.15
N GLU J 144 16.11 48.95 0.40
CA GLU J 144 15.14 50.02 0.25
C GLU J 144 15.19 50.96 1.45
N GLU J 145 14.42 52.04 1.37
CA GLU J 145 14.46 53.06 2.42
C GLU J 145 13.99 52.50 3.75
N HIS J 146 12.92 51.68 3.72
CA HIS J 146 12.40 51.13 4.97
C HIS J 146 13.32 50.08 5.59
N ASP J 147 14.30 49.57 4.83
CA ASP J 147 15.28 48.65 5.38
C ASP J 147 16.42 49.38 6.08
N VAL J 148 16.54 50.69 5.88
CA VAL J 148 17.65 51.44 6.47
C VAL J 148 17.61 51.41 8.01
N PRO J 149 16.51 51.76 8.68
CA PRO J 149 16.53 51.71 10.15
C PRO J 149 16.78 50.33 10.73
N ILE J 150 16.29 49.28 10.07
CA ILE J 150 16.56 47.93 10.57
C ILE J 150 18.03 47.59 10.39
N LEU J 151 18.61 47.90 9.22
CA LEU J 151 20.02 47.62 8.99
C LEU J 151 20.92 48.50 9.84
N SER J 152 20.38 49.57 10.44
CA SER J 152 21.15 50.33 11.42
C SER J 152 21.43 49.53 12.69
N TYR J 153 20.76 48.39 12.87
CA TYR J 153 20.94 47.53 14.03
C TYR J 153 21.98 46.43 13.79
N LEU J 154 22.64 46.44 12.64
CA LEU J 154 23.60 45.40 12.29
C LEU J 154 24.88 45.59 13.09
N THR J 155 25.08 44.78 14.12
CA THR J 155 26.31 44.88 14.89
C THR J 155 27.48 44.27 14.13
N ASP J 156 27.26 43.11 13.50
CA ASP J 156 28.30 42.44 12.73
C ASP J 156 27.63 41.54 11.70
N VAL J 157 28.36 41.27 10.62
CA VAL J 157 27.96 40.30 9.60
C VAL J 157 29.11 39.34 9.38
N THR J 158 28.87 38.06 9.59
CA THR J 158 29.90 37.03 9.47
C THR J 158 29.41 35.94 8.52
N THR J 159 30.37 35.24 7.92
CA THR J 159 30.07 34.14 7.02
C THR J 159 31.02 32.98 7.31
N ALA J 160 30.54 31.76 7.06
CA ALA J 160 31.31 30.55 7.29
C ALA J 160 30.80 29.45 6.37
N ALA J 161 31.73 28.58 5.95
CA ALA J 161 31.43 27.52 4.99
C ALA J 161 31.45 26.17 5.69
N SER J 162 30.54 25.29 5.27
CA SER J 162 30.42 23.95 5.82
C SER J 162 30.80 22.91 4.78
N LYS J 163 31.24 21.74 5.27
CA LYS J 163 31.63 20.63 4.42
C LYS J 163 30.57 19.53 4.35
N ASP J 164 30.00 19.15 5.51
CA ASP J 164 29.03 18.05 5.51
C ASP J 164 27.75 18.41 4.77
N PRO J 165 27.06 19.55 5.04
CA PRO J 165 25.98 19.96 4.13
C PRO J 165 26.47 20.65 2.86
N ALA J 166 27.75 20.49 2.53
CA ALA J 166 28.35 21.04 1.31
C ALA J 166 27.86 22.43 0.94
N GLY J 167 28.22 23.45 1.71
CA GLY J 167 27.76 24.79 1.39
C GLY J 167 28.34 25.83 2.32
N PHE J 168 27.62 26.95 2.43
CA PHE J 168 28.05 28.03 3.30
C PHE J 168 26.84 28.81 3.80
N LYS J 169 27.08 29.73 4.74
CA LYS J 169 26.01 30.53 5.31
C LYS J 169 26.50 31.96 5.57
N ILE J 170 25.56 32.89 5.56
CA ILE J 170 25.80 34.29 5.90
C ILE J 170 24.91 34.65 7.08
N GLU J 171 25.52 35.15 8.14
CA GLU J 171 24.80 35.51 9.36
C GLU J 171 24.87 37.02 9.55
N PHE J 172 23.70 37.67 9.58
CA PHE J 172 23.58 39.08 9.90
C PHE J 172 23.22 39.18 11.38
N HIS J 173 24.19 39.59 12.20
CA HIS J 173 23.95 39.74 13.63
C HIS J 173 23.30 41.09 13.88
N PHE J 174 22.04 41.07 14.31
CA PHE J 174 21.29 42.27 14.64
C PHE J 174 21.22 42.46 16.15
N ALA J 175 20.88 43.67 16.56
CA ALA J 175 20.73 44.00 17.97
C ALA J 175 19.26 43.90 18.36
N THR J 176 18.96 44.25 19.61
CA THR J 176 17.59 44.29 20.09
C THR J 176 16.84 45.39 19.34
N ASN J 177 15.92 45.00 18.46
CA ASN J 177 15.25 45.93 17.58
C ASN J 177 13.74 45.82 17.76
N PRO J 178 13.00 46.91 17.52
CA PRO J 178 11.54 46.85 17.68
C PRO J 178 10.81 46.29 16.48
N TYR J 179 11.54 45.61 15.60
CA TYR J 179 10.96 45.02 14.40
C TYR J 179 10.88 43.50 14.45
N PHE J 180 11.90 42.83 14.99
CA PHE J 180 11.81 41.39 15.19
C PHE J 180 12.65 40.99 16.39
N LYS J 181 12.35 39.82 16.93
CA LYS J 181 13.03 39.29 18.10
C LYS J 181 14.24 38.45 17.76
N ASN J 182 14.48 38.18 16.47
CA ASN J 182 15.63 37.38 16.07
C ASN J 182 16.92 38.08 16.46
N GLN J 183 17.78 37.35 17.16
CA GLN J 183 19.09 37.90 17.52
C GLN J 183 20.02 37.94 16.31
N VAL J 184 19.95 36.91 15.47
CA VAL J 184 20.76 36.81 14.27
C VAL J 184 19.87 36.28 13.15
N LEU J 185 19.97 36.88 11.97
CA LEU J 185 19.25 36.40 10.80
C LEU J 185 20.22 35.65 9.90
N THR J 186 19.95 34.37 9.65
CA THR J 186 20.85 33.49 8.95
C THR J 186 20.27 33.10 7.59
N LYS J 187 21.12 33.11 6.56
CA LYS J 187 20.78 32.63 5.24
C LYS J 187 21.79 31.58 4.80
N THR J 188 21.30 30.40 4.45
CA THR J 188 22.18 29.28 4.11
C THR J 188 22.10 28.99 2.62
N TYR J 189 23.24 28.67 2.02
CA TYR J 189 23.34 28.31 0.61
C TYR J 189 23.94 26.92 0.49
N LEU J 190 23.23 26.03 -0.20
CA LEU J 190 23.75 24.71 -0.55
C LEU J 190 24.32 24.80 -1.96
N LEU J 191 25.61 24.50 -2.08
CA LEU J 191 26.35 24.64 -3.32
C LEU J 191 26.86 23.26 -3.74
N GLY J 192 26.92 23.04 -5.05
CA GLY J 192 27.36 21.78 -5.60
C GLY J 192 28.71 21.93 -6.30
N PHE J 193 29.65 21.07 -5.91
CA PHE J 193 30.98 21.08 -6.48
C PHE J 193 31.15 20.02 -7.57
N ASP J 194 30.10 19.27 -7.89
CA ASP J 194 30.21 18.23 -8.91
C ASP J 194 29.57 18.68 -10.22
N PRO J 195 30.14 18.26 -11.35
CA PRO J 195 29.57 18.64 -12.66
C PRO J 195 28.17 18.08 -12.83
N ASP J 196 27.35 18.82 -13.58
CA ASP J 196 26.00 18.35 -13.87
C ASP J 196 26.04 17.12 -14.76
N ALA J 197 25.15 16.17 -14.46
CA ALA J 197 25.11 14.92 -15.23
C ALA J 197 24.53 15.11 -16.62
N GLU J 198 23.62 16.07 -16.81
CA GLU J 198 23.03 16.27 -18.13
C GLU J 198 24.04 16.89 -19.10
N ALA J 199 24.76 17.93 -18.66
CA ALA J 199 25.72 18.65 -19.49
C ALA J 199 27.05 18.76 -18.75
N PRO J 200 27.82 17.68 -18.69
CA PRO J 200 29.07 17.72 -17.91
C PRO J 200 30.08 18.72 -18.43
N LEU J 201 30.10 19.00 -19.73
CA LEU J 201 31.13 19.87 -20.31
C LEU J 201 30.81 21.36 -20.16
N GLN J 202 29.64 21.71 -19.61
CA GLN J 202 29.30 23.09 -19.33
C GLN J 202 29.57 23.45 -17.88
N PHE J 203 30.58 22.81 -17.29
CA PHE J 203 30.96 23.05 -15.89
C PHE J 203 31.97 24.19 -15.86
N ASP J 204 31.67 25.23 -15.08
CA ASP J 204 32.56 26.38 -14.96
C ASP J 204 33.00 26.61 -13.52
N GLY J 205 32.75 25.67 -12.62
CA GLY J 205 33.04 25.86 -11.22
C GLY J 205 31.87 25.47 -10.34
N PRO J 206 31.98 25.73 -9.04
CA PRO J 206 30.89 25.38 -8.12
C PRO J 206 29.59 26.08 -8.51
N HIS J 207 28.51 25.32 -8.58
CA HIS J 207 27.18 25.85 -8.83
C HIS J 207 26.36 25.86 -7.53
N VAL J 208 25.20 26.50 -7.60
CA VAL J 208 24.29 26.58 -6.47
C VAL J 208 23.23 25.50 -6.61
N ILE J 209 23.06 24.70 -5.55
CA ILE J 209 21.98 23.72 -5.52
C ILE J 209 20.70 24.31 -4.96
N ARG J 210 20.76 24.95 -3.79
CA ARG J 210 19.53 25.51 -3.23
C ARG J 210 19.86 26.61 -2.23
N ALA J 211 18.81 27.32 -1.81
CA ALA J 211 18.91 28.40 -0.83
C ALA J 211 17.86 28.22 0.25
N VAL J 212 18.25 28.50 1.50
CA VAL J 212 17.38 28.40 2.66
C VAL J 212 17.41 29.75 3.37
N GLY J 213 16.23 30.35 3.57
CA GLY J 213 16.19 31.65 4.22
C GLY J 213 16.05 31.57 5.73
N ASP J 214 15.26 32.49 6.29
CA ASP J 214 15.02 32.51 7.73
C ASP J 214 13.59 32.97 7.98
N THR J 215 13.15 32.80 9.22
CA THR J 215 11.83 33.24 9.66
C THR J 215 11.99 34.47 10.55
N ILE J 216 11.46 35.59 10.09
CA ILE J 216 11.60 36.86 10.81
C ILE J 216 10.48 36.95 11.84
N GLU J 217 10.84 37.11 13.11
CA GLU J 217 9.88 37.22 14.20
C GLU J 217 9.32 38.65 14.25
N TRP J 218 8.60 39.02 13.19
CA TRP J 218 8.02 40.34 13.13
C TRP J 218 7.07 40.57 14.30
N GLU J 219 7.11 41.78 14.85
CA GLU J 219 6.16 42.17 15.89
C GLU J 219 4.84 42.55 15.25
N ASP J 220 4.01 43.30 15.95
CA ASP J 220 2.67 43.61 15.48
C ASP J 220 2.71 44.96 14.78
N GLY J 221 2.35 44.97 13.50
CA GLY J 221 2.40 46.16 12.69
C GLY J 221 3.78 46.59 12.25
N LYS J 222 4.79 45.74 12.44
CA LYS J 222 6.17 46.07 12.11
C LYS J 222 6.70 45.38 10.86
N ASN J 223 5.90 44.52 10.22
CA ASN J 223 6.33 43.76 9.05
C ASN J 223 6.55 44.68 7.86
N VAL J 224 7.82 44.98 7.56
CA VAL J 224 8.14 45.84 6.42
C VAL J 224 8.11 45.09 5.10
N THR J 225 8.12 43.76 5.11
CA THR J 225 8.07 43.02 3.85
C THR J 225 6.67 43.02 3.26
N LYS J 226 5.65 42.93 4.10
CA LYS J 226 4.27 42.95 3.64
C LYS J 226 3.80 44.37 3.35
N LYS J 227 3.09 44.54 2.23
CA LYS J 227 2.55 45.82 1.81
C LYS J 227 1.01 45.73 1.87
N ALA J 228 0.42 46.49 2.77
CA ALA J 228 -1.03 46.49 2.95
C ALA J 228 -1.71 47.40 1.93
N THR J 244 -6.51 43.70 4.85
CA THR J 244 -6.44 44.09 3.44
C THR J 244 -5.65 43.01 2.69
N LYS J 245 -5.64 43.09 1.36
CA LYS J 245 -4.85 42.16 0.55
C LYS J 245 -3.38 42.49 0.71
N THR J 246 -2.82 42.19 1.88
CA THR J 246 -1.48 42.60 2.22
C THR J 246 -0.45 41.77 1.46
N VAL J 247 -0.09 42.23 0.26
CA VAL J 247 0.90 41.56 -0.58
C VAL J 247 2.30 41.97 -0.13
N LYS J 248 3.32 41.28 -0.64
CA LYS J 248 4.69 41.63 -0.34
C LYS J 248 5.08 42.92 -1.07
N ALA J 249 6.28 43.42 -0.77
CA ALA J 249 6.79 44.62 -1.40
C ALA J 249 8.29 44.50 -1.55
N ASP J 250 8.90 45.51 -2.18
CA ASP J 250 10.34 45.52 -2.38
C ASP J 250 11.04 45.77 -1.05
N SER J 251 11.85 44.82 -0.61
CA SER J 251 12.58 44.95 0.63
C SER J 251 13.84 44.11 0.56
N PHE J 252 14.84 44.50 1.35
CA PHE J 252 16.05 43.69 1.43
C PHE J 252 15.78 42.37 2.15
N PHE J 253 14.84 42.36 3.10
CA PHE J 253 14.59 41.15 3.87
C PHE J 253 13.88 40.07 3.08
N ASN J 254 13.41 40.38 1.87
CA ASN J 254 13.01 39.32 0.95
C ASN J 254 14.19 38.42 0.61
N PHE J 255 15.41 38.88 0.90
CA PHE J 255 16.60 38.03 0.80
C PHE J 255 16.45 36.78 1.68
N PHE J 256 15.67 36.87 2.75
CA PHE J 256 15.42 35.72 3.62
C PHE J 256 14.20 34.94 3.21
N GLU J 257 13.66 35.18 2.01
CA GLU J 257 12.57 34.40 1.44
C GLU J 257 13.04 33.91 0.07
N PRO J 258 13.84 32.84 0.04
CA PRO J 258 14.48 32.43 -1.21
C PRO J 258 13.46 31.85 -2.16
N PRO J 259 13.77 31.83 -3.48
CA PRO J 259 12.89 31.23 -4.48
C PRO J 259 12.80 29.71 -4.36
N ASP J 271 7.47 28.68 -11.92
CA ASP J 271 8.37 27.53 -11.93
C ASP J 271 8.99 27.32 -13.30
N GLU J 272 8.90 28.34 -14.15
CA GLU J 272 9.42 28.28 -15.51
C GLU J 272 10.53 29.27 -15.77
N GLN J 273 10.43 30.49 -15.25
CA GLN J 273 11.44 31.52 -15.41
C GLN J 273 11.88 32.07 -14.06
N ALA J 274 12.11 31.17 -13.11
CA ALA J 274 12.52 31.55 -11.76
C ALA J 274 13.92 31.07 -11.41
N GLU J 275 14.59 30.35 -12.33
CA GLU J 275 15.98 29.97 -12.08
C GLU J 275 16.87 31.19 -11.99
N GLU J 276 16.61 32.20 -12.82
CA GLU J 276 17.36 33.45 -12.74
C GLU J 276 17.14 34.15 -11.40
N PHE J 277 15.94 34.06 -10.82
CA PHE J 277 15.72 34.66 -9.51
C PHE J 277 16.62 34.04 -8.45
N LEU J 278 16.70 32.71 -8.43
CA LEU J 278 17.58 32.03 -7.49
C LEU J 278 19.04 32.34 -7.78
N GLU J 279 19.40 32.43 -9.06
CA GLU J 279 20.78 32.75 -9.42
C GLU J 279 21.15 34.16 -8.97
N LEU J 280 20.24 35.12 -9.12
CA LEU J 280 20.51 36.48 -8.67
C LEU J 280 20.63 36.54 -7.15
N ASP J 281 19.79 35.79 -6.45
CA ASP J 281 19.93 35.69 -4.99
C ASP J 281 21.30 35.13 -4.63
N TYR J 282 21.75 34.11 -5.38
CA TYR J 282 23.08 33.55 -5.17
C TYR J 282 24.18 34.57 -5.47
N GLU J 283 23.99 35.38 -6.51
CA GLU J 283 24.99 36.41 -6.84
C GLU J 283 25.12 37.40 -5.71
N MET J 284 24.00 37.80 -5.13
CA MET J 284 24.03 38.71 -3.98
C MET J 284 24.70 38.05 -2.78
N GLY J 285 24.39 36.78 -2.52
CA GLY J 285 25.04 36.08 -1.44
C GLY J 285 26.55 35.98 -1.62
N GLN J 286 26.99 35.71 -2.85
CA GLN J 286 28.41 35.67 -3.14
C GLN J 286 29.06 37.03 -2.94
N ALA J 287 28.35 38.09 -3.33
CA ALA J 287 28.89 39.43 -3.12
C ALA J 287 29.07 39.73 -1.63
N ILE J 288 28.10 39.34 -0.81
CA ILE J 288 28.24 39.55 0.63
C ILE J 288 29.39 38.72 1.20
N ARG J 289 29.46 37.44 0.80
CA ARG J 289 30.44 36.55 1.42
C ARG J 289 31.87 36.88 1.00
N ASP J 290 32.11 37.05 -0.30
CA ASP J 290 33.46 37.11 -0.82
C ASP J 290 34.00 38.53 -0.96
N THR J 291 33.14 39.53 -1.08
CA THR J 291 33.58 40.89 -1.36
C THR J 291 33.34 41.87 -0.22
N ILE J 292 32.11 41.92 0.31
CA ILE J 292 31.77 42.93 1.31
C ILE J 292 32.34 42.55 2.67
N ILE J 293 32.00 41.36 3.16
CA ILE J 293 32.47 40.94 4.49
C ILE J 293 33.99 40.98 4.62
N PRO J 294 34.77 40.44 3.67
CA PRO J 294 36.23 40.53 3.81
C PRO J 294 36.77 41.95 3.81
N ARG J 295 36.12 42.88 3.12
CA ARG J 295 36.61 44.26 3.01
C ARG J 295 35.51 45.25 3.37
N ALA J 296 34.90 45.06 4.54
CA ALA J 296 33.73 45.84 4.90
C ALA J 296 34.06 47.32 5.01
N VAL J 297 35.18 47.64 5.67
CA VAL J 297 35.54 49.05 5.82
C VAL J 297 35.76 49.68 4.46
N LEU J 298 36.31 48.91 3.50
CA LEU J 298 36.54 49.49 2.18
C LEU J 298 35.22 49.85 1.50
N PHE J 299 34.14 49.13 1.81
CA PHE J 299 32.85 49.57 1.32
C PHE J 299 32.24 50.65 2.21
N TYR J 300 32.52 50.61 3.51
CA TYR J 300 32.03 51.67 4.39
C TYR J 300 32.65 53.00 3.98
N THR J 301 33.97 53.03 3.81
CA THR J 301 34.65 54.24 3.40
C THR J 301 34.33 54.64 1.96
N GLY J 302 33.77 53.73 1.16
CA GLY J 302 33.45 54.03 -0.21
C GLY J 302 34.64 54.12 -1.13
N GLU J 303 35.79 53.56 -0.75
CA GLU J 303 36.97 53.58 -1.59
C GLU J 303 36.97 52.50 -2.66
N LEU J 304 35.95 51.64 -2.68
CA LEU J 304 35.84 50.55 -3.64
C LEU J 304 34.45 50.53 -4.24
N GLN J 305 34.37 50.46 -5.56
CA GLN J 305 33.08 50.33 -6.25
C GLN J 305 33.10 49.13 -7.20
N ARG K 4 -18.26 2.15 -33.92
CA ARG K 4 -19.25 1.42 -33.14
C ARG K 4 -19.90 2.23 -32.04
N SER K 5 -19.09 2.97 -31.27
CA SER K 5 -19.64 3.84 -30.26
C SER K 5 -20.16 5.12 -30.92
N SER K 6 -20.66 6.05 -30.12
CA SER K 6 -21.11 7.31 -30.71
C SER K 6 -19.88 8.12 -31.09
N ARG K 7 -19.16 7.69 -32.12
CA ARG K 7 -17.94 8.34 -32.53
C ARG K 7 -18.18 9.48 -33.51
N ALA K 8 -19.02 9.28 -34.53
CA ALA K 8 -19.40 10.33 -35.48
C ALA K 8 -18.17 11.06 -36.02
N GLY K 9 -17.01 10.39 -35.95
CA GLY K 9 -15.74 10.89 -36.38
C GLY K 9 -15.02 11.75 -35.37
N LEU K 10 -15.59 11.94 -34.19
CA LEU K 10 -14.99 12.74 -33.13
C LEU K 10 -14.45 11.84 -32.02
N GLN K 11 -13.40 12.33 -31.34
CA GLN K 11 -12.75 11.64 -30.24
C GLN K 11 -13.14 12.20 -28.88
N PHE K 12 -14.25 12.92 -28.82
CA PHE K 12 -14.78 13.55 -27.63
C PHE K 12 -15.96 12.76 -27.09
N PRO K 13 -16.30 12.91 -25.81
CA PRO K 13 -17.34 12.07 -25.21
C PRO K 13 -18.75 12.56 -25.52
N VAL K 14 -19.33 12.07 -26.61
CA VAL K 14 -20.70 12.43 -26.95
C VAL K 14 -21.64 12.06 -25.81
N GLY K 15 -21.44 10.89 -25.21
CA GLY K 15 -22.28 10.49 -24.10
C GLY K 15 -22.16 11.42 -22.92
N ARG K 16 -20.92 11.76 -22.54
CA ARG K 16 -20.72 12.66 -21.41
C ARG K 16 -21.27 14.05 -21.71
N VAL K 17 -21.13 14.52 -22.95
CA VAL K 17 -21.70 15.83 -23.31
C VAL K 17 -23.21 15.80 -23.18
N HIS K 18 -23.86 14.73 -23.65
CA HIS K 18 -25.31 14.58 -23.50
C HIS K 18 -25.70 14.60 -22.03
N ARG K 19 -25.03 13.78 -21.21
CA ARG K 19 -25.35 13.70 -19.79
C ARG K 19 -25.17 15.05 -19.10
N LEU K 20 -24.05 15.73 -19.38
CA LEU K 20 -23.80 17.02 -18.76
C LEU K 20 -24.82 18.06 -19.20
N LEU K 21 -25.21 18.02 -20.48
CA LEU K 21 -26.23 18.95 -20.96
C LEU K 21 -27.55 18.74 -20.24
N ARG K 22 -27.95 17.48 -20.05
CA ARG K 22 -29.17 17.22 -19.30
C ARG K 22 -29.05 17.64 -17.84
N LYS K 23 -27.92 17.33 -17.20
CA LYS K 23 -27.75 17.66 -15.79
C LYS K 23 -27.69 19.16 -15.56
N GLY K 24 -27.23 19.93 -16.54
CA GLY K 24 -27.10 21.37 -16.40
C GLY K 24 -28.41 22.12 -16.33
N ASN K 25 -29.54 21.43 -16.55
CA ASN K 25 -30.87 22.04 -16.49
C ASN K 25 -30.98 23.26 -17.39
N TYR K 26 -30.30 23.21 -18.54
CA TYR K 26 -30.44 24.28 -19.52
C TYR K 26 -31.85 24.29 -20.10
N ALA K 27 -32.40 23.11 -20.35
CA ALA K 27 -33.75 22.99 -20.87
C ALA K 27 -34.39 21.73 -20.29
N GLU K 28 -35.53 21.34 -20.84
CA GLU K 28 -36.28 20.18 -20.37
C GLU K 28 -35.91 18.91 -21.12
N ARG K 29 -35.58 19.00 -22.41
CA ARG K 29 -35.19 17.85 -23.21
C ARG K 29 -33.93 18.16 -24.00
N VAL K 30 -33.16 17.11 -24.28
CA VAL K 30 -31.98 17.22 -25.13
C VAL K 30 -32.05 16.09 -26.16
N GLY K 31 -31.99 16.44 -27.44
CA GLY K 31 -31.99 15.46 -28.49
C GLY K 31 -30.65 14.77 -28.58
N ALA K 32 -30.56 13.81 -29.48
CA ALA K 32 -29.29 13.12 -29.70
C ALA K 32 -28.32 13.97 -30.50
N GLY K 33 -28.85 14.85 -31.36
CA GLY K 33 -27.98 15.66 -32.20
C GLY K 33 -27.19 16.70 -31.44
N ALA K 34 -27.77 17.26 -30.38
CA ALA K 34 -27.09 18.33 -29.65
C ALA K 34 -25.79 17.89 -29.01
N PRO K 35 -25.71 16.74 -28.31
CA PRO K 35 -24.40 16.31 -27.81
C PRO K 35 -23.38 16.09 -28.91
N VAL K 36 -23.78 15.50 -30.04
CA VAL K 36 -22.84 15.28 -31.13
C VAL K 36 -22.31 16.61 -31.66
N TYR K 37 -23.21 17.56 -31.90
CA TYR K 37 -22.81 18.87 -32.41
C TYR K 37 -21.91 19.59 -31.42
N LEU K 38 -22.32 19.64 -30.16
CA LEU K 38 -21.54 20.34 -29.14
C LEU K 38 -20.17 19.72 -28.96
N ALA K 39 -20.11 18.39 -28.88
CA ALA K 39 -18.84 17.70 -28.71
C ALA K 39 -17.95 17.87 -29.94
N ALA K 40 -18.53 17.87 -31.14
CA ALA K 40 -17.74 18.12 -32.35
C ALA K 40 -17.14 19.52 -32.33
N VAL K 41 -17.93 20.53 -31.94
CA VAL K 41 -17.42 21.89 -31.89
C VAL K 41 -16.32 22.00 -30.83
N LEU K 42 -16.53 21.38 -29.66
CA LEU K 42 -15.51 21.41 -28.62
C LEU K 42 -14.23 20.72 -29.07
N GLU K 43 -14.36 19.60 -29.79
CA GLU K 43 -13.19 18.93 -30.34
C GLU K 43 -12.48 19.79 -31.37
N TYR K 44 -13.23 20.48 -32.22
CA TYR K 44 -12.62 21.34 -33.22
C TYR K 44 -11.84 22.47 -32.56
N LEU K 45 -12.44 23.12 -31.56
CA LEU K 45 -11.75 24.19 -30.85
C LEU K 45 -10.52 23.65 -30.13
N THR K 46 -10.66 22.49 -29.48
CA THR K 46 -9.52 21.87 -28.81
C THR K 46 -8.41 21.57 -29.80
N ALA K 47 -8.75 21.06 -30.98
CA ALA K 47 -7.75 20.75 -32.00
C ALA K 47 -7.03 22.01 -32.43
N GLU K 48 -7.76 23.11 -32.65
CA GLU K 48 -7.12 24.35 -33.08
C GLU K 48 -6.17 24.88 -32.00
N ILE K 49 -6.62 24.89 -30.74
CA ILE K 49 -5.77 25.39 -29.67
C ILE K 49 -4.52 24.53 -29.51
N LEU K 50 -4.69 23.20 -29.56
CA LEU K 50 -3.53 22.33 -29.42
C LEU K 50 -2.58 22.46 -30.60
N GLU K 51 -3.12 22.63 -31.82
CA GLU K 51 -2.28 22.86 -32.98
C GLU K 51 -1.45 24.13 -32.80
N LEU K 52 -2.08 25.20 -32.28
CA LEU K 52 -1.36 26.45 -32.14
C LEU K 52 -0.17 26.32 -31.20
N ALA K 53 -0.30 25.52 -30.13
CA ALA K 53 0.87 25.23 -29.30
C ALA K 53 1.70 24.14 -29.99
N GLY K 54 1.89 24.29 -31.30
CA GLY K 54 2.65 23.41 -32.16
C GLY K 54 3.95 23.97 -32.67
N ASN K 55 3.88 24.51 -33.89
CA ASN K 55 5.02 25.18 -34.50
C ASN K 55 5.59 26.25 -33.58
N ALA K 56 4.72 27.00 -32.91
CA ALA K 56 5.19 27.97 -31.92
C ALA K 56 5.82 27.26 -30.72
N ALA K 57 5.27 26.11 -30.34
CA ALA K 57 5.91 25.29 -29.31
C ALA K 57 7.31 24.86 -29.74
N ARG K 58 7.46 24.54 -31.02
CA ARG K 58 8.75 24.16 -31.57
C ARG K 58 9.73 25.31 -31.58
N ASP K 59 9.25 26.56 -31.63
CA ASP K 59 10.16 27.71 -31.65
C ASP K 59 11.05 27.77 -30.41
N ASN K 60 10.67 27.06 -29.36
CA ASN K 60 11.48 26.88 -28.16
C ASN K 60 11.69 25.39 -27.93
N LYS K 61 12.34 25.05 -26.81
CA LYS K 61 12.46 23.66 -26.41
C LYS K 61 11.19 23.29 -25.68
N LYS K 62 11.20 22.19 -24.92
CA LYS K 62 10.02 21.75 -24.17
C LYS K 62 8.90 21.35 -25.12
N THR K 63 9.24 20.48 -26.08
CA THR K 63 8.28 19.93 -27.02
C THR K 63 7.58 18.70 -26.47
N ARG K 64 7.75 18.45 -25.17
CA ARG K 64 7.11 17.35 -24.48
C ARG K 64 6.18 17.83 -23.38
N ILE K 65 6.21 19.12 -23.06
CA ILE K 65 5.35 19.74 -22.05
C ILE K 65 4.84 21.06 -22.62
N ILE K 66 4.18 21.87 -21.80
CA ILE K 66 3.45 23.03 -22.33
C ILE K 66 4.42 24.10 -22.83
N PRO K 67 4.11 24.77 -23.95
CA PRO K 67 4.86 25.96 -24.37
C PRO K 67 4.14 27.25 -24.03
N ARG K 68 4.85 28.27 -23.54
CA ARG K 68 4.26 29.60 -23.35
C ARG K 68 2.96 29.58 -22.57
N HIS K 69 2.65 28.43 -21.94
CA HIS K 69 1.39 28.23 -21.23
C HIS K 69 0.19 28.45 -22.14
N LEU K 70 0.37 28.23 -23.44
CA LEU K 70 -0.69 28.29 -24.45
C LEU K 70 -1.14 29.73 -24.73
N GLN K 71 -0.70 30.67 -23.88
CA GLN K 71 -1.15 32.05 -24.00
C GLN K 71 -0.72 32.67 -25.33
N LEU K 72 0.55 32.48 -25.71
CA LEU K 72 1.01 33.02 -26.99
C LEU K 72 0.22 32.43 -28.15
N ALA K 73 -0.05 31.12 -28.09
CA ALA K 73 -0.84 30.48 -29.13
C ALA K 73 -2.24 31.10 -29.23
N VAL K 74 -2.88 31.34 -28.09
CA VAL K 74 -4.21 31.93 -28.10
C VAL K 74 -4.17 33.35 -28.68
N ARG K 75 -3.26 34.18 -28.17
CA ARG K 75 -3.15 35.57 -28.63
C ARG K 75 -2.85 35.63 -30.13
N ASN K 76 -2.01 34.72 -30.62
CA ASN K 76 -1.60 34.76 -32.02
C ASN K 76 -2.78 34.70 -32.96
N ASP K 77 -3.72 33.79 -32.71
CA ASP K 77 -4.93 33.71 -33.51
C ASP K 77 -5.93 34.71 -32.96
N GLU K 78 -6.23 35.76 -33.73
CA GLU K 78 -7.13 36.81 -33.24
C GLU K 78 -8.49 36.23 -32.90
N GLU K 79 -8.98 35.30 -33.73
CA GLU K 79 -10.28 34.68 -33.48
C GLU K 79 -10.27 33.93 -32.15
N LEU K 80 -9.21 33.16 -31.89
CA LEU K 80 -9.11 32.44 -30.63
C LEU K 80 -9.05 33.39 -29.45
N ASN K 81 -8.34 34.52 -29.60
CA ASN K 81 -8.26 35.49 -28.53
C ASN K 81 -9.63 36.13 -28.26
N LYS K 82 -10.40 36.40 -29.32
CA LYS K 82 -11.76 36.89 -29.13
C LYS K 82 -12.63 35.85 -28.44
N LEU K 83 -12.43 34.57 -28.77
CA LEU K 83 -13.18 33.49 -28.14
C LEU K 83 -12.77 33.31 -26.68
N LEU K 84 -11.48 33.46 -26.38
CA LEU K 84 -10.94 33.14 -25.06
C LEU K 84 -10.32 34.39 -24.46
N GLY K 85 -10.91 34.89 -23.38
CA GLY K 85 -10.40 36.08 -22.70
C GLY K 85 -11.07 36.34 -21.36
N LYS L 8 -14.12 22.57 -13.59
CA LYS L 8 -14.92 21.45 -13.08
C LYS L 8 -14.68 20.17 -13.86
N GLU L 9 -15.44 19.98 -14.94
CA GLU L 9 -15.36 18.73 -15.68
C GLU L 9 -13.99 18.57 -16.32
N SER L 10 -13.54 17.32 -16.43
CA SER L 10 -12.21 17.00 -16.94
C SER L 10 -12.36 16.36 -18.32
N TYR L 11 -11.78 17.01 -19.32
CA TYR L 11 -11.70 16.47 -20.68
C TYR L 11 -10.30 15.97 -21.00
N ALA L 12 -9.56 15.56 -19.97
CA ALA L 12 -8.13 15.26 -20.14
C ALA L 12 -7.90 14.14 -21.13
N ILE L 13 -8.67 13.05 -21.00
CA ILE L 13 -8.52 11.92 -21.91
C ILE L 13 -8.77 12.37 -23.34
N TYR L 14 -9.87 13.09 -23.54
CA TYR L 14 -10.27 13.53 -24.88
C TYR L 14 -9.36 14.63 -25.40
N VAL L 15 -8.96 15.57 -24.54
CA VAL L 15 -8.06 16.63 -24.98
C VAL L 15 -6.73 16.04 -25.44
N TYR L 16 -6.20 15.05 -24.71
CA TYR L 16 -4.96 14.44 -25.13
C TYR L 16 -5.13 13.56 -26.38
N LYS L 17 -6.27 12.89 -26.52
CA LYS L 17 -6.55 12.18 -27.77
C LYS L 17 -6.49 13.15 -28.95
N VAL L 18 -7.15 14.30 -28.81
CA VAL L 18 -7.11 15.32 -29.85
C VAL L 18 -5.69 15.83 -30.06
N LEU L 19 -4.92 15.92 -28.98
CA LEU L 19 -3.53 16.39 -29.09
C LEU L 19 -2.69 15.42 -29.89
N LYS L 20 -2.80 14.13 -29.59
CA LYS L 20 -2.06 13.12 -30.35
C LYS L 20 -2.54 13.08 -31.80
N GLN L 21 -3.82 13.40 -32.03
CA GLN L 21 -4.32 13.51 -33.40
C GLN L 21 -3.68 14.69 -34.12
N VAL L 22 -3.59 15.83 -33.45
CA VAL L 22 -3.09 17.07 -34.07
C VAL L 22 -1.58 17.18 -33.96
N HIS L 23 -1.00 16.74 -32.84
CA HIS L 23 0.44 16.82 -32.59
C HIS L 23 0.95 15.40 -32.36
N PRO L 24 1.79 14.86 -33.26
CA PRO L 24 2.15 13.44 -33.18
C PRO L 24 2.63 13.02 -31.80
N ASP L 25 3.67 13.68 -31.28
CA ASP L 25 4.23 13.25 -30.01
C ASP L 25 4.51 14.42 -29.04
N THR L 26 3.92 15.58 -29.27
CA THR L 26 4.07 16.68 -28.32
C THR L 26 3.20 16.43 -27.09
N GLY L 27 3.56 17.07 -25.97
CA GLY L 27 2.85 16.87 -24.73
C GLY L 27 2.56 18.17 -24.01
N ILE L 28 1.77 18.04 -22.95
CA ILE L 28 1.31 19.17 -22.14
C ILE L 28 1.47 18.80 -20.68
N SER L 29 1.76 19.79 -19.84
CA SER L 29 1.94 19.56 -18.42
C SER L 29 0.60 19.17 -17.77
N SER L 30 0.66 18.89 -16.46
CA SER L 30 -0.54 18.49 -15.75
C SER L 30 -1.39 19.68 -15.30
N LYS L 31 -0.76 20.81 -15.01
CA LYS L 31 -1.48 22.03 -14.64
C LYS L 31 -1.88 22.88 -15.84
N ALA L 32 -0.99 22.99 -16.84
CA ALA L 32 -1.30 23.80 -18.01
C ALA L 32 -2.53 23.28 -18.76
N MET L 33 -2.64 21.96 -18.93
CA MET L 33 -3.80 21.41 -19.63
C MET L 33 -5.10 21.65 -18.88
N SER L 34 -5.02 21.92 -17.57
CA SER L 34 -6.20 22.33 -16.82
C SER L 34 -6.79 23.62 -17.38
N ILE L 35 -5.94 24.54 -17.86
CA ILE L 35 -6.48 25.74 -18.50
C ILE L 35 -7.24 25.35 -19.77
N MET L 36 -6.78 24.33 -20.48
CA MET L 36 -7.55 23.84 -21.63
C MET L 36 -8.90 23.32 -21.18
N ASN L 37 -8.93 22.61 -20.06
CA ASN L 37 -10.21 22.14 -19.51
C ASN L 37 -11.12 23.31 -19.18
N SER L 38 -10.55 24.37 -18.59
CA SER L 38 -11.35 25.56 -18.28
C SER L 38 -11.88 26.21 -19.56
N PHE L 39 -11.07 26.26 -20.60
CA PHE L 39 -11.51 26.78 -21.90
C PHE L 39 -12.70 25.99 -22.42
N VAL L 40 -12.56 24.66 -22.44
CA VAL L 40 -13.62 23.80 -22.96
C VAL L 40 -14.89 23.98 -22.15
N ASN L 41 -14.75 24.03 -20.82
CA ASN L 41 -15.92 24.22 -19.96
C ASN L 41 -16.58 25.56 -20.19
N ASP L 42 -15.79 26.62 -20.38
CA ASP L 42 -16.37 27.94 -20.63
C ASP L 42 -17.15 27.95 -21.93
N VAL L 43 -16.57 27.39 -23.00
CA VAL L 43 -17.30 27.34 -24.26
C VAL L 43 -18.56 26.50 -24.11
N PHE L 44 -18.48 25.40 -23.37
CA PHE L 44 -19.66 24.59 -23.09
C PHE L 44 -20.75 25.42 -22.43
N GLU L 45 -20.40 26.15 -21.37
CA GLU L 45 -21.39 26.94 -20.64
C GLU L 45 -22.01 28.00 -21.53
N ARG L 46 -21.19 28.71 -22.30
CA ARG L 46 -21.71 29.79 -23.14
C ARG L 46 -22.65 29.24 -24.22
N ILE L 47 -22.22 28.21 -24.94
CA ILE L 47 -23.04 27.65 -26.01
C ILE L 47 -24.33 27.05 -25.44
N ALA L 48 -24.22 26.35 -24.31
CA ALA L 48 -25.40 25.73 -23.71
C ALA L 48 -26.36 26.77 -23.16
N GLY L 49 -25.85 27.84 -22.54
CA GLY L 49 -26.73 28.89 -22.06
C GLY L 49 -27.47 29.58 -23.17
N GLU L 50 -26.76 29.90 -24.27
CA GLU L 50 -27.44 30.50 -25.41
C GLU L 50 -28.47 29.55 -26.01
N ALA L 51 -28.14 28.25 -26.09
CA ALA L 51 -29.10 27.27 -26.57
C ALA L 51 -30.33 27.19 -25.67
N SER L 52 -30.12 27.26 -24.36
CA SER L 52 -31.22 27.24 -23.40
C SER L 52 -32.12 28.45 -23.60
N ARG L 53 -31.54 29.64 -23.76
CA ARG L 53 -32.35 30.83 -23.97
C ARG L 53 -33.14 30.74 -25.27
N LEU L 54 -32.51 30.29 -26.35
CA LEU L 54 -33.25 30.17 -27.61
C LEU L 54 -34.27 29.05 -27.60
N ALA L 55 -34.09 28.04 -26.74
CA ALA L 55 -35.09 26.99 -26.62
C ALA L 55 -36.24 27.39 -25.72
N HIS L 56 -36.02 28.38 -24.84
CA HIS L 56 -37.13 28.97 -24.11
C HIS L 56 -38.17 29.59 -25.04
N TYR L 57 -37.76 29.96 -26.27
CA TYR L 57 -38.70 30.48 -27.25
C TYR L 57 -39.51 29.38 -27.93
N ASN L 58 -39.50 28.17 -27.36
CA ASN L 58 -40.34 27.07 -27.78
C ASN L 58 -40.98 26.50 -26.52
N LYS L 59 -42.00 25.66 -26.69
CA LYS L 59 -42.72 25.17 -25.53
C LYS L 59 -42.25 23.80 -25.07
N ARG L 60 -41.50 23.07 -25.89
CA ARG L 60 -41.00 21.77 -25.46
C ARG L 60 -39.59 21.83 -24.89
N SER L 61 -39.06 23.03 -24.69
CA SER L 61 -37.78 23.26 -23.98
C SER L 61 -36.76 22.19 -24.33
N THR L 62 -36.50 22.07 -25.64
CA THR L 62 -35.57 21.09 -26.16
C THR L 62 -34.39 21.78 -26.81
N ILE L 63 -33.20 21.25 -26.55
CA ILE L 63 -31.97 21.75 -27.15
C ILE L 63 -31.54 20.72 -28.18
N THR L 64 -31.60 21.10 -29.45
CA THR L 64 -31.24 20.23 -30.57
C THR L 64 -30.10 20.88 -31.35
N SER L 65 -29.79 20.29 -32.51
CA SER L 65 -28.71 20.82 -33.34
C SER L 65 -28.99 22.27 -33.75
N ARG L 66 -30.25 22.65 -33.88
CA ARG L 66 -30.57 24.03 -34.25
C ARG L 66 -30.10 25.02 -33.18
N GLU L 67 -30.45 24.76 -31.92
CA GLU L 67 -30.09 25.67 -30.84
C GLU L 67 -28.58 25.76 -30.67
N ILE L 68 -27.90 24.61 -30.71
CA ILE L 68 -26.44 24.60 -30.59
C ILE L 68 -25.81 25.37 -31.75
N GLN L 69 -26.33 25.16 -32.96
CA GLN L 69 -25.80 25.85 -34.14
C GLN L 69 -25.96 27.36 -34.01
N THR L 70 -27.16 27.80 -33.64
CA THR L 70 -27.40 29.24 -33.50
C THR L 70 -26.50 29.84 -32.43
N ALA L 71 -26.35 29.14 -31.30
CA ALA L 71 -25.45 29.61 -30.26
C ALA L 71 -24.02 29.72 -30.77
N VAL L 72 -23.58 28.72 -31.55
CA VAL L 72 -22.23 28.74 -32.11
C VAL L 72 -22.04 29.95 -33.02
N ARG L 73 -23.02 30.22 -33.88
CA ARG L 73 -22.89 31.37 -34.77
C ARG L 73 -22.83 32.69 -33.99
N LEU L 74 -23.69 32.84 -32.98
CA LEU L 74 -23.66 34.09 -32.23
C LEU L 74 -22.51 34.19 -31.24
N LEU L 75 -21.80 33.10 -30.96
CA LEU L 75 -20.71 33.12 -29.99
C LEU L 75 -19.34 32.94 -30.62
N LEU L 76 -19.15 31.92 -31.43
CA LEU L 76 -17.83 31.69 -32.01
C LEU L 76 -17.51 32.79 -33.02
N PRO L 77 -16.33 33.40 -32.94
CA PRO L 77 -16.01 34.55 -33.81
C PRO L 77 -15.56 34.13 -35.19
N GLY L 78 -16.28 34.60 -36.20
CA GLY L 78 -15.81 34.54 -37.58
C GLY L 78 -15.57 33.13 -38.09
N GLU L 79 -14.38 32.93 -38.66
CA GLU L 79 -14.06 31.68 -39.36
C GLU L 79 -14.29 30.46 -38.47
N LEU L 80 -13.89 30.55 -37.21
CA LEU L 80 -14.09 29.43 -36.29
C LEU L 80 -15.53 28.94 -36.34
N ALA L 81 -16.48 29.87 -36.23
CA ALA L 81 -17.89 29.49 -36.23
C ALA L 81 -18.23 28.70 -37.49
N LYS L 82 -17.81 29.21 -38.65
CA LYS L 82 -18.08 28.48 -39.89
C LYS L 82 -17.53 27.06 -39.80
N HIS L 83 -16.24 26.94 -39.46
CA HIS L 83 -15.67 25.61 -39.35
C HIS L 83 -16.39 24.81 -38.28
N ALA L 84 -16.71 25.46 -37.16
CA ALA L 84 -17.45 24.77 -36.11
C ALA L 84 -18.74 24.21 -36.66
N VAL L 85 -19.49 25.04 -37.39
CA VAL L 85 -20.75 24.57 -37.95
C VAL L 85 -20.50 23.37 -38.83
N SER L 86 -19.47 23.46 -39.69
CA SER L 86 -19.14 22.33 -40.55
C SER L 86 -18.90 21.09 -39.71
N GLU L 87 -18.01 21.20 -38.73
CA GLU L 87 -17.67 20.00 -37.96
C GLU L 87 -18.87 19.53 -37.17
N GLY L 88 -19.73 20.45 -36.73
CA GLY L 88 -20.96 20.03 -36.09
C GLY L 88 -21.87 19.30 -37.07
N THR L 89 -22.16 19.94 -38.21
CA THR L 89 -23.13 19.35 -39.14
C THR L 89 -22.63 18.02 -39.66
N LYS L 90 -21.37 17.97 -40.09
CA LYS L 90 -20.79 16.73 -40.56
C LYS L 90 -20.96 15.65 -39.51
N ALA L 91 -20.67 15.99 -38.26
CA ALA L 91 -20.73 14.97 -37.21
C ALA L 91 -22.15 14.45 -37.07
N VAL L 92 -23.14 15.36 -37.08
CA VAL L 92 -24.51 14.91 -36.94
C VAL L 92 -24.86 13.98 -38.10
N THR L 93 -24.44 14.34 -39.31
CA THR L 93 -24.68 13.46 -40.45
C THR L 93 -24.03 12.10 -40.22
N LYS L 94 -22.77 12.10 -39.81
CA LYS L 94 -22.09 10.83 -39.56
C LYS L 94 -22.79 10.07 -38.44
N TYR L 95 -23.33 10.80 -37.46
CA TYR L 95 -24.06 10.14 -36.39
C TYR L 95 -25.35 9.50 -36.90
N THR L 96 -26.00 10.13 -37.88
CA THR L 96 -27.24 9.57 -38.42
C THR L 96 -26.99 8.47 -39.45
N SER L 97 -25.91 8.59 -40.22
CA SER L 97 -25.55 7.63 -41.26
C SER L 97 -26.70 7.38 -42.23
#